data_2SXL
# 
_entry.id   2SXL 
# 
_audit_conform.dict_name       mmcif_pdbx.dic 
_audit_conform.dict_version    5.392 
_audit_conform.dict_location   http://mmcif.pdb.org/dictionaries/ascii/mmcif_pdbx.dic 
# 
loop_
_database_2.database_id 
_database_2.database_code 
_database_2.pdbx_database_accession 
_database_2.pdbx_DOI 
PDB   2SXL         pdb_00002sxl 10.2210/pdb2sxl/pdb 
WWPDB D_1000178658 ?            ?                   
# 
loop_
_pdbx_audit_revision_history.ordinal 
_pdbx_audit_revision_history.data_content_type 
_pdbx_audit_revision_history.major_revision 
_pdbx_audit_revision_history.minor_revision 
_pdbx_audit_revision_history.revision_date 
1 'Structure model' 1 0 1998-07-22 
2 'Structure model' 1 1 2008-03-25 
3 'Structure model' 1 2 2011-07-13 
4 'Structure model' 1 3 2021-11-03 
5 'Structure model' 1 4 2024-05-22 
# 
_pdbx_audit_revision_details.ordinal             1 
_pdbx_audit_revision_details.revision_ordinal    1 
_pdbx_audit_revision_details.data_content_type   'Structure model' 
_pdbx_audit_revision_details.provider            repository 
_pdbx_audit_revision_details.type                'Initial release' 
_pdbx_audit_revision_details.description         ? 
_pdbx_audit_revision_details.details             ? 
# 
loop_
_pdbx_audit_revision_group.ordinal 
_pdbx_audit_revision_group.revision_ordinal 
_pdbx_audit_revision_group.data_content_type 
_pdbx_audit_revision_group.group 
1 2 'Structure model' 'Version format compliance' 
2 3 'Structure model' 'Version format compliance' 
3 4 'Structure model' 'Database references'       
4 4 'Structure model' 'Derived calculations'      
5 4 'Structure model' Other                       
6 5 'Structure model' 'Data collection'           
# 
loop_
_pdbx_audit_revision_category.ordinal 
_pdbx_audit_revision_category.revision_ordinal 
_pdbx_audit_revision_category.data_content_type 
_pdbx_audit_revision_category.category 
1 4 'Structure model' database_2            
2 4 'Structure model' pdbx_database_status  
3 4 'Structure model' pdbx_struct_assembly  
4 4 'Structure model' pdbx_struct_oper_list 
5 4 'Structure model' struct_ref_seq_dif    
6 5 'Structure model' chem_comp_atom        
7 5 'Structure model' chem_comp_bond        
# 
loop_
_pdbx_audit_revision_item.ordinal 
_pdbx_audit_revision_item.revision_ordinal 
_pdbx_audit_revision_item.data_content_type 
_pdbx_audit_revision_item.item 
1 4 'Structure model' '_database_2.pdbx_DOI'                
2 4 'Structure model' '_database_2.pdbx_database_accession' 
3 4 'Structure model' '_pdbx_database_status.process_site'  
4 4 'Structure model' '_struct_ref_seq_dif.details'         
# 
_pdbx_database_status.status_code                     REL 
_pdbx_database_status.entry_id                        2SXL 
_pdbx_database_status.recvd_initial_deposition_date   1997-07-16 
_pdbx_database_status.deposit_site                    ? 
_pdbx_database_status.process_site                    BNL 
_pdbx_database_status.SG_entry                        Y 
_pdbx_database_status.status_code_sf                  ? 
_pdbx_database_status.status_code_mr                  REL 
_pdbx_database_status.pdb_format_compatible           Y 
_pdbx_database_status.status_code_cs                  ? 
_pdbx_database_status.status_code_nmr_data            ? 
_pdbx_database_status.methods_development_category    ? 
# 
_pdbx_database_related.db_name        TargetDB 
_pdbx_database_related.db_id          my_001000017.1 
_pdbx_database_related.details        . 
_pdbx_database_related.content_type   unspecified 
# 
loop_
_audit_author.name 
_audit_author.pdbx_ordinal 
'Inoue, M.'                                              1 
'Muto, Y.'                                               2 
'Sakamoto, H.'                                           3 
'Kigawa, T.'                                             4 
'Takio, K.'                                              5 
'Shimura, Y.'                                            6 
'Yokoyama, S.'                                           7 
'RIKEN Structural Genomics/Proteomics Initiative (RSGI)' 8 
# 
loop_
_citation.id 
_citation.title 
_citation.journal_abbrev 
_citation.journal_volume 
_citation.page_first 
_citation.page_last 
_citation.year 
_citation.journal_id_ASTM 
_citation.country 
_citation.journal_id_ISSN 
_citation.journal_id_CSD 
_citation.book_publisher 
_citation.pdbx_database_id_PubMed 
_citation.pdbx_database_id_DOI 
primary 
;A characteristic arrangement of aromatic amino acid residues in the solution structure of the amino-terminal RNA-binding domain of Drosophila sex-lethal.
;
J.Mol.Biol.  272 82    94 1997 JMOBAK UK 0022-2836 0070 ? 9299339 10.1006/jmbi.1997.1213 
1       
'Crystal Structure at 1.92 A Resolution of the RNA-Binding Domain of the U1A Spliceosomal Protein Complexed with an RNA Hairpin' 
Nature       372 432   ?  1994 NATUAS UK 0028-0836 0006 ? ?       ?                      
2       
;Resonance Assignments and Solution Structure of the Second RNA-Binding Domain of Sex-Lethal Determined by Multidimensional Heteronuclear Magnetic Resonance
;
Biochemistry 33  13775 ?  1994 BICHAW US 0006-2960 0033 ? ?       ?                      
3       
;Determination of the Secondary Structure and Folding Topology of an RNA Binding Domain of Mammalian Hnrnp A1 Protein Using Three-Dimensional Heteronuclear Magnetic Resonance Spectroscopy
;
Biochemistry 33  2852  ?  1994 BICHAW US 0006-2960 0033 ? ?       ?                      
4       '1H, 13C, and 15N NMR Assignments and Global Folding Pattern of the RNA-Binding Domain of the Human Hnrnp C Proteins' 
Biochemistry 31  6254  ?  1992 BICHAW US 0006-2960 0033 ? ?       ?                      
5       'Crystal Structure of the RNA-Binding Domain of the U1 Small Nuclear Ribonucleoprotein A' Nature       348 515   ?  1990 
NATUAS UK 0028-0836 0006 ? ?       ?                      
# 
loop_
_citation_author.citation_id 
_citation_author.name 
_citation_author.ordinal 
_citation_author.identifier_ORCID 
primary 'Inoue, M.'        1  ? 
primary 'Muto, Y.'         2  ? 
primary 'Sakamoto, H.'     3  ? 
primary 'Kigawa, T.'       4  ? 
primary 'Takio, K.'        5  ? 
primary 'Shimura, Y.'      6  ? 
primary 'Yokoyama, S.'     7  ? 
1       'Oubridge, C.'     8  ? 
1       'Ito, N.'          9  ? 
1       'Evans, P.R.'      10 ? 
1       'Teo, C.H.'        11 ? 
1       'Nagai, K.'        12 ? 
2       'Lee, A.L.'        13 ? 
2       'Kanaar, R.'       14 ? 
2       'Rio, D.C.'        15 ? 
2       'Wemmer, D.E.'     16 ? 
3       'Garrett, D.S.'    17 ? 
3       'Lodi, P.J.'       18 ? 
3       'Shamoo, Y.'       19 ? 
3       'Williams, K.R.'   20 ? 
3       'Clore, G.M.'      21 ? 
3       'Gronenborn, A.M.' 22 ? 
4       'Wittekind, M.'    23 ? 
4       'Gorlach, M.'      24 ? 
4       'Friedrichs, M.'   25 ? 
4       'Dreyfuss, G.'     26 ? 
4       'Mueller, L.'      27 ? 
5       'Nagai, K.'        28 ? 
5       'Oubridge, C.'     29 ? 
5       'Jessen, T.H.'     30 ? 
5       'Li, J.'           31 ? 
5       'Evans, P.R.'      32 ? 
# 
_entity.id                         1 
_entity.type                       polymer 
_entity.src_method                 man 
_entity.pdbx_description           'SEX-LETHAL PROTEIN' 
_entity.formula_weight             10061.507 
_entity.pdbx_number_of_molecules   1 
_entity.pdbx_ec                    ? 
_entity.pdbx_mutation              F166Y 
_entity.pdbx_fragment              'RNA-BINDING DOMAIN 1 (RBD1), RESIDUES 122 - 209' 
_entity.details                    ? 
# 
_entity_poly.entity_id                      1 
_entity_poly.type                           'polypeptide(L)' 
_entity_poly.nstd_linkage                   no 
_entity_poly.nstd_monomer                   no 
_entity_poly.pdbx_seq_one_letter_code       
;ASNTNLIVNYLPQDMTDRELYALFRAIGPINTCRIMRDYKTGYSYGYAFVDFTSEMDSQRAIKVLNGITVRNKRLKVSYA
RPGGESIK
;
_entity_poly.pdbx_seq_one_letter_code_can   
;ASNTNLIVNYLPQDMTDRELYALFRAIGPINTCRIMRDYKTGYSYGYAFVDFTSEMDSQRAIKVLNGITVRNKRLKVSYA
RPGGESIK
;
_entity_poly.pdbx_strand_id                 A 
_entity_poly.pdbx_target_identifier         my_001000017.1 
# 
loop_
_entity_poly_seq.entity_id 
_entity_poly_seq.num 
_entity_poly_seq.mon_id 
_entity_poly_seq.hetero 
1 1  ALA n 
1 2  SER n 
1 3  ASN n 
1 4  THR n 
1 5  ASN n 
1 6  LEU n 
1 7  ILE n 
1 8  VAL n 
1 9  ASN n 
1 10 TYR n 
1 11 LEU n 
1 12 PRO n 
1 13 GLN n 
1 14 ASP n 
1 15 MET n 
1 16 THR n 
1 17 ASP n 
1 18 ARG n 
1 19 GLU n 
1 20 LEU n 
1 21 TYR n 
1 22 ALA n 
1 23 LEU n 
1 24 PHE n 
1 25 ARG n 
1 26 ALA n 
1 27 ILE n 
1 28 GLY n 
1 29 PRO n 
1 30 ILE n 
1 31 ASN n 
1 32 THR n 
1 33 CYS n 
1 34 ARG n 
1 35 ILE n 
1 36 MET n 
1 37 ARG n 
1 38 ASP n 
1 39 TYR n 
1 40 LYS n 
1 41 THR n 
1 42 GLY n 
1 43 TYR n 
1 44 SER n 
1 45 TYR n 
1 46 GLY n 
1 47 TYR n 
1 48 ALA n 
1 49 PHE n 
1 50 VAL n 
1 51 ASP n 
1 52 PHE n 
1 53 THR n 
1 54 SER n 
1 55 GLU n 
1 56 MET n 
1 57 ASP n 
1 58 SER n 
1 59 GLN n 
1 60 ARG n 
1 61 ALA n 
1 62 ILE n 
1 63 LYS n 
1 64 VAL n 
1 65 LEU n 
1 66 ASN n 
1 67 GLY n 
1 68 ILE n 
1 69 THR n 
1 70 VAL n 
1 71 ARG n 
1 72 ASN n 
1 73 LYS n 
1 74 ARG n 
1 75 LEU n 
1 76 LYS n 
1 77 VAL n 
1 78 SER n 
1 79 TYR n 
1 80 ALA n 
1 81 ARG n 
1 82 PRO n 
1 83 GLY n 
1 84 GLY n 
1 85 GLU n 
1 86 SER n 
1 87 ILE n 
1 88 LYS n 
# 
_entity_src_gen.entity_id                          1 
_entity_src_gen.pdbx_src_id                        1 
_entity_src_gen.pdbx_alt_source_flag               sample 
_entity_src_gen.pdbx_seq_type                      ? 
_entity_src_gen.pdbx_beg_seq_num                   ? 
_entity_src_gen.pdbx_end_seq_num                   ? 
_entity_src_gen.gene_src_common_name               'fruit fly' 
_entity_src_gen.gene_src_genus                     Drosophila 
_entity_src_gen.pdbx_gene_src_gene                 SEX-LETHAL 
_entity_src_gen.gene_src_species                   ? 
_entity_src_gen.gene_src_strain                    ? 
_entity_src_gen.gene_src_tissue                    ? 
_entity_src_gen.gene_src_tissue_fraction           ? 
_entity_src_gen.gene_src_details                   ? 
_entity_src_gen.pdbx_gene_src_fragment             ? 
_entity_src_gen.pdbx_gene_src_scientific_name      'Drosophila melanogaster' 
_entity_src_gen.pdbx_gene_src_ncbi_taxonomy_id     7227 
_entity_src_gen.pdbx_gene_src_variant              ? 
_entity_src_gen.pdbx_gene_src_cell_line            BL21 
_entity_src_gen.pdbx_gene_src_atcc                 ? 
_entity_src_gen.pdbx_gene_src_organ                FRUIT 
_entity_src_gen.pdbx_gene_src_organelle            ? 
_entity_src_gen.pdbx_gene_src_cell                 ? 
_entity_src_gen.pdbx_gene_src_cellular_location    ? 
_entity_src_gen.host_org_common_name               ? 
_entity_src_gen.pdbx_host_org_scientific_name      'Escherichia coli BL21(DE3)' 
_entity_src_gen.pdbx_host_org_ncbi_taxonomy_id     469008 
_entity_src_gen.host_org_genus                     Escherichia 
_entity_src_gen.pdbx_host_org_gene                 ? 
_entity_src_gen.pdbx_host_org_organ                ? 
_entity_src_gen.host_org_species                   'Escherichia coli' 
_entity_src_gen.pdbx_host_org_tissue               ? 
_entity_src_gen.pdbx_host_org_tissue_fraction      ? 
_entity_src_gen.pdbx_host_org_strain               'BL21 (DE3)' 
_entity_src_gen.pdbx_host_org_variant              ? 
_entity_src_gen.pdbx_host_org_cell_line            ? 
_entity_src_gen.pdbx_host_org_atcc                 ? 
_entity_src_gen.pdbx_host_org_culture_collection   ? 
_entity_src_gen.pdbx_host_org_cell                 ? 
_entity_src_gen.pdbx_host_org_organelle            ? 
_entity_src_gen.pdbx_host_org_cellular_location    ? 
_entity_src_gen.pdbx_host_org_vector_type          PLASMID 
_entity_src_gen.pdbx_host_org_vector               ? 
_entity_src_gen.host_org_details                   ? 
_entity_src_gen.expression_system_id               ? 
_entity_src_gen.plasmid_name                       PK7 
_entity_src_gen.plasmid_details                    ? 
_entity_src_gen.pdbx_description                   ? 
# 
loop_
_chem_comp.id 
_chem_comp.type 
_chem_comp.mon_nstd_flag 
_chem_comp.name 
_chem_comp.pdbx_synonyms 
_chem_comp.formula 
_chem_comp.formula_weight 
ALA 'L-peptide linking' y ALANINE         ? 'C3 H7 N O2'     89.093  
ARG 'L-peptide linking' y ARGININE        ? 'C6 H15 N4 O2 1' 175.209 
ASN 'L-peptide linking' y ASPARAGINE      ? 'C4 H8 N2 O3'    132.118 
ASP 'L-peptide linking' y 'ASPARTIC ACID' ? 'C4 H7 N O4'     133.103 
CYS 'L-peptide linking' y CYSTEINE        ? 'C3 H7 N O2 S'   121.158 
GLN 'L-peptide linking' y GLUTAMINE       ? 'C5 H10 N2 O3'   146.144 
GLU 'L-peptide linking' y 'GLUTAMIC ACID' ? 'C5 H9 N O4'     147.129 
GLY 'peptide linking'   y GLYCINE         ? 'C2 H5 N O2'     75.067  
ILE 'L-peptide linking' y ISOLEUCINE      ? 'C6 H13 N O2'    131.173 
LEU 'L-peptide linking' y LEUCINE         ? 'C6 H13 N O2'    131.173 
LYS 'L-peptide linking' y LYSINE          ? 'C6 H15 N2 O2 1' 147.195 
MET 'L-peptide linking' y METHIONINE      ? 'C5 H11 N O2 S'  149.211 
PHE 'L-peptide linking' y PHENYLALANINE   ? 'C9 H11 N O2'    165.189 
PRO 'L-peptide linking' y PROLINE         ? 'C5 H9 N O2'     115.130 
SER 'L-peptide linking' y SERINE          ? 'C3 H7 N O3'     105.093 
THR 'L-peptide linking' y THREONINE       ? 'C4 H9 N O3'     119.119 
TYR 'L-peptide linking' y TYROSINE        ? 'C9 H11 N O3'    181.189 
VAL 'L-peptide linking' y VALINE          ? 'C5 H11 N O2'    117.146 
# 
loop_
_pdbx_poly_seq_scheme.asym_id 
_pdbx_poly_seq_scheme.entity_id 
_pdbx_poly_seq_scheme.seq_id 
_pdbx_poly_seq_scheme.mon_id 
_pdbx_poly_seq_scheme.ndb_seq_num 
_pdbx_poly_seq_scheme.pdb_seq_num 
_pdbx_poly_seq_scheme.auth_seq_num 
_pdbx_poly_seq_scheme.pdb_mon_id 
_pdbx_poly_seq_scheme.auth_mon_id 
_pdbx_poly_seq_scheme.pdb_strand_id 
_pdbx_poly_seq_scheme.pdb_ins_code 
_pdbx_poly_seq_scheme.hetero 
A 1 1  ALA 1  1  1  ALA ALA A . n 
A 1 2  SER 2  2  2  SER SER A . n 
A 1 3  ASN 3  3  3  ASN ASN A . n 
A 1 4  THR 4  4  4  THR THR A . n 
A 1 5  ASN 5  5  5  ASN ASN A . n 
A 1 6  LEU 6  6  6  LEU LEU A . n 
A 1 7  ILE 7  7  7  ILE ILE A . n 
A 1 8  VAL 8  8  8  VAL VAL A . n 
A 1 9  ASN 9  9  9  ASN ASN A . n 
A 1 10 TYR 10 10 10 TYR TYR A . n 
A 1 11 LEU 11 11 11 LEU LEU A . n 
A 1 12 PRO 12 12 12 PRO PRO A . n 
A 1 13 GLN 13 13 13 GLN GLN A . n 
A 1 14 ASP 14 14 14 ASP ASP A . n 
A 1 15 MET 15 15 15 MET MET A . n 
A 1 16 THR 16 16 16 THR THR A . n 
A 1 17 ASP 17 17 17 ASP ASP A . n 
A 1 18 ARG 18 18 18 ARG ARG A . n 
A 1 19 GLU 19 19 19 GLU GLU A . n 
A 1 20 LEU 20 20 20 LEU LEU A . n 
A 1 21 TYR 21 21 21 TYR TYR A . n 
A 1 22 ALA 22 22 22 ALA ALA A . n 
A 1 23 LEU 23 23 23 LEU LEU A . n 
A 1 24 PHE 24 24 24 PHE PHE A . n 
A 1 25 ARG 25 25 25 ARG ARG A . n 
A 1 26 ALA 26 26 26 ALA ALA A . n 
A 1 27 ILE 27 27 27 ILE ILE A . n 
A 1 28 GLY 28 28 28 GLY GLY A . n 
A 1 29 PRO 29 29 29 PRO PRO A . n 
A 1 30 ILE 30 30 30 ILE ILE A . n 
A 1 31 ASN 31 31 31 ASN ASN A . n 
A 1 32 THR 32 32 32 THR THR A . n 
A 1 33 CYS 33 33 33 CYS CYS A . n 
A 1 34 ARG 34 34 34 ARG ARG A . n 
A 1 35 ILE 35 35 35 ILE ILE A . n 
A 1 36 MET 36 36 36 MET MET A . n 
A 1 37 ARG 37 37 37 ARG ARG A . n 
A 1 38 ASP 38 38 38 ASP ASP A . n 
A 1 39 TYR 39 39 39 TYR TYR A . n 
A 1 40 LYS 40 40 40 LYS LYS A . n 
A 1 41 THR 41 41 41 THR THR A . n 
A 1 42 GLY 42 42 42 GLY GLY A . n 
A 1 43 TYR 43 43 43 TYR TYR A . n 
A 1 44 SER 44 44 44 SER SER A . n 
A 1 45 TYR 45 45 45 TYR TYR A . n 
A 1 46 GLY 46 46 46 GLY GLY A . n 
A 1 47 TYR 47 47 47 TYR TYR A . n 
A 1 48 ALA 48 48 48 ALA ALA A . n 
A 1 49 PHE 49 49 49 PHE PHE A . n 
A 1 50 VAL 50 50 50 VAL VAL A . n 
A 1 51 ASP 51 51 51 ASP ASP A . n 
A 1 52 PHE 52 52 52 PHE PHE A . n 
A 1 53 THR 53 53 53 THR THR A . n 
A 1 54 SER 54 54 54 SER SER A . n 
A 1 55 GLU 55 55 55 GLU GLU A . n 
A 1 56 MET 56 56 56 MET MET A . n 
A 1 57 ASP 57 57 57 ASP ASP A . n 
A 1 58 SER 58 58 58 SER SER A . n 
A 1 59 GLN 59 59 59 GLN GLN A . n 
A 1 60 ARG 60 60 60 ARG ARG A . n 
A 1 61 ALA 61 61 61 ALA ALA A . n 
A 1 62 ILE 62 62 62 ILE ILE A . n 
A 1 63 LYS 63 63 63 LYS LYS A . n 
A 1 64 VAL 64 64 64 VAL VAL A . n 
A 1 65 LEU 65 65 65 LEU LEU A . n 
A 1 66 ASN 66 66 66 ASN ASN A . n 
A 1 67 GLY 67 67 67 GLY GLY A . n 
A 1 68 ILE 68 68 68 ILE ILE A . n 
A 1 69 THR 69 69 69 THR THR A . n 
A 1 70 VAL 70 70 70 VAL VAL A . n 
A 1 71 ARG 71 71 71 ARG ARG A . n 
A 1 72 ASN 72 72 72 ASN ASN A . n 
A 1 73 LYS 73 73 73 LYS LYS A . n 
A 1 74 ARG 74 74 74 ARG ARG A . n 
A 1 75 LEU 75 75 75 LEU LEU A . n 
A 1 76 LYS 76 76 76 LYS LYS A . n 
A 1 77 VAL 77 77 77 VAL VAL A . n 
A 1 78 SER 78 78 78 SER SER A . n 
A 1 79 TYR 79 79 79 TYR TYR A . n 
A 1 80 ALA 80 80 80 ALA ALA A . n 
A 1 81 ARG 81 81 81 ARG ARG A . n 
A 1 82 PRO 82 82 82 PRO PRO A . n 
A 1 83 GLY 83 83 83 GLY GLY A . n 
A 1 84 GLY 84 84 84 GLY GLY A . n 
A 1 85 GLU 85 85 85 GLU GLU A . n 
A 1 86 SER 86 86 86 SER SER A . n 
A 1 87 ILE 87 87 87 ILE ILE A . n 
A 1 88 LYS 88 88 88 LYS LYS A . n 
# 
loop_
_software.name 
_software.classification 
_software.version 
_software.citation_id 
_software.pdbx_ordinal 
X-PLOR 'model building' 3.1 ? 1 
X-PLOR refinement       3.1 ? 2 
X-PLOR phasing          3.1 ? 3 
# 
_cell.entry_id           2SXL 
_cell.length_a           1.000 
_cell.length_b           1.000 
_cell.length_c           1.000 
_cell.angle_alpha        90.00 
_cell.angle_beta         90.00 
_cell.angle_gamma        90.00 
_cell.Z_PDB              1 
_cell.pdbx_unique_axis   ? 
# 
_symmetry.entry_id                         2SXL 
_symmetry.space_group_name_H-M             'P 1' 
_symmetry.pdbx_full_space_group_name_H-M   ? 
_symmetry.cell_setting                     ? 
_symmetry.Int_Tables_number                1 
# 
_exptl.entry_id          2SXL 
_exptl.method            'SOLUTION NMR' 
_exptl.crystals_number   ? 
# 
_struct.entry_id                  2SXL 
_struct.title                     'SEX-LETHAL RBD1, NMR, MINIMIZED AVERAGE STRUCTURE' 
_struct.pdbx_model_details        ? 
_struct.pdbx_CASP_flag            ? 
_struct.pdbx_model_type_details   ? 
# 
_struct_keywords.entry_id        2SXL 
_struct_keywords.pdbx_keywords   'RNA-BINDING DOMAIN' 
_struct_keywords.text            
'RNA-BINDING DOMAIN, ALTERNATIVE SPLICING, RIKEN Structural Genomics/Proteomics Initiative, RSGI, Structural Genomics' 
# 
_struct_asym.id                            A 
_struct_asym.pdbx_blank_PDB_chainid_flag   Y 
_struct_asym.pdbx_modified                 N 
_struct_asym.entity_id                     1 
_struct_asym.details                       ? 
# 
_struct_ref.id                         1 
_struct_ref.db_name                    UNP 
_struct_ref.db_code                    SXL_DROME 
_struct_ref.entity_id                  1 
_struct_ref.pdbx_db_accession          P19339 
_struct_ref.pdbx_align_begin           1 
_struct_ref.pdbx_seq_one_letter_code   
;MYGNNNPGSNNNNGGYPPYGYNNKSSGGRGFGMSHSLPSGMSRYAFSPQDTEFSFPSSSSRRGYNDFPGCGGSGGNGGSA
NNLGGGNMCHLPPMASNNSLNNLCGLSLGSGGSDDLMNDPRASNTNLIVNYLPQDMTDRELYALFRAIGPINTCRIMRDY
KTGYSFGYAFVDFTSEMDSQRAIKVLNGITVRNKRLKVSYARPGGESIKDTNLYVTNLPRTITDDQLDTIFGKYGSIVQK
NILRDKLTGRPRGVAFVRYNKREEAQEAISALNNVIPEGGSQPLSVRLAEEHGKAKAAHFMSQMGVVPANVPPPPPQPPA
HMAAAFNMMHRGRSIKSQQRFQNSHPYFDAKKFI
;
_struct_ref.pdbx_db_isoform            ? 
# 
_struct_ref_seq.align_id                      1 
_struct_ref_seq.ref_id                        1 
_struct_ref_seq.pdbx_PDB_id_code              2SXL 
_struct_ref_seq.pdbx_strand_id                A 
_struct_ref_seq.seq_align_beg                 1 
_struct_ref_seq.pdbx_seq_align_beg_ins_code   ? 
_struct_ref_seq.seq_align_end                 88 
_struct_ref_seq.pdbx_seq_align_end_ins_code   ? 
_struct_ref_seq.pdbx_db_accession             P19339 
_struct_ref_seq.db_align_beg                  122 
_struct_ref_seq.pdbx_db_align_beg_ins_code    ? 
_struct_ref_seq.db_align_end                  209 
_struct_ref_seq.pdbx_db_align_end_ins_code    ? 
_struct_ref_seq.pdbx_auth_seq_align_beg       1 
_struct_ref_seq.pdbx_auth_seq_align_end       88 
# 
_struct_ref_seq_dif.align_id                     1 
_struct_ref_seq_dif.pdbx_pdb_id_code             2SXL 
_struct_ref_seq_dif.mon_id                       TYR 
_struct_ref_seq_dif.pdbx_pdb_strand_id           A 
_struct_ref_seq_dif.seq_num                      45 
_struct_ref_seq_dif.pdbx_pdb_ins_code            ? 
_struct_ref_seq_dif.pdbx_seq_db_name             UNP 
_struct_ref_seq_dif.pdbx_seq_db_accession_code   P19339 
_struct_ref_seq_dif.db_mon_id                    PHE 
_struct_ref_seq_dif.pdbx_seq_db_seq_num          166 
_struct_ref_seq_dif.details                      'engineered mutation' 
_struct_ref_seq_dif.pdbx_auth_seq_num            45 
_struct_ref_seq_dif.pdbx_ordinal                 1 
# 
_pdbx_struct_assembly.id                   1 
_pdbx_struct_assembly.details              author_defined_assembly 
_pdbx_struct_assembly.method_details       ? 
_pdbx_struct_assembly.oligomeric_details   monomeric 
_pdbx_struct_assembly.oligomeric_count     1 
# 
_pdbx_struct_assembly_gen.assembly_id       1 
_pdbx_struct_assembly_gen.oper_expression   1 
_pdbx_struct_assembly_gen.asym_id_list      A 
# 
_pdbx_struct_oper_list.id                   1 
_pdbx_struct_oper_list.type                 'identity operation' 
_pdbx_struct_oper_list.name                 1_555 
_pdbx_struct_oper_list.symmetry_operation   ? 
_pdbx_struct_oper_list.matrix[1][1]         1.0000000000 
_pdbx_struct_oper_list.matrix[1][2]         0.0000000000 
_pdbx_struct_oper_list.matrix[1][3]         0.0000000000 
_pdbx_struct_oper_list.vector[1]            0.0000000000 
_pdbx_struct_oper_list.matrix[2][1]         0.0000000000 
_pdbx_struct_oper_list.matrix[2][2]         1.0000000000 
_pdbx_struct_oper_list.matrix[2][3]         0.0000000000 
_pdbx_struct_oper_list.vector[2]            0.0000000000 
_pdbx_struct_oper_list.matrix[3][1]         0.0000000000 
_pdbx_struct_oper_list.matrix[3][2]         0.0000000000 
_pdbx_struct_oper_list.matrix[3][3]         1.0000000000 
_pdbx_struct_oper_list.vector[3]            0.0000000000 
# 
_struct_biol.id   1 
# 
loop_
_struct_conf.conf_type_id 
_struct_conf.id 
_struct_conf.pdbx_PDB_helix_id 
_struct_conf.beg_label_comp_id 
_struct_conf.beg_label_asym_id 
_struct_conf.beg_label_seq_id 
_struct_conf.pdbx_beg_PDB_ins_code 
_struct_conf.end_label_comp_id 
_struct_conf.end_label_asym_id 
_struct_conf.end_label_seq_id 
_struct_conf.pdbx_end_PDB_ins_code 
_struct_conf.beg_auth_comp_id 
_struct_conf.beg_auth_asym_id 
_struct_conf.beg_auth_seq_id 
_struct_conf.end_auth_comp_id 
_struct_conf.end_auth_asym_id 
_struct_conf.end_auth_seq_id 
_struct_conf.pdbx_PDB_helix_class 
_struct_conf.details 
_struct_conf.pdbx_PDB_helix_length 
HELX_P HELX_P1 H1 THR A 16 ? GLY A 28 ? THR A 16 GLY A 28 1 ? 13 
HELX_P HELX_P2 H2 GLU A 55 ? ASN A 66 ? GLU A 55 ASN A 66 1 ? 12 
# 
_struct_conf_type.id          HELX_P 
_struct_conf_type.criteria    ? 
_struct_conf_type.reference   ? 
# 
_struct_sheet.id               S1 
_struct_sheet.type             ? 
_struct_sheet.number_strands   4 
_struct_sheet.details          ? 
# 
loop_
_struct_sheet_order.sheet_id 
_struct_sheet_order.range_id_1 
_struct_sheet_order.range_id_2 
_struct_sheet_order.offset 
_struct_sheet_order.sense 
S1 1 2 ? anti-parallel 
S1 2 3 ? anti-parallel 
S1 3 4 ? anti-parallel 
# 
loop_
_struct_sheet_range.sheet_id 
_struct_sheet_range.id 
_struct_sheet_range.beg_label_comp_id 
_struct_sheet_range.beg_label_asym_id 
_struct_sheet_range.beg_label_seq_id 
_struct_sheet_range.pdbx_beg_PDB_ins_code 
_struct_sheet_range.end_label_comp_id 
_struct_sheet_range.end_label_asym_id 
_struct_sheet_range.end_label_seq_id 
_struct_sheet_range.pdbx_end_PDB_ins_code 
_struct_sheet_range.beg_auth_comp_id 
_struct_sheet_range.beg_auth_asym_id 
_struct_sheet_range.beg_auth_seq_id 
_struct_sheet_range.end_auth_comp_id 
_struct_sheet_range.end_auth_asym_id 
_struct_sheet_range.end_auth_seq_id 
S1 1 ILE A 30 ? MET A 36 ? ILE A 30 MET A 36 
S1 2 TYR A 47 ? PHE A 52 ? TYR A 47 PHE A 52 
S1 3 ASN A 5  ? ASN A 9  ? ASN A 5  ASN A 9  
S1 4 LYS A 76 ? TYR A 79 ? LYS A 76 TYR A 79 
# 
loop_
_pdbx_struct_sheet_hbond.sheet_id 
_pdbx_struct_sheet_hbond.range_id_1 
_pdbx_struct_sheet_hbond.range_id_2 
_pdbx_struct_sheet_hbond.range_1_label_atom_id 
_pdbx_struct_sheet_hbond.range_1_label_comp_id 
_pdbx_struct_sheet_hbond.range_1_label_asym_id 
_pdbx_struct_sheet_hbond.range_1_label_seq_id 
_pdbx_struct_sheet_hbond.range_1_PDB_ins_code 
_pdbx_struct_sheet_hbond.range_1_auth_atom_id 
_pdbx_struct_sheet_hbond.range_1_auth_comp_id 
_pdbx_struct_sheet_hbond.range_1_auth_asym_id 
_pdbx_struct_sheet_hbond.range_1_auth_seq_id 
_pdbx_struct_sheet_hbond.range_2_label_atom_id 
_pdbx_struct_sheet_hbond.range_2_label_comp_id 
_pdbx_struct_sheet_hbond.range_2_label_asym_id 
_pdbx_struct_sheet_hbond.range_2_label_seq_id 
_pdbx_struct_sheet_hbond.range_2_PDB_ins_code 
_pdbx_struct_sheet_hbond.range_2_auth_atom_id 
_pdbx_struct_sheet_hbond.range_2_auth_comp_id 
_pdbx_struct_sheet_hbond.range_2_auth_asym_id 
_pdbx_struct_sheet_hbond.range_2_auth_seq_id 
S1 1 2 N ARG A 34 ? N ARG A 34 O PHE A 49 ? O PHE A 49 
S1 2 3 O VAL A 50 ? O VAL A 50 N LEU A 6  ? N LEU A 6  
S1 3 4 O ASN A 9  ? O ASN A 9  N LYS A 76 ? N LYS A 76 
# 
loop_
_pdbx_validate_torsion.id 
_pdbx_validate_torsion.PDB_model_num 
_pdbx_validate_torsion.auth_comp_id 
_pdbx_validate_torsion.auth_asym_id 
_pdbx_validate_torsion.auth_seq_id 
_pdbx_validate_torsion.PDB_ins_code 
_pdbx_validate_torsion.label_alt_id 
_pdbx_validate_torsion.phi 
_pdbx_validate_torsion.psi 
1  1 ASN A 3  ? ? 136.03  114.51  
2  1 GLN A 13 ? ? 75.73   -2.23   
3  1 LEU A 23 ? ? -98.31  -64.02  
4  1 LYS A 40 ? ? -99.75  -67.69  
5  1 TYR A 47 ? ? 161.03  129.21  
6  1 THR A 53 ? ? 47.82   23.15   
7  1 MET A 56 ? ? -148.72 -77.57  
8  1 VAL A 64 ? ? -92.34  -73.19  
9  1 ASN A 66 ? ? -47.44  102.37  
10 1 ILE A 68 ? ? -92.33  -119.96 
11 1 VAL A 70 ? ? -101.61 54.76   
12 1 ARG A 71 ? ? 52.28   18.71   
13 1 ASN A 72 ? ? -179.33 -29.30  
14 1 LYS A 73 ? ? -135.21 -154.40 
15 1 TYR A 79 ? ? -83.35  45.13   
16 1 ARG A 81 ? ? -154.26 55.81   
17 1 GLU A 85 ? ? 45.35   95.48   
18 1 ILE A 87 ? ? 77.58   141.98  
# 
loop_
_pdbx_validate_planes.id 
_pdbx_validate_planes.PDB_model_num 
_pdbx_validate_planes.auth_comp_id 
_pdbx_validate_planes.auth_asym_id 
_pdbx_validate_planes.auth_seq_id 
_pdbx_validate_planes.PDB_ins_code 
_pdbx_validate_planes.label_alt_id 
_pdbx_validate_planes.rmsd 
_pdbx_validate_planes.type 
1 1 ARG A 18 ? ? 0.126 'SIDE CHAIN' 
2 1 ARG A 25 ? ? 0.276 'SIDE CHAIN' 
3 1 ARG A 34 ? ? 0.208 'SIDE CHAIN' 
4 1 ARG A 37 ? ? 0.247 'SIDE CHAIN' 
5 1 ARG A 60 ? ? 0.312 'SIDE CHAIN' 
6 1 ARG A 71 ? ? 0.081 'SIDE CHAIN' 
7 1 ARG A 74 ? ? 0.234 'SIDE CHAIN' 
8 1 ARG A 81 ? ? 0.314 'SIDE CHAIN' 
# 
_pdbx_SG_project.id                    1 
_pdbx_SG_project.project_name          ? 
_pdbx_SG_project.full_name_of_center   'RIKEN Structural Genomics/Proteomics Initiative' 
_pdbx_SG_project.initial_of_center     RSGI 
# 
_pdbx_nmr_ensemble.entry_id                             2SXL 
_pdbx_nmr_ensemble.conformers_calculated_total_number   200 
_pdbx_nmr_ensemble.conformers_submitted_total_number    1 
_pdbx_nmr_ensemble.conformer_selection_criteria         'SMALLEST RESIDUAL ENERGY' 
# 
_pdbx_nmr_exptl_sample_conditions.conditions_id       1 
_pdbx_nmr_exptl_sample_conditions.temperature         298 
_pdbx_nmr_exptl_sample_conditions.pressure            ? 
_pdbx_nmr_exptl_sample_conditions.pH                  4.0 
_pdbx_nmr_exptl_sample_conditions.ionic_strength      ? 
_pdbx_nmr_exptl_sample_conditions.pressure_units      . 
_pdbx_nmr_exptl_sample_conditions.temperature_units   K 
# 
loop_
_pdbx_nmr_exptl.experiment_id 
_pdbx_nmr_exptl.conditions_id 
_pdbx_nmr_exptl.type 
_pdbx_nmr_exptl.solution_id 
1 1 NOESY                   1 
2 1 TOCSY                   1 
3 1 ROESY                   1 
4 1 DQF-COSY                1 
5 1 '1H-15N 2D HSQC'        1 
6 1 '1H-15N 2D HMQC-J'      1 
7 1 '15N-EDITED NOESY-HSQC' 1 
# 
_pdbx_nmr_refine.entry_id           2SXL 
_pdbx_nmr_refine.method             'HYBRID DISTANCE GEOMETRY/ SIMULATED ANNEALING METHOD' 
_pdbx_nmr_refine.details            
;REFINEMENT WAS DONE USING THE HYBRID DISTANCE GEOMETRY/SIMULATED ANNEALING METHOD (NILGES, M., CLORE, G.M., & GRONENBORN, A.M. (1988) FEBS LETT 229, 317-324) AS CONTAINED IN X-PLOR PROGRAM VERSION 3.1 (BRUNGER, 1992). THE RMSD FOR THE BACKBONE COORDINATES OF THE 20 STRUCTURES ACCEPTED AFTER THE LAST ROUND OF REFINEMENT COMPARED TO THE AVERAGE COORDINATES WAS 0.86 (FOR RESIDUES INVOLVED IN SECONDARY STRUCTURE).
;
_pdbx_nmr_refine.software_ordinal   1 
# 
loop_
_pdbx_nmr_software.classification 
_pdbx_nmr_software.name 
_pdbx_nmr_software.version 
_pdbx_nmr_software.authors 
_pdbx_nmr_software.ordinal 
refinement           X-PLOR 3.1 BRUNGER 1 
'structure solution' X-PLOR 3.1 ?       2 
# 
loop_
_chem_comp_atom.comp_id 
_chem_comp_atom.atom_id 
_chem_comp_atom.type_symbol 
_chem_comp_atom.pdbx_aromatic_flag 
_chem_comp_atom.pdbx_stereo_config 
_chem_comp_atom.pdbx_ordinal 
ALA N    N N N 1   
ALA CA   C N S 2   
ALA C    C N N 3   
ALA O    O N N 4   
ALA CB   C N N 5   
ALA OXT  O N N 6   
ALA H    H N N 7   
ALA H2   H N N 8   
ALA HA   H N N 9   
ALA HB1  H N N 10  
ALA HB2  H N N 11  
ALA HB3  H N N 12  
ALA HXT  H N N 13  
ARG N    N N N 14  
ARG CA   C N S 15  
ARG C    C N N 16  
ARG O    O N N 17  
ARG CB   C N N 18  
ARG CG   C N N 19  
ARG CD   C N N 20  
ARG NE   N N N 21  
ARG CZ   C N N 22  
ARG NH1  N N N 23  
ARG NH2  N N N 24  
ARG OXT  O N N 25  
ARG H    H N N 26  
ARG H2   H N N 27  
ARG HA   H N N 28  
ARG HB2  H N N 29  
ARG HB3  H N N 30  
ARG HG2  H N N 31  
ARG HG3  H N N 32  
ARG HD2  H N N 33  
ARG HD3  H N N 34  
ARG HE   H N N 35  
ARG HH11 H N N 36  
ARG HH12 H N N 37  
ARG HH21 H N N 38  
ARG HH22 H N N 39  
ARG HXT  H N N 40  
ASN N    N N N 41  
ASN CA   C N S 42  
ASN C    C N N 43  
ASN O    O N N 44  
ASN CB   C N N 45  
ASN CG   C N N 46  
ASN OD1  O N N 47  
ASN ND2  N N N 48  
ASN OXT  O N N 49  
ASN H    H N N 50  
ASN H2   H N N 51  
ASN HA   H N N 52  
ASN HB2  H N N 53  
ASN HB3  H N N 54  
ASN HD21 H N N 55  
ASN HD22 H N N 56  
ASN HXT  H N N 57  
ASP N    N N N 58  
ASP CA   C N S 59  
ASP C    C N N 60  
ASP O    O N N 61  
ASP CB   C N N 62  
ASP CG   C N N 63  
ASP OD1  O N N 64  
ASP OD2  O N N 65  
ASP OXT  O N N 66  
ASP H    H N N 67  
ASP H2   H N N 68  
ASP HA   H N N 69  
ASP HB2  H N N 70  
ASP HB3  H N N 71  
ASP HD2  H N N 72  
ASP HXT  H N N 73  
CYS N    N N N 74  
CYS CA   C N R 75  
CYS C    C N N 76  
CYS O    O N N 77  
CYS CB   C N N 78  
CYS SG   S N N 79  
CYS OXT  O N N 80  
CYS H    H N N 81  
CYS H2   H N N 82  
CYS HA   H N N 83  
CYS HB2  H N N 84  
CYS HB3  H N N 85  
CYS HG   H N N 86  
CYS HXT  H N N 87  
GLN N    N N N 88  
GLN CA   C N S 89  
GLN C    C N N 90  
GLN O    O N N 91  
GLN CB   C N N 92  
GLN CG   C N N 93  
GLN CD   C N N 94  
GLN OE1  O N N 95  
GLN NE2  N N N 96  
GLN OXT  O N N 97  
GLN H    H N N 98  
GLN H2   H N N 99  
GLN HA   H N N 100 
GLN HB2  H N N 101 
GLN HB3  H N N 102 
GLN HG2  H N N 103 
GLN HG3  H N N 104 
GLN HE21 H N N 105 
GLN HE22 H N N 106 
GLN HXT  H N N 107 
GLU N    N N N 108 
GLU CA   C N S 109 
GLU C    C N N 110 
GLU O    O N N 111 
GLU CB   C N N 112 
GLU CG   C N N 113 
GLU CD   C N N 114 
GLU OE1  O N N 115 
GLU OE2  O N N 116 
GLU OXT  O N N 117 
GLU H    H N N 118 
GLU H2   H N N 119 
GLU HA   H N N 120 
GLU HB2  H N N 121 
GLU HB3  H N N 122 
GLU HG2  H N N 123 
GLU HG3  H N N 124 
GLU HE2  H N N 125 
GLU HXT  H N N 126 
GLY N    N N N 127 
GLY CA   C N N 128 
GLY C    C N N 129 
GLY O    O N N 130 
GLY OXT  O N N 131 
GLY H    H N N 132 
GLY H2   H N N 133 
GLY HA2  H N N 134 
GLY HA3  H N N 135 
GLY HXT  H N N 136 
ILE N    N N N 137 
ILE CA   C N S 138 
ILE C    C N N 139 
ILE O    O N N 140 
ILE CB   C N S 141 
ILE CG1  C N N 142 
ILE CG2  C N N 143 
ILE CD1  C N N 144 
ILE OXT  O N N 145 
ILE H    H N N 146 
ILE H2   H N N 147 
ILE HA   H N N 148 
ILE HB   H N N 149 
ILE HG12 H N N 150 
ILE HG13 H N N 151 
ILE HG21 H N N 152 
ILE HG22 H N N 153 
ILE HG23 H N N 154 
ILE HD11 H N N 155 
ILE HD12 H N N 156 
ILE HD13 H N N 157 
ILE HXT  H N N 158 
LEU N    N N N 159 
LEU CA   C N S 160 
LEU C    C N N 161 
LEU O    O N N 162 
LEU CB   C N N 163 
LEU CG   C N N 164 
LEU CD1  C N N 165 
LEU CD2  C N N 166 
LEU OXT  O N N 167 
LEU H    H N N 168 
LEU H2   H N N 169 
LEU HA   H N N 170 
LEU HB2  H N N 171 
LEU HB3  H N N 172 
LEU HG   H N N 173 
LEU HD11 H N N 174 
LEU HD12 H N N 175 
LEU HD13 H N N 176 
LEU HD21 H N N 177 
LEU HD22 H N N 178 
LEU HD23 H N N 179 
LEU HXT  H N N 180 
LYS N    N N N 181 
LYS CA   C N S 182 
LYS C    C N N 183 
LYS O    O N N 184 
LYS CB   C N N 185 
LYS CG   C N N 186 
LYS CD   C N N 187 
LYS CE   C N N 188 
LYS NZ   N N N 189 
LYS OXT  O N N 190 
LYS H    H N N 191 
LYS H2   H N N 192 
LYS HA   H N N 193 
LYS HB2  H N N 194 
LYS HB3  H N N 195 
LYS HG2  H N N 196 
LYS HG3  H N N 197 
LYS HD2  H N N 198 
LYS HD3  H N N 199 
LYS HE2  H N N 200 
LYS HE3  H N N 201 
LYS HZ1  H N N 202 
LYS HZ2  H N N 203 
LYS HZ3  H N N 204 
LYS HXT  H N N 205 
MET N    N N N 206 
MET CA   C N S 207 
MET C    C N N 208 
MET O    O N N 209 
MET CB   C N N 210 
MET CG   C N N 211 
MET SD   S N N 212 
MET CE   C N N 213 
MET OXT  O N N 214 
MET H    H N N 215 
MET H2   H N N 216 
MET HA   H N N 217 
MET HB2  H N N 218 
MET HB3  H N N 219 
MET HG2  H N N 220 
MET HG3  H N N 221 
MET HE1  H N N 222 
MET HE2  H N N 223 
MET HE3  H N N 224 
MET HXT  H N N 225 
PHE N    N N N 226 
PHE CA   C N S 227 
PHE C    C N N 228 
PHE O    O N N 229 
PHE CB   C N N 230 
PHE CG   C Y N 231 
PHE CD1  C Y N 232 
PHE CD2  C Y N 233 
PHE CE1  C Y N 234 
PHE CE2  C Y N 235 
PHE CZ   C Y N 236 
PHE OXT  O N N 237 
PHE H    H N N 238 
PHE H2   H N N 239 
PHE HA   H N N 240 
PHE HB2  H N N 241 
PHE HB3  H N N 242 
PHE HD1  H N N 243 
PHE HD2  H N N 244 
PHE HE1  H N N 245 
PHE HE2  H N N 246 
PHE HZ   H N N 247 
PHE HXT  H N N 248 
PRO N    N N N 249 
PRO CA   C N S 250 
PRO C    C N N 251 
PRO O    O N N 252 
PRO CB   C N N 253 
PRO CG   C N N 254 
PRO CD   C N N 255 
PRO OXT  O N N 256 
PRO H    H N N 257 
PRO HA   H N N 258 
PRO HB2  H N N 259 
PRO HB3  H N N 260 
PRO HG2  H N N 261 
PRO HG3  H N N 262 
PRO HD2  H N N 263 
PRO HD3  H N N 264 
PRO HXT  H N N 265 
SER N    N N N 266 
SER CA   C N S 267 
SER C    C N N 268 
SER O    O N N 269 
SER CB   C N N 270 
SER OG   O N N 271 
SER OXT  O N N 272 
SER H    H N N 273 
SER H2   H N N 274 
SER HA   H N N 275 
SER HB2  H N N 276 
SER HB3  H N N 277 
SER HG   H N N 278 
SER HXT  H N N 279 
THR N    N N N 280 
THR CA   C N S 281 
THR C    C N N 282 
THR O    O N N 283 
THR CB   C N R 284 
THR OG1  O N N 285 
THR CG2  C N N 286 
THR OXT  O N N 287 
THR H    H N N 288 
THR H2   H N N 289 
THR HA   H N N 290 
THR HB   H N N 291 
THR HG1  H N N 292 
THR HG21 H N N 293 
THR HG22 H N N 294 
THR HG23 H N N 295 
THR HXT  H N N 296 
TYR N    N N N 297 
TYR CA   C N S 298 
TYR C    C N N 299 
TYR O    O N N 300 
TYR CB   C N N 301 
TYR CG   C Y N 302 
TYR CD1  C Y N 303 
TYR CD2  C Y N 304 
TYR CE1  C Y N 305 
TYR CE2  C Y N 306 
TYR CZ   C Y N 307 
TYR OH   O N N 308 
TYR OXT  O N N 309 
TYR H    H N N 310 
TYR H2   H N N 311 
TYR HA   H N N 312 
TYR HB2  H N N 313 
TYR HB3  H N N 314 
TYR HD1  H N N 315 
TYR HD2  H N N 316 
TYR HE1  H N N 317 
TYR HE2  H N N 318 
TYR HH   H N N 319 
TYR HXT  H N N 320 
VAL N    N N N 321 
VAL CA   C N S 322 
VAL C    C N N 323 
VAL O    O N N 324 
VAL CB   C N N 325 
VAL CG1  C N N 326 
VAL CG2  C N N 327 
VAL OXT  O N N 328 
VAL H    H N N 329 
VAL H2   H N N 330 
VAL HA   H N N 331 
VAL HB   H N N 332 
VAL HG11 H N N 333 
VAL HG12 H N N 334 
VAL HG13 H N N 335 
VAL HG21 H N N 336 
VAL HG22 H N N 337 
VAL HG23 H N N 338 
VAL HXT  H N N 339 
# 
loop_
_chem_comp_bond.comp_id 
_chem_comp_bond.atom_id_1 
_chem_comp_bond.atom_id_2 
_chem_comp_bond.value_order 
_chem_comp_bond.pdbx_aromatic_flag 
_chem_comp_bond.pdbx_stereo_config 
_chem_comp_bond.pdbx_ordinal 
ALA N   CA   sing N N 1   
ALA N   H    sing N N 2   
ALA N   H2   sing N N 3   
ALA CA  C    sing N N 4   
ALA CA  CB   sing N N 5   
ALA CA  HA   sing N N 6   
ALA C   O    doub N N 7   
ALA C   OXT  sing N N 8   
ALA CB  HB1  sing N N 9   
ALA CB  HB2  sing N N 10  
ALA CB  HB3  sing N N 11  
ALA OXT HXT  sing N N 12  
ARG N   CA   sing N N 13  
ARG N   H    sing N N 14  
ARG N   H2   sing N N 15  
ARG CA  C    sing N N 16  
ARG CA  CB   sing N N 17  
ARG CA  HA   sing N N 18  
ARG C   O    doub N N 19  
ARG C   OXT  sing N N 20  
ARG CB  CG   sing N N 21  
ARG CB  HB2  sing N N 22  
ARG CB  HB3  sing N N 23  
ARG CG  CD   sing N N 24  
ARG CG  HG2  sing N N 25  
ARG CG  HG3  sing N N 26  
ARG CD  NE   sing N N 27  
ARG CD  HD2  sing N N 28  
ARG CD  HD3  sing N N 29  
ARG NE  CZ   sing N N 30  
ARG NE  HE   sing N N 31  
ARG CZ  NH1  sing N N 32  
ARG CZ  NH2  doub N N 33  
ARG NH1 HH11 sing N N 34  
ARG NH1 HH12 sing N N 35  
ARG NH2 HH21 sing N N 36  
ARG NH2 HH22 sing N N 37  
ARG OXT HXT  sing N N 38  
ASN N   CA   sing N N 39  
ASN N   H    sing N N 40  
ASN N   H2   sing N N 41  
ASN CA  C    sing N N 42  
ASN CA  CB   sing N N 43  
ASN CA  HA   sing N N 44  
ASN C   O    doub N N 45  
ASN C   OXT  sing N N 46  
ASN CB  CG   sing N N 47  
ASN CB  HB2  sing N N 48  
ASN CB  HB3  sing N N 49  
ASN CG  OD1  doub N N 50  
ASN CG  ND2  sing N N 51  
ASN ND2 HD21 sing N N 52  
ASN ND2 HD22 sing N N 53  
ASN OXT HXT  sing N N 54  
ASP N   CA   sing N N 55  
ASP N   H    sing N N 56  
ASP N   H2   sing N N 57  
ASP CA  C    sing N N 58  
ASP CA  CB   sing N N 59  
ASP CA  HA   sing N N 60  
ASP C   O    doub N N 61  
ASP C   OXT  sing N N 62  
ASP CB  CG   sing N N 63  
ASP CB  HB2  sing N N 64  
ASP CB  HB3  sing N N 65  
ASP CG  OD1  doub N N 66  
ASP CG  OD2  sing N N 67  
ASP OD2 HD2  sing N N 68  
ASP OXT HXT  sing N N 69  
CYS N   CA   sing N N 70  
CYS N   H    sing N N 71  
CYS N   H2   sing N N 72  
CYS CA  C    sing N N 73  
CYS CA  CB   sing N N 74  
CYS CA  HA   sing N N 75  
CYS C   O    doub N N 76  
CYS C   OXT  sing N N 77  
CYS CB  SG   sing N N 78  
CYS CB  HB2  sing N N 79  
CYS CB  HB3  sing N N 80  
CYS SG  HG   sing N N 81  
CYS OXT HXT  sing N N 82  
GLN N   CA   sing N N 83  
GLN N   H    sing N N 84  
GLN N   H2   sing N N 85  
GLN CA  C    sing N N 86  
GLN CA  CB   sing N N 87  
GLN CA  HA   sing N N 88  
GLN C   O    doub N N 89  
GLN C   OXT  sing N N 90  
GLN CB  CG   sing N N 91  
GLN CB  HB2  sing N N 92  
GLN CB  HB3  sing N N 93  
GLN CG  CD   sing N N 94  
GLN CG  HG2  sing N N 95  
GLN CG  HG3  sing N N 96  
GLN CD  OE1  doub N N 97  
GLN CD  NE2  sing N N 98  
GLN NE2 HE21 sing N N 99  
GLN NE2 HE22 sing N N 100 
GLN OXT HXT  sing N N 101 
GLU N   CA   sing N N 102 
GLU N   H    sing N N 103 
GLU N   H2   sing N N 104 
GLU CA  C    sing N N 105 
GLU CA  CB   sing N N 106 
GLU CA  HA   sing N N 107 
GLU C   O    doub N N 108 
GLU C   OXT  sing N N 109 
GLU CB  CG   sing N N 110 
GLU CB  HB2  sing N N 111 
GLU CB  HB3  sing N N 112 
GLU CG  CD   sing N N 113 
GLU CG  HG2  sing N N 114 
GLU CG  HG3  sing N N 115 
GLU CD  OE1  doub N N 116 
GLU CD  OE2  sing N N 117 
GLU OE2 HE2  sing N N 118 
GLU OXT HXT  sing N N 119 
GLY N   CA   sing N N 120 
GLY N   H    sing N N 121 
GLY N   H2   sing N N 122 
GLY CA  C    sing N N 123 
GLY CA  HA2  sing N N 124 
GLY CA  HA3  sing N N 125 
GLY C   O    doub N N 126 
GLY C   OXT  sing N N 127 
GLY OXT HXT  sing N N 128 
ILE N   CA   sing N N 129 
ILE N   H    sing N N 130 
ILE N   H2   sing N N 131 
ILE CA  C    sing N N 132 
ILE CA  CB   sing N N 133 
ILE CA  HA   sing N N 134 
ILE C   O    doub N N 135 
ILE C   OXT  sing N N 136 
ILE CB  CG1  sing N N 137 
ILE CB  CG2  sing N N 138 
ILE CB  HB   sing N N 139 
ILE CG1 CD1  sing N N 140 
ILE CG1 HG12 sing N N 141 
ILE CG1 HG13 sing N N 142 
ILE CG2 HG21 sing N N 143 
ILE CG2 HG22 sing N N 144 
ILE CG2 HG23 sing N N 145 
ILE CD1 HD11 sing N N 146 
ILE CD1 HD12 sing N N 147 
ILE CD1 HD13 sing N N 148 
ILE OXT HXT  sing N N 149 
LEU N   CA   sing N N 150 
LEU N   H    sing N N 151 
LEU N   H2   sing N N 152 
LEU CA  C    sing N N 153 
LEU CA  CB   sing N N 154 
LEU CA  HA   sing N N 155 
LEU C   O    doub N N 156 
LEU C   OXT  sing N N 157 
LEU CB  CG   sing N N 158 
LEU CB  HB2  sing N N 159 
LEU CB  HB3  sing N N 160 
LEU CG  CD1  sing N N 161 
LEU CG  CD2  sing N N 162 
LEU CG  HG   sing N N 163 
LEU CD1 HD11 sing N N 164 
LEU CD1 HD12 sing N N 165 
LEU CD1 HD13 sing N N 166 
LEU CD2 HD21 sing N N 167 
LEU CD2 HD22 sing N N 168 
LEU CD2 HD23 sing N N 169 
LEU OXT HXT  sing N N 170 
LYS N   CA   sing N N 171 
LYS N   H    sing N N 172 
LYS N   H2   sing N N 173 
LYS CA  C    sing N N 174 
LYS CA  CB   sing N N 175 
LYS CA  HA   sing N N 176 
LYS C   O    doub N N 177 
LYS C   OXT  sing N N 178 
LYS CB  CG   sing N N 179 
LYS CB  HB2  sing N N 180 
LYS CB  HB3  sing N N 181 
LYS CG  CD   sing N N 182 
LYS CG  HG2  sing N N 183 
LYS CG  HG3  sing N N 184 
LYS CD  CE   sing N N 185 
LYS CD  HD2  sing N N 186 
LYS CD  HD3  sing N N 187 
LYS CE  NZ   sing N N 188 
LYS CE  HE2  sing N N 189 
LYS CE  HE3  sing N N 190 
LYS NZ  HZ1  sing N N 191 
LYS NZ  HZ2  sing N N 192 
LYS NZ  HZ3  sing N N 193 
LYS OXT HXT  sing N N 194 
MET N   CA   sing N N 195 
MET N   H    sing N N 196 
MET N   H2   sing N N 197 
MET CA  C    sing N N 198 
MET CA  CB   sing N N 199 
MET CA  HA   sing N N 200 
MET C   O    doub N N 201 
MET C   OXT  sing N N 202 
MET CB  CG   sing N N 203 
MET CB  HB2  sing N N 204 
MET CB  HB3  sing N N 205 
MET CG  SD   sing N N 206 
MET CG  HG2  sing N N 207 
MET CG  HG3  sing N N 208 
MET SD  CE   sing N N 209 
MET CE  HE1  sing N N 210 
MET CE  HE2  sing N N 211 
MET CE  HE3  sing N N 212 
MET OXT HXT  sing N N 213 
PHE N   CA   sing N N 214 
PHE N   H    sing N N 215 
PHE N   H2   sing N N 216 
PHE CA  C    sing N N 217 
PHE CA  CB   sing N N 218 
PHE CA  HA   sing N N 219 
PHE C   O    doub N N 220 
PHE C   OXT  sing N N 221 
PHE CB  CG   sing N N 222 
PHE CB  HB2  sing N N 223 
PHE CB  HB3  sing N N 224 
PHE CG  CD1  doub Y N 225 
PHE CG  CD2  sing Y N 226 
PHE CD1 CE1  sing Y N 227 
PHE CD1 HD1  sing N N 228 
PHE CD2 CE2  doub Y N 229 
PHE CD2 HD2  sing N N 230 
PHE CE1 CZ   doub Y N 231 
PHE CE1 HE1  sing N N 232 
PHE CE2 CZ   sing Y N 233 
PHE CE2 HE2  sing N N 234 
PHE CZ  HZ   sing N N 235 
PHE OXT HXT  sing N N 236 
PRO N   CA   sing N N 237 
PRO N   CD   sing N N 238 
PRO N   H    sing N N 239 
PRO CA  C    sing N N 240 
PRO CA  CB   sing N N 241 
PRO CA  HA   sing N N 242 
PRO C   O    doub N N 243 
PRO C   OXT  sing N N 244 
PRO CB  CG   sing N N 245 
PRO CB  HB2  sing N N 246 
PRO CB  HB3  sing N N 247 
PRO CG  CD   sing N N 248 
PRO CG  HG2  sing N N 249 
PRO CG  HG3  sing N N 250 
PRO CD  HD2  sing N N 251 
PRO CD  HD3  sing N N 252 
PRO OXT HXT  sing N N 253 
SER N   CA   sing N N 254 
SER N   H    sing N N 255 
SER N   H2   sing N N 256 
SER CA  C    sing N N 257 
SER CA  CB   sing N N 258 
SER CA  HA   sing N N 259 
SER C   O    doub N N 260 
SER C   OXT  sing N N 261 
SER CB  OG   sing N N 262 
SER CB  HB2  sing N N 263 
SER CB  HB3  sing N N 264 
SER OG  HG   sing N N 265 
SER OXT HXT  sing N N 266 
THR N   CA   sing N N 267 
THR N   H    sing N N 268 
THR N   H2   sing N N 269 
THR CA  C    sing N N 270 
THR CA  CB   sing N N 271 
THR CA  HA   sing N N 272 
THR C   O    doub N N 273 
THR C   OXT  sing N N 274 
THR CB  OG1  sing N N 275 
THR CB  CG2  sing N N 276 
THR CB  HB   sing N N 277 
THR OG1 HG1  sing N N 278 
THR CG2 HG21 sing N N 279 
THR CG2 HG22 sing N N 280 
THR CG2 HG23 sing N N 281 
THR OXT HXT  sing N N 282 
TYR N   CA   sing N N 283 
TYR N   H    sing N N 284 
TYR N   H2   sing N N 285 
TYR CA  C    sing N N 286 
TYR CA  CB   sing N N 287 
TYR CA  HA   sing N N 288 
TYR C   O    doub N N 289 
TYR C   OXT  sing N N 290 
TYR CB  CG   sing N N 291 
TYR CB  HB2  sing N N 292 
TYR CB  HB3  sing N N 293 
TYR CG  CD1  doub Y N 294 
TYR CG  CD2  sing Y N 295 
TYR CD1 CE1  sing Y N 296 
TYR CD1 HD1  sing N N 297 
TYR CD2 CE2  doub Y N 298 
TYR CD2 HD2  sing N N 299 
TYR CE1 CZ   doub Y N 300 
TYR CE1 HE1  sing N N 301 
TYR CE2 CZ   sing Y N 302 
TYR CE2 HE2  sing N N 303 
TYR CZ  OH   sing N N 304 
TYR OH  HH   sing N N 305 
TYR OXT HXT  sing N N 306 
VAL N   CA   sing N N 307 
VAL N   H    sing N N 308 
VAL N   H2   sing N N 309 
VAL CA  C    sing N N 310 
VAL CA  CB   sing N N 311 
VAL CA  HA   sing N N 312 
VAL C   O    doub N N 313 
VAL C   OXT  sing N N 314 
VAL CB  CG1  sing N N 315 
VAL CB  CG2  sing N N 316 
VAL CB  HB   sing N N 317 
VAL CG1 HG11 sing N N 318 
VAL CG1 HG12 sing N N 319 
VAL CG1 HG13 sing N N 320 
VAL CG2 HG21 sing N N 321 
VAL CG2 HG22 sing N N 322 
VAL CG2 HG23 sing N N 323 
VAL OXT HXT  sing N N 324 
# 
loop_
_pdbx_nmr_spectrometer.spectrometer_id 
_pdbx_nmr_spectrometer.model 
_pdbx_nmr_spectrometer.manufacturer 
_pdbx_nmr_spectrometer.field_strength 
1 AMX500 Bruker 500 
2 AMX600 Bruker 600 
# 
_atom_sites.entry_id                    2SXL 
_atom_sites.fract_transf_matrix[1][1]   1.000000 
_atom_sites.fract_transf_matrix[1][2]   0.000000 
_atom_sites.fract_transf_matrix[1][3]   0.000000 
_atom_sites.fract_transf_matrix[2][1]   0.000000 
_atom_sites.fract_transf_matrix[2][2]   1.000000 
_atom_sites.fract_transf_matrix[2][3]   0.000000 
_atom_sites.fract_transf_matrix[3][1]   0.000000 
_atom_sites.fract_transf_matrix[3][2]   0.000000 
_atom_sites.fract_transf_matrix[3][3]   1.000000 
_atom_sites.fract_transf_vector[1]      0.00000 
_atom_sites.fract_transf_vector[2]      0.00000 
_atom_sites.fract_transf_vector[3]      0.00000 
# 
loop_
_atom_type.symbol 
C 
H 
N 
O 
S 
# 
loop_
_atom_site.group_PDB 
_atom_site.id 
_atom_site.type_symbol 
_atom_site.label_atom_id 
_atom_site.label_alt_id 
_atom_site.label_comp_id 
_atom_site.label_asym_id 
_atom_site.label_entity_id 
_atom_site.label_seq_id 
_atom_site.pdbx_PDB_ins_code 
_atom_site.Cartn_x 
_atom_site.Cartn_y 
_atom_site.Cartn_z 
_atom_site.occupancy 
_atom_site.B_iso_or_equiv 
_atom_site.pdbx_formal_charge 
_atom_site.auth_seq_id 
_atom_site.auth_comp_id 
_atom_site.auth_asym_id 
_atom_site.auth_atom_id 
_atom_site.pdbx_PDB_model_num 
ATOM 1    N N    . ALA A 1 1  ? -11.536 -9.341  -15.605 1.00 3.33 ? 1  ALA A N    1 
ATOM 2    C CA   . ALA A 1 1  ? -11.705 -7.970  -15.043 1.00 2.62 ? 1  ALA A CA   1 
ATOM 3    C C    . ALA A 1 1  ? -10.333 -7.317  -14.875 1.00 1.95 ? 1  ALA A C    1 
ATOM 4    O O    . ALA A 1 1  ? -9.353  -7.752  -15.445 1.00 2.47 ? 1  ALA A O    1 
ATOM 5    C CB   . ALA A 1 1  ? -12.396 -8.059  -13.681 1.00 2.93 ? 1  ALA A CB   1 
ATOM 6    H H1   . ALA A 1 1  ? -10.945 -9.295  -16.460 1.00 3.86 ? 1  ALA A H1   1 
ATOM 7    H H2   . ALA A 1 1  ? -11.075 -9.950  -14.900 1.00 3.45 ? 1  ALA A H2   1 
ATOM 8    H H3   . ALA A 1 1  ? -12.469 -9.734  -15.848 1.00 3.69 ? 1  ALA A H3   1 
ATOM 9    H HA   . ALA A 1 1  ? -12.308 -7.376  -15.715 1.00 2.98 ? 1  ALA A HA   1 
ATOM 10   H HB1  . ALA A 1 1  ? -13.160 -8.821  -13.714 1.00 3.00 ? 1  ALA A HB1  1 
ATOM 11   H HB2  . ALA A 1 1  ? -11.668 -8.313  -12.924 1.00 3.32 ? 1  ALA A HB2  1 
ATOM 12   H HB3  . ALA A 1 1  ? -12.847 -7.107  -13.442 1.00 3.40 ? 1  ALA A HB3  1 
ATOM 13   N N    . SER A 1 2  ? -10.251 -6.275  -14.092 1.00 1.43 ? 2  SER A N    1 
ATOM 14   C CA   . SER A 1 2  ? -8.940  -5.598  -13.888 1.00 1.13 ? 2  SER A CA   1 
ATOM 15   C C    . SER A 1 2  ? -8.910  -4.955  -12.502 1.00 1.02 ? 2  SER A C    1 
ATOM 16   O O    . SER A 1 2  ? -9.909  -4.451  -12.038 1.00 1.78 ? 2  SER A O    1 
ATOM 17   C CB   . SER A 1 2  ? -8.751  -4.516  -14.952 1.00 1.75 ? 2  SER A CB   1 
ATOM 18   O OG   . SER A 1 2  ? -8.607  -5.130  -16.226 1.00 2.21 ? 2  SER A OG   1 
ATOM 19   H H    . SER A 1 2  ? -11.053 -5.940  -13.639 1.00 1.89 ? 2  SER A H    1 
ATOM 20   H HA   . SER A 1 2  ? -8.144  -6.324  -13.965 1.00 1.24 ? 2  SER A HA   1 
ATOM 21   H HB2  . SER A 1 2  ? -9.612  -3.869  -14.965 1.00 2.11 ? 2  SER A HB2  1 
ATOM 22   H HB3  . SER A 1 2  ? -7.869  -3.934  -14.718 1.00 2.25 ? 2  SER A HB3  1 
ATOM 23   H HG   . SER A 1 2  ? -7.679  -5.092  -16.470 1.00 2.60 ? 2  SER A HG   1 
ATOM 24   N N    . ASN A 1 3  ? -7.762  -4.981  -11.862 1.00 0.83 ? 3  ASN A N    1 
ATOM 25   C CA   . ASN A 1 3  ? -7.580  -4.386  -10.492 1.00 0.64 ? 3  ASN A CA   1 
ATOM 26   C C    . ASN A 1 3  ? -6.774  -5.349  -9.624  1.00 0.63 ? 3  ASN A C    1 
ATOM 27   O O    . ASN A 1 3  ? -7.219  -6.431  -9.296  1.00 1.56 ? 3  ASN A O    1 
ATOM 28   C CB   . ASN A 1 3  ? -8.911  -4.102  -9.791  1.00 0.66 ? 3  ASN A CB   1 
ATOM 29   C CG   . ASN A 1 3  ? -9.474  -2.757  -10.261 1.00 0.87 ? 3  ASN A CG   1 
ATOM 30   O OD1  . ASN A 1 3  ? -8.731  -1.827  -10.507 1.00 1.23 ? 3  ASN A OD1  1 
ATOM 31   N ND2  . ASN A 1 3  ? -10.764 -2.615  -10.396 1.00 1.28 ? 3  ASN A ND2  1 
ATOM 32   H H    . ASN A 1 3  ? -6.991  -5.403  -12.294 1.00 1.43 ? 3  ASN A H    1 
ATOM 33   H HA   . ASN A 1 3  ? -7.028  -3.460  -10.589 1.00 0.81 ? 3  ASN A HA   1 
ATOM 34   H HB2  . ASN A 1 3  ? -9.615  -4.889  -10.021 1.00 0.75 ? 3  ASN A HB2  1 
ATOM 35   H HB3  . ASN A 1 3  ? -8.748  -4.067  -8.725  1.00 0.66 ? 3  ASN A HB3  1 
ATOM 36   H HD21 . ASN A 1 3  ? -11.364 -3.365  -10.198 1.00 1.66 ? 3  ASN A HD21 1 
ATOM 37   H HD22 . ASN A 1 3  ? -11.134 -1.758  -10.695 1.00 1.45 ? 3  ASN A HD22 1 
ATOM 38   N N    . THR A 1 4  ? -5.597  -4.952  -9.240  1.00 0.89 ? 4  THR A N    1 
ATOM 39   C CA   . THR A 1 4  ? -4.754  -5.824  -8.376  1.00 0.81 ? 4  THR A CA   1 
ATOM 40   C C    . THR A 1 4  ? -4.447  -5.074  -7.080  1.00 0.59 ? 4  THR A C    1 
ATOM 41   O O    . THR A 1 4  ? -3.318  -4.725  -6.800  1.00 1.31 ? 4  THR A O    1 
ATOM 42   C CB   . THR A 1 4  ? -3.451  -6.165  -9.103  1.00 1.19 ? 4  THR A CB   1 
ATOM 43   O OG1  . THR A 1 4  ? -2.656  -7.001  -8.275  1.00 2.12 ? 4  THR A OG1  1 
ATOM 44   C CG2  . THR A 1 4  ? -2.687  -4.879  -9.416  1.00 1.27 ? 4  THR A CG2  1 
ATOM 45   H H    . THR A 1 4  ? -5.271  -4.070  -9.510  1.00 1.69 ? 4  THR A H    1 
ATOM 46   H HA   . THR A 1 4  ? -5.291  -6.733  -8.147  1.00 1.00 ? 4  THR A HA   1 
ATOM 47   H HB   . THR A 1 4  ? -3.677  -6.678  -10.024 1.00 1.81 ? 4  THR A HB   1 
ATOM 48   H HG1  . THR A 1 4  ? -2.817  -7.912  -8.532  1.00 2.54 ? 4  THR A HG1  1 
ATOM 49   H HG21 . THR A 1 4  ? -3.080  -4.072  -8.817  1.00 1.74 ? 4  THR A HG21 1 
ATOM 50   H HG22 . THR A 1 4  ? -1.640  -5.019  -9.190  1.00 1.89 ? 4  THR A HG22 1 
ATOM 51   H HG23 . THR A 1 4  ? -2.801  -4.640  -10.464 1.00 1.67 ? 4  THR A HG23 1 
ATOM 52   N N    . ASN A 1 5  ? -5.456  -4.816  -6.298  1.00 0.56 ? 5  ASN A N    1 
ATOM 53   C CA   . ASN A 1 5  ? -5.263  -4.080  -5.018  1.00 0.28 ? 5  ASN A CA   1 
ATOM 54   C C    . ASN A 1 5  ? -3.980  -4.551  -4.330  1.00 0.27 ? 5  ASN A C    1 
ATOM 55   O O    . ASN A 1 5  ? -3.679  -5.727  -4.285  1.00 0.41 ? 5  ASN A O    1 
ATOM 56   C CB   . ASN A 1 5  ? -6.473  -4.343  -4.121  1.00 0.53 ? 5  ASN A CB   1 
ATOM 57   C CG   . ASN A 1 5  ? -6.176  -3.930  -2.677  1.00 1.25 ? 5  ASN A CG   1 
ATOM 58   O OD1  . ASN A 1 5  ? -5.180  -4.328  -2.104  1.00 2.19 ? 5  ASN A OD1  1 
ATOM 59   N ND2  . ASN A 1 5  ? -7.015  -3.147  -2.056  1.00 1.61 ? 5  ASN A ND2  1 
ATOM 60   H H    . ASN A 1 5  ? -6.355  -5.105  -6.559  1.00 1.24 ? 5  ASN A H    1 
ATOM 61   H HA   . ASN A 1 5  ? -5.192  -3.021  -5.220  1.00 0.51 ? 5  ASN A HA   1 
ATOM 62   H HB2  . ASN A 1 5  ? -7.313  -3.773  -4.488  1.00 1.06 ? 5  ASN A HB2  1 
ATOM 63   H HB3  . ASN A 1 5  ? -6.715  -5.394  -4.150  1.00 1.25 ? 5  ASN A HB3  1 
ATOM 64   H HD21 . ASN A 1 5  ? -7.822  -2.831  -2.515  1.00 1.68 ? 5  ASN A HD21 1 
ATOM 65   H HD22 . ASN A 1 5  ? -6.842  -2.880  -1.132  1.00 2.28 ? 5  ASN A HD22 1 
ATOM 66   N N    . LEU A 1 6  ? -3.223  -3.632  -3.792  1.00 0.26 ? 6  LEU A N    1 
ATOM 67   C CA   . LEU A 1 6  ? -1.956  -4.005  -3.103  1.00 0.30 ? 6  LEU A CA   1 
ATOM 68   C C    . LEU A 1 6  ? -2.032  -3.596  -1.637  1.00 0.29 ? 6  LEU A C    1 
ATOM 69   O O    . LEU A 1 6  ? -3.001  -3.022  -1.189  1.00 0.23 ? 6  LEU A O    1 
ATOM 70   C CB   . LEU A 1 6  ? -0.790  -3.263  -3.750  1.00 0.35 ? 6  LEU A CB   1 
ATOM 71   C CG   . LEU A 1 6  ? -0.895  -3.364  -5.265  1.00 0.36 ? 6  LEU A CG   1 
ATOM 72   C CD1  . LEU A 1 6  ? 0.332   -2.707  -5.892  1.00 0.36 ? 6  LEU A CD1  1 
ATOM 73   C CD2  . LEU A 1 6  ? -0.952  -4.837  -5.674  1.00 0.38 ? 6  LEU A CD2  1 
ATOM 74   H H    . LEU A 1 6  ? -3.490  -2.691  -3.843  1.00 0.35 ? 6  LEU A H    1 
ATOM 75   H HA   . LEU A 1 6  ? -1.793  -5.069  -3.176  1.00 0.35 ? 6  LEU A HA   1 
ATOM 76   H HB2  . LEU A 1 6  ? -0.818  -2.224  -3.456  1.00 0.37 ? 6  LEU A HB2  1 
ATOM 77   H HB3  . LEU A 1 6  ? 0.141   -3.701  -3.426  1.00 0.42 ? 6  LEU A HB3  1 
ATOM 78   H HG   . LEU A 1 6  ? -1.788  -2.857  -5.601  1.00 0.43 ? 6  LEU A HG   1 
ATOM 79   H HD11 . LEU A 1 6  ? 1.218   -3.032  -5.371  1.00 1.00 ? 6  LEU A HD11 1 
ATOM 80   H HD12 . LEU A 1 6  ? 0.399   -2.988  -6.931  1.00 1.10 ? 6  LEU A HD12 1 
ATOM 81   H HD13 . LEU A 1 6  ? 0.243   -1.635  -5.814  1.00 1.09 ? 6  LEU A HD13 1 
ATOM 82   H HD21 . LEU A 1 6  ? -1.682  -5.352  -5.067  1.00 1.02 ? 6  LEU A HD21 1 
ATOM 83   H HD22 . LEU A 1 6  ? -1.231  -4.912  -6.715  1.00 1.07 ? 6  LEU A HD22 1 
ATOM 84   H HD23 . LEU A 1 6  ? 0.018   -5.285  -5.529  1.00 1.04 ? 6  LEU A HD23 1 
ATOM 85   N N    . ILE A 1 7  ? -1.004  -3.880  -0.893  1.00 0.40 ? 7  ILE A N    1 
ATOM 86   C CA   . ILE A 1 7  ? -0.999  -3.499  0.546   1.00 0.40 ? 7  ILE A CA   1 
ATOM 87   C C    . ILE A 1 7  ? 0.317   -2.792  0.873   1.00 0.38 ? 7  ILE A C    1 
ATOM 88   O O    . ILE A 1 7  ? 1.390   -3.321  0.652   1.00 0.48 ? 7  ILE A O    1 
ATOM 89   C CB   . ILE A 1 7  ? -1.129  -4.747  1.411   1.00 0.41 ? 7  ILE A CB   1 
ATOM 90   C CG1  . ILE A 1 7  ? -0.089  -5.779  0.973   1.00 0.45 ? 7  ILE A CG1  1 
ATOM 91   C CG2  . ILE A 1 7  ? -2.533  -5.337  1.256   1.00 0.52 ? 7  ILE A CG2  1 
ATOM 92   C CD1  . ILE A 1 7  ? -0.239  -7.045  1.818   1.00 0.46 ? 7  ILE A CD1  1 
ATOM 93   H H    . ILE A 1 7  ? -0.230  -4.338  -1.284  1.00 0.49 ? 7  ILE A H    1 
ATOM 94   H HA   . ILE A 1 7  ? -1.824  -2.833  0.749   1.00 0.40 ? 7  ILE A HA   1 
ATOM 95   H HB   . ILE A 1 7  ? -0.963  -4.481  2.444   1.00 0.44 ? 7  ILE A HB   1 
ATOM 96   H HG12 . ILE A 1 7  ? -0.237  -6.020  -0.069  1.00 0.55 ? 7  ILE A HG12 1 
ATOM 97   H HG13 . ILE A 1 7  ? 0.902   -5.373  1.112   1.00 0.51 ? 7  ILE A HG13 1 
ATOM 98   H HG21 . ILE A 1 7  ? -2.970  -4.989  0.331   1.00 1.17 ? 7  ILE A HG21 1 
ATOM 99   H HG22 . ILE A 1 7  ? -2.473  -6.414  1.242   1.00 1.19 ? 7  ILE A HG22 1 
ATOM 100  H HG23 . ILE A 1 7  ? -3.149  -5.021  2.086   1.00 1.11 ? 7  ILE A HG23 1 
ATOM 101  H HD11 . ILE A 1 7  ? -1.286  -7.223  2.017   1.00 1.12 ? 7  ILE A HD11 1 
ATOM 102  H HD12 . ILE A 1 7  ? 0.174   -7.887  1.282   1.00 1.11 ? 7  ILE A HD12 1 
ATOM 103  H HD13 . ILE A 1 7  ? 0.289   -6.920  2.752   1.00 1.13 ? 7  ILE A HD13 1 
ATOM 104  N N    . VAL A 1 8  ? 0.241   -1.601  1.405   1.00 0.37 ? 8  VAL A N    1 
ATOM 105  C CA   . VAL A 1 8  ? 1.485   -0.859  1.760   1.00 0.36 ? 8  VAL A CA   1 
ATOM 106  C C    . VAL A 1 8  ? 1.763   -1.059  3.246   1.00 0.36 ? 8  VAL A C    1 
ATOM 107  O O    . VAL A 1 8  ? 0.935   -0.773  4.084   1.00 0.63 ? 8  VAL A O    1 
ATOM 108  C CB   . VAL A 1 8  ? 1.299   0.632   1.466   1.00 0.40 ? 8  VAL A CB   1 
ATOM 109  C CG1  . VAL A 1 8  ? 2.668   1.304   1.345   1.00 0.38 ? 8  VAL A CG1  1 
ATOM 110  C CG2  . VAL A 1 8  ? 0.532   0.801   0.152   1.00 0.47 ? 8  VAL A CG2  1 
ATOM 111  H H    . VAL A 1 8  ? -0.636  -1.196  1.577   1.00 0.46 ? 8  VAL A H    1 
ATOM 112  H HA   . VAL A 1 8  ? 2.312   -1.245  1.186   1.00 0.36 ? 8  VAL A HA   1 
ATOM 113  H HB   . VAL A 1 8  ? 0.743   1.090   2.272   1.00 0.46 ? 8  VAL A HB   1 
ATOM 114  H HG11 . VAL A 1 8  ? 3.441   0.595   1.605   1.00 1.01 ? 8  VAL A HG11 1 
ATOM 115  H HG12 . VAL A 1 8  ? 2.815   1.642   0.330   1.00 1.11 ? 8  VAL A HG12 1 
ATOM 116  H HG13 . VAL A 1 8  ? 2.714   2.149   2.017   1.00 1.10 ? 8  VAL A HG13 1 
ATOM 117  H HG21 . VAL A 1 8  ? 1.058   0.287   -0.639  1.00 1.24 ? 8  VAL A HG21 1 
ATOM 118  H HG22 . VAL A 1 8  ? -0.458  0.382   0.257   1.00 1.03 ? 8  VAL A HG22 1 
ATOM 119  H HG23 . VAL A 1 8  ? 0.456   1.851   -0.088  1.00 1.05 ? 8  VAL A HG23 1 
ATOM 120  N N    . ASN A 1 9  ? 2.913   -1.561  3.588   1.00 0.30 ? 9  ASN A N    1 
ATOM 121  C CA   . ASN A 1 9  ? 3.201   -1.788  5.033   1.00 0.31 ? 9  ASN A CA   1 
ATOM 122  C C    . ASN A 1 9  ? 4.282   -0.823  5.517   1.00 0.30 ? 9  ASN A C    1 
ATOM 123  O O    . ASN A 1 9  ? 4.672   0.093   4.820   1.00 0.31 ? 9  ASN A O    1 
ATOM 124  C CB   . ASN A 1 9  ? 3.670   -3.230  5.239   1.00 0.34 ? 9  ASN A CB   1 
ATOM 125  C CG   . ASN A 1 9  ? 2.861   -4.165  4.337   1.00 0.51 ? 9  ASN A CG   1 
ATOM 126  O OD1  . ASN A 1 9  ? 2.869   -4.020  3.131   1.00 1.50 ? 9  ASN A OD1  1 
ATOM 127  N ND2  . ASN A 1 9  ? 2.161   -5.127  4.873   1.00 0.76 ? 9  ASN A ND2  1 
ATOM 128  H H    . ASN A 1 9  ? 3.576   -1.796  2.900   1.00 0.48 ? 9  ASN A H    1 
ATOM 129  H HA   . ASN A 1 9  ? 2.299   -1.625  5.603   1.00 0.34 ? 9  ASN A HA   1 
ATOM 130  H HB2  . ASN A 1 9  ? 4.719   -3.308  4.995   1.00 0.33 ? 9  ASN A HB2  1 
ATOM 131  H HB3  . ASN A 1 9  ? 3.514   -3.512  6.271   1.00 0.38 ? 9  ASN A HB3  1 
ATOM 132  H HD21 . ASN A 1 9  ? 2.155   -5.245  5.846   1.00 1.57 ? 9  ASN A HD21 1 
ATOM 133  H HD22 . ASN A 1 9  ? 1.641   -5.731  4.303   1.00 0.71 ? 9  ASN A HD22 1 
ATOM 134  N N    . TYR A 1 10 ? 4.759   -1.024  6.719   1.00 0.33 ? 10 TYR A N    1 
ATOM 135  C CA   . TYR A 1 10 ? 5.809   -0.126  7.280   1.00 0.35 ? 10 TYR A CA   1 
ATOM 136  C C    . TYR A 1 10 ? 5.240   1.282   7.450   1.00 0.36 ? 10 TYR A C    1 
ATOM 137  O O    . TYR A 1 10 ? 5.915   2.267   7.223   1.00 0.49 ? 10 TYR A O    1 
ATOM 138  C CB   . TYR A 1 10 ? 7.018   -0.088  6.340   1.00 0.35 ? 10 TYR A CB   1 
ATOM 139  C CG   . TYR A 1 10 ? 7.763   -1.398  6.428   1.00 0.38 ? 10 TYR A CG   1 
ATOM 140  C CD1  . TYR A 1 10 ? 8.043   -1.961  7.679   1.00 1.27 ? 10 TYR A CD1  1 
ATOM 141  C CD2  . TYR A 1 10 ? 8.171   -2.050  5.260   1.00 1.27 ? 10 TYR A CD2  1 
ATOM 142  C CE1  . TYR A 1 10 ? 8.733   -3.176  7.761   1.00 1.29 ? 10 TYR A CE1  1 
ATOM 143  C CE2  . TYR A 1 10 ? 8.862   -3.264  5.341   1.00 1.29 ? 10 TYR A CE2  1 
ATOM 144  C CZ   . TYR A 1 10 ? 9.143   -3.828  6.591   1.00 0.48 ? 10 TYR A CZ   1 
ATOM 145  O OH   . TYR A 1 10 ? 9.824   -5.025  6.671   1.00 0.54 ? 10 TYR A OH   1 
ATOM 146  H H    . TYR A 1 10 ? 4.417   -1.767  7.258   1.00 0.35 ? 10 TYR A H    1 
ATOM 147  H HA   . TYR A 1 10 ? 6.120   -0.504  8.244   1.00 0.38 ? 10 TYR A HA   1 
ATOM 148  H HB2  . TYR A 1 10 ? 6.684   0.068   5.327   1.00 0.34 ? 10 TYR A HB2  1 
ATOM 149  H HB3  . TYR A 1 10 ? 7.674   0.718   6.632   1.00 0.38 ? 10 TYR A HB3  1 
ATOM 150  H HD1  . TYR A 1 10 ? 7.727   -1.458  8.581   1.00 2.18 ? 10 TYR A HD1  1 
ATOM 151  H HD2  . TYR A 1 10 ? 7.955   -1.616  4.295   1.00 2.18 ? 10 TYR A HD2  1 
ATOM 152  H HE1  . TYR A 1 10 ? 8.951   -3.610  8.725   1.00 2.19 ? 10 TYR A HE1  1 
ATOM 153  H HE2  . TYR A 1 10 ? 9.178   -3.767  4.438   1.00 2.20 ? 10 TYR A HE2  1 
ATOM 154  H HH   . TYR A 1 10 ? 9.196   -5.707  6.919   1.00 1.12 ? 10 TYR A HH   1 
ATOM 155  N N    . LEU A 1 11 ? 4.004   1.386   7.856   1.00 0.39 ? 11 LEU A N    1 
ATOM 156  C CA   . LEU A 1 11 ? 3.392   2.730   8.049   1.00 0.39 ? 11 LEU A CA   1 
ATOM 157  C C    . LEU A 1 11 ? 3.574   3.162   9.506   1.00 0.40 ? 11 LEU A C    1 
ATOM 158  O O    . LEU A 1 11 ? 3.644   2.334   10.392  1.00 0.45 ? 11 LEU A O    1 
ATOM 159  C CB   . LEU A 1 11 ? 1.898   2.669   7.725   1.00 0.39 ? 11 LEU A CB   1 
ATOM 160  C CG   . LEU A 1 11 ? 1.680   1.787   6.495   1.00 0.43 ? 11 LEU A CG   1 
ATOM 161  C CD1  . LEU A 1 11 ? 0.182   1.674   6.206   1.00 0.40 ? 11 LEU A CD1  1 
ATOM 162  C CD2  . LEU A 1 11 ? 2.382   2.418   5.293   1.00 0.49 ? 11 LEU A CD2  1 
ATOM 163  H H    . LEU A 1 11 ? 3.480   0.579   8.040   1.00 0.49 ? 11 LEU A H    1 
ATOM 164  H HA   . LEU A 1 11 ? 3.875   3.445   7.398   1.00 0.43 ? 11 LEU A HA   1 
ATOM 165  H HB2  . LEU A 1 11 ? 1.364   2.256   8.569   1.00 0.39 ? 11 LEU A HB2  1 
ATOM 166  H HB3  . LEU A 1 11 ? 1.534   3.664   7.521   1.00 0.42 ? 11 LEU A HB3  1 
ATOM 167  H HG   . LEU A 1 11 ? 2.088   0.804   6.680   1.00 0.53 ? 11 LEU A HG   1 
ATOM 168  H HD11 . LEU A 1 11 ? -0.372  1.808   7.123   1.00 1.06 ? 11 LEU A HD11 1 
ATOM 169  H HD12 . LEU A 1 11 ? -0.105  2.436   5.497   1.00 1.12 ? 11 LEU A HD12 1 
ATOM 170  H HD13 . LEU A 1 11 ? -0.032  0.699   5.793   1.00 1.02 ? 11 LEU A HD13 1 
ATOM 171  H HD21 . LEU A 1 11 ? 3.224   3.002   5.635   1.00 1.02 ? 11 LEU A HD21 1 
ATOM 172  H HD22 . LEU A 1 11 ? 2.730   1.640   4.628   1.00 1.03 ? 11 LEU A HD22 1 
ATOM 173  H HD23 . LEU A 1 11 ? 1.690   3.060   4.767   1.00 1.02 ? 11 LEU A HD23 1 
ATOM 174  N N    . PRO A 1 12 ? 3.646   4.451   9.710   1.00 0.39 ? 12 PRO A N    1 
ATOM 175  C CA   . PRO A 1 12 ? 3.818   5.030   11.050  1.00 0.44 ? 12 PRO A CA   1 
ATOM 176  C C    . PRO A 1 12 ? 2.486   5.023   11.806  1.00 0.40 ? 12 PRO A C    1 
ATOM 177  O O    . PRO A 1 12 ? 2.397   5.471   12.932  1.00 0.46 ? 12 PRO A O    1 
ATOM 178  C CB   . PRO A 1 12 ? 4.288   6.461   10.765  1.00 0.49 ? 12 PRO A CB   1 
ATOM 179  C CG   . PRO A 1 12 ? 3.822   6.794   9.327   1.00 0.45 ? 12 PRO A CG   1 
ATOM 180  C CD   . PRO A 1 12 ? 3.560   5.448   8.625   1.00 0.39 ? 12 PRO A CD   1 
ATOM 181  H HA   . PRO A 1 12 ? 4.575   4.497   11.602  1.00 0.51 ? 12 PRO A HA   1 
ATOM 182  H HB2  . PRO A 1 12 ? 3.840   7.145   11.472  1.00 0.50 ? 12 PRO A HB2  1 
ATOM 183  H HB3  . PRO A 1 12 ? 5.363   6.517   10.821  1.00 0.57 ? 12 PRO A HB3  1 
ATOM 184  H HG2  . PRO A 1 12 ? 2.915   7.380   9.358   1.00 0.42 ? 12 PRO A HG2  1 
ATOM 185  H HG3  . PRO A 1 12 ? 4.595   7.334   8.802   1.00 0.53 ? 12 PRO A HG3  1 
ATOM 186  H HD2  . PRO A 1 12 ? 2.576   5.442   8.180   1.00 0.34 ? 12 PRO A HD2  1 
ATOM 187  H HD3  . PRO A 1 12 ? 4.316   5.255   7.879   1.00 0.45 ? 12 PRO A HD3  1 
ATOM 188  N N    . GLN A 1 13 ? 1.448   4.517   11.192  1.00 0.36 ? 13 GLN A N    1 
ATOM 189  C CA   . GLN A 1 13 ? 0.121   4.478   11.873  1.00 0.40 ? 13 GLN A CA   1 
ATOM 190  C C    . GLN A 1 13 ? -0.498  5.880   11.872  1.00 0.41 ? 13 GLN A C    1 
ATOM 191  O O    . GLN A 1 13 ? -1.602  6.080   12.339  1.00 0.58 ? 13 GLN A O    1 
ATOM 192  C CB   . GLN A 1 13 ? 0.296   3.997   13.317  1.00 0.51 ? 13 GLN A CB   1 
ATOM 193  C CG   . GLN A 1 13 ? 1.283   2.827   13.353  1.00 0.65 ? 13 GLN A CG   1 
ATOM 194  C CD   . GLN A 1 13 ? 2.387   3.119   14.373  1.00 0.91 ? 13 GLN A CD   1 
ATOM 195  O OE1  . GLN A 1 13 ? 3.410   3.680   14.033  1.00 1.78 ? 13 GLN A OE1  1 
ATOM 196  N NE2  . GLN A 1 13 ? 2.225   2.757   15.617  1.00 1.38 ? 13 GLN A NE2  1 
ATOM 197  H H    . GLN A 1 13 ? 1.539   4.162   10.283  1.00 0.35 ? 13 GLN A H    1 
ATOM 198  H HA   . GLN A 1 13 ? -0.532  3.799   11.345  1.00 0.40 ? 13 GLN A HA   1 
ATOM 199  H HB2  . GLN A 1 13 ? 0.674   4.806   13.925  1.00 0.56 ? 13 GLN A HB2  1 
ATOM 200  H HB3  . GLN A 1 13 ? -0.658  3.672   13.704  1.00 0.57 ? 13 GLN A HB3  1 
ATOM 201  H HG2  . GLN A 1 13 ? 0.760   1.925   13.637  1.00 0.98 ? 13 GLN A HG2  1 
ATOM 202  H HG3  . GLN A 1 13 ? 1.723   2.695   12.377  1.00 1.10 ? 13 GLN A HG3  1 
ATOM 203  H HE21 . GLN A 1 13 ? 1.401   2.303   15.892  1.00 1.92 ? 13 GLN A HE21 1 
ATOM 204  H HE22 . GLN A 1 13 ? 2.928   2.938   16.275  1.00 1.71 ? 13 GLN A HE22 1 
ATOM 205  N N    . ASP A 1 14 ? 0.201   6.851   11.350  1.00 0.35 ? 14 ASP A N    1 
ATOM 206  C CA   . ASP A 1 14 ? -0.351  8.236   11.321  1.00 0.39 ? 14 ASP A CA   1 
ATOM 207  C C    . ASP A 1 14 ? -0.216  8.820   9.910   1.00 0.35 ? 14 ASP A C    1 
ATOM 208  O O    . ASP A 1 14 ? -0.789  9.845   9.598   1.00 0.53 ? 14 ASP A O    1 
ATOM 209  C CB   . ASP A 1 14 ? 0.413   9.115   12.314  1.00 0.50 ? 14 ASP A CB   1 
ATOM 210  C CG   . ASP A 1 14 ? 1.907   9.077   11.992  1.00 0.54 ? 14 ASP A CG   1 
ATOM 211  O OD1  . ASP A 1 14 ? 2.251   8.587   10.930  1.00 1.19 ? 14 ASP A OD1  1 
ATOM 212  O OD2  . ASP A 1 14 ? 2.682   9.540   12.812  1.00 1.25 ? 14 ASP A OD2  1 
ATOM 213  H H    . ASP A 1 14 ? 1.088   6.669   10.979  1.00 0.40 ? 14 ASP A H    1 
ATOM 214  H HA   . ASP A 1 14 ? -1.396  8.209   11.597  1.00 0.42 ? 14 ASP A HA   1 
ATOM 215  H HB2  . ASP A 1 14 ? 0.054   10.132  12.243  1.00 0.56 ? 14 ASP A HB2  1 
ATOM 216  H HB3  . ASP A 1 14 ? 0.253   8.748   13.317  1.00 0.58 ? 14 ASP A HB3  1 
ATOM 217  N N    . MET A 1 15 ? 0.535   8.179   9.054   1.00 0.38 ? 15 MET A N    1 
ATOM 218  C CA   . MET A 1 15 ? 0.699   8.698   7.671   1.00 0.34 ? 15 MET A CA   1 
ATOM 219  C C    . MET A 1 15 ? -0.662  8.727   6.976   1.00 0.30 ? 15 MET A C    1 
ATOM 220  O O    . MET A 1 15 ? -1.650  8.262   7.507   1.00 0.32 ? 15 MET A O    1 
ATOM 221  C CB   . MET A 1 15 ? 1.655   7.783   6.902   1.00 0.37 ? 15 MET A CB   1 
ATOM 222  C CG   . MET A 1 15 ? 0.946   6.474   6.546   1.00 0.52 ? 15 MET A CG   1 
ATOM 223  S SD   . MET A 1 15 ? 2.115   5.363   5.722   1.00 0.52 ? 15 MET A SD   1 
ATOM 224  C CE   . MET A 1 15 ? 1.320   5.364   4.098   1.00 1.81 ? 15 MET A CE   1 
ATOM 225  H H    . MET A 1 15 ? 0.988   7.355   9.316   1.00 0.57 ? 15 MET A H    1 
ATOM 226  H HA   . MET A 1 15 ? 1.106   9.697   7.704   1.00 0.36 ? 15 MET A HA   1 
ATOM 227  H HB2  . MET A 1 15 ? 1.973   8.278   6.001   1.00 0.46 ? 15 MET A HB2  1 
ATOM 228  H HB3  . MET A 1 15 ? 2.516   7.568   7.518   1.00 0.55 ? 15 MET A HB3  1 
ATOM 229  H HG2  . MET A 1 15 ? 0.578   6.006   7.447   1.00 0.80 ? 15 MET A HG2  1 
ATOM 230  H HG3  . MET A 1 15 ? 0.119   6.680   5.884   1.00 0.75 ? 15 MET A HG3  1 
ATOM 231  H HE1  . MET A 1 15 ? 0.289   5.062   4.203   1.00 2.41 ? 15 MET A HE1  1 
ATOM 232  H HE2  . MET A 1 15 ? 1.371   6.359   3.675   1.00 2.17 ? 15 MET A HE2  1 
ATOM 233  H HE3  . MET A 1 15 ? 1.832   4.674   3.446   1.00 2.42 ? 15 MET A HE3  1 
ATOM 234  N N    . THR A 1 16 ? -0.723  9.272   5.794   1.00 0.29 ? 16 THR A N    1 
ATOM 235  C CA   . THR A 1 16 ? -2.025  9.331   5.074   1.00 0.27 ? 16 THR A CA   1 
ATOM 236  C C    . THR A 1 16 ? -1.838  8.883   3.621   1.00 0.25 ? 16 THR A C    1 
ATOM 237  O O    . THR A 1 16 ? -0.827  9.151   2.993   1.00 0.24 ? 16 THR A O    1 
ATOM 238  C CB   . THR A 1 16 ? -2.560  10.766  5.102   1.00 0.29 ? 16 THR A CB   1 
ATOM 239  O OG1  . THR A 1 16 ? -1.862  11.550  4.144   1.00 0.31 ? 16 THR A OG1  1 
ATOM 240  C CG2  . THR A 1 16 ? -2.359  11.362  6.495   1.00 0.33 ? 16 THR A CG2  1 
ATOM 241  H H    . THR A 1 16 ? 0.085   9.645   5.384   1.00 0.32 ? 16 THR A H    1 
ATOM 242  H HA   . THR A 1 16 ? -2.732  8.677   5.562   1.00 0.30 ? 16 THR A HA   1 
ATOM 243  H HB   . THR A 1 16 ? -3.613  10.762  4.866   1.00 0.32 ? 16 THR A HB   1 
ATOM 244  H HG1  . THR A 1 16 ? -2.061  12.473  4.317   1.00 0.68 ? 16 THR A HG1  1 
ATOM 245  H HG21 . THR A 1 16 ? -2.724  10.670  7.240   1.00 1.00 ? 16 THR A HG21 1 
ATOM 246  H HG22 . THR A 1 16 ? -1.308  11.546  6.661   1.00 0.98 ? 16 THR A HG22 1 
ATOM 247  H HG23 . THR A 1 16 ? -2.904  12.292  6.570   1.00 0.96 ? 16 THR A HG23 1 
ATOM 248  N N    . ASP A 1 17 ? -2.816  8.209   3.076   1.00 0.28 ? 17 ASP A N    1 
ATOM 249  C CA   . ASP A 1 17 ? -2.708  7.756   1.662   1.00 0.28 ? 17 ASP A CA   1 
ATOM 250  C C    . ASP A 1 17 ? -2.474  8.972   0.766   1.00 0.24 ? 17 ASP A C    1 
ATOM 251  O O    . ASP A 1 17 ? -2.083  8.842   -0.371  1.00 0.23 ? 17 ASP A O    1 
ATOM 252  C CB   . ASP A 1 17 ? -4.005  7.063   1.244   1.00 0.34 ? 17 ASP A CB   1 
ATOM 253  C CG   . ASP A 1 17 ? -4.090  5.691   1.909   1.00 0.52 ? 17 ASP A CG   1 
ATOM 254  O OD1  . ASP A 1 17 ? -3.047  5.129   2.201   1.00 1.34 ? 17 ASP A OD1  1 
ATOM 255  O OD2  . ASP A 1 17 ? -5.197  5.224   2.115   1.00 1.12 ? 17 ASP A OD2  1 
ATOM 256  H H    . ASP A 1 17 ? -3.624  8.013   3.594   1.00 0.31 ? 17 ASP A H    1 
ATOM 257  H HA   . ASP A 1 17 ? -1.878  7.063   1.563   1.00 0.29 ? 17 ASP A HA   1 
ATOM 258  H HB2  . ASP A 1 17 ? -4.849  7.665   1.551   1.00 0.42 ? 17 ASP A HB2  1 
ATOM 259  H HB3  . ASP A 1 17 ? -4.020  6.943   0.172   1.00 0.41 ? 17 ASP A HB3  1 
ATOM 260  N N    . ARG A 1 18 ? -2.713  10.155  1.273   1.00 0.24 ? 18 ARG A N    1 
ATOM 261  C CA   . ARG A 1 18 ? -2.495  11.382  0.450   1.00 0.24 ? 18 ARG A CA   1 
ATOM 262  C C    . ARG A 1 18 ? -1.000  11.517  0.155   1.00 0.23 ? 18 ARG A C    1 
ATOM 263  O O    . ARG A 1 18 ? -0.575  11.538  -0.988  1.00 0.23 ? 18 ARG A O    1 
ATOM 264  C CB   . ARG A 1 18 ? -2.978  12.612  1.222   1.00 0.29 ? 18 ARG A CB   1 
ATOM 265  C CG   . ARG A 1 18 ? -4.142  13.261  0.471   1.00 0.82 ? 18 ARG A CG   1 
ATOM 266  C CD   . ARG A 1 18 ? -4.960  14.119  1.437   1.00 1.32 ? 18 ARG A CD   1 
ATOM 267  N NE   . ARG A 1 18 ? -4.922  15.542  0.995   1.00 2.08 ? 18 ARG A NE   1 
ATOM 268  C CZ   . ARG A 1 18 ? -5.879  16.018  0.247   1.00 2.69 ? 18 ARG A CZ   1 
ATOM 269  N NH1  . ARG A 1 18 ? -6.589  15.214  -0.495  1.00 3.11 ? 18 ARG A NH1  1 
ATOM 270  N NH2  . ARG A 1 18 ? -6.126  17.300  0.240   1.00 3.43 ? 18 ARG A NH2  1 
ATOM 271  H H    . ARG A 1 18 ? -3.034  10.235  2.196   1.00 0.27 ? 18 ARG A H    1 
ATOM 272  H HA   . ARG A 1 18 ? -3.041  11.297  -0.478  1.00 0.26 ? 18 ARG A HA   1 
ATOM 273  H HB2  . ARG A 1 18 ? -3.306  12.312  2.208   1.00 0.71 ? 18 ARG A HB2  1 
ATOM 274  H HB3  . ARG A 1 18 ? -2.170  13.322  1.313   1.00 0.71 ? 18 ARG A HB3  1 
ATOM 275  H HG2  . ARG A 1 18 ? -3.755  13.882  -0.323  1.00 1.39 ? 18 ARG A HG2  1 
ATOM 276  H HG3  . ARG A 1 18 ? -4.773  12.492  0.053   1.00 1.50 ? 18 ARG A HG3  1 
ATOM 277  H HD2  . ARG A 1 18 ? -5.983  13.774  1.448   1.00 1.84 ? 18 ARG A HD2  1 
ATOM 278  H HD3  . ARG A 1 18 ? -4.544  14.040  2.431   1.00 1.82 ? 18 ARG A HD3  1 
ATOM 279  H HE   . ARG A 1 18 ? -4.177  16.119  1.265   1.00 2.57 ? 18 ARG A HE   1 
ATOM 280  H HH11 . ARG A 1 18 ? -6.401  14.232  -0.491  1.00 3.13 ? 18 ARG A HH11 1 
ATOM 281  H HH12 . ARG A 1 18 ? -7.323  15.579  -1.068  1.00 3.75 ? 18 ARG A HH12 1 
ATOM 282  H HH21 . ARG A 1 18 ? -5.583  17.918  0.807   1.00 3.68 ? 18 ARG A HH21 1 
ATOM 283  H HH22 . ARG A 1 18 ? -6.861  17.664  -0.333  1.00 4.02 ? 18 ARG A HH22 1 
ATOM 284  N N    . GLU A 1 19 ? -0.189  11.586  1.176   1.00 0.24 ? 19 GLU A N    1 
ATOM 285  C CA   . GLU A 1 19 ? 1.274   11.685  0.939   1.00 0.26 ? 19 GLU A CA   1 
ATOM 286  C C    . GLU A 1 19 ? 1.678   10.481  0.097   1.00 0.23 ? 19 GLU A C    1 
ATOM 287  O O    . GLU A 1 19 ? 2.550   10.551  -0.746  1.00 0.25 ? 19 GLU A O    1 
ATOM 288  C CB   . GLU A 1 19 ? 2.021   11.654  2.273   1.00 0.31 ? 19 GLU A CB   1 
ATOM 289  C CG   . GLU A 1 19 ? 1.366   10.636  3.208   1.00 0.31 ? 19 GLU A CG   1 
ATOM 290  C CD   . GLU A 1 19 ? 2.309   10.338  4.376   1.00 0.40 ? 19 GLU A CD   1 
ATOM 291  O OE1  . GLU A 1 19 ? 2.421   11.179  5.251   1.00 1.13 ? 19 GLU A OE1  1 
ATOM 292  O OE2  . GLU A 1 19 ? 2.903   9.272   4.373   1.00 1.20 ? 19 GLU A OE2  1 
ATOM 293  H H    . GLU A 1 19 ? -0.541  11.552  2.089   1.00 0.26 ? 19 GLU A H    1 
ATOM 294  H HA   . GLU A 1 19 ? 1.500   12.598  0.407   1.00 0.28 ? 19 GLU A HA   1 
ATOM 295  H HB2  . GLU A 1 19 ? 3.048   11.370  2.098   1.00 0.33 ? 19 GLU A HB2  1 
ATOM 296  H HB3  . GLU A 1 19 ? 1.989   12.633  2.728   1.00 0.34 ? 19 GLU A HB3  1 
ATOM 297  H HG2  . GLU A 1 19 ? 0.439   11.042  3.588   1.00 0.38 ? 19 GLU A HG2  1 
ATOM 298  H HG3  . GLU A 1 19 ? 1.167   9.725   2.666   1.00 0.30 ? 19 GLU A HG3  1 
ATOM 299  N N    . LEU A 1 20 ? 1.015   9.379   0.315   1.00 0.22 ? 20 LEU A N    1 
ATOM 300  C CA   . LEU A 1 20 ? 1.308   8.150   -0.472  1.00 0.21 ? 20 LEU A CA   1 
ATOM 301  C C    . LEU A 1 20 ? 1.004   8.421   -1.930  1.00 0.18 ? 20 LEU A C    1 
ATOM 302  O O    . LEU A 1 20 ? 1.660   7.937   -2.824  1.00 0.18 ? 20 LEU A O    1 
ATOM 303  C CB   . LEU A 1 20 ? 0.380   7.020   -0.017  1.00 0.25 ? 20 LEU A CB   1 
ATOM 304  C CG   . LEU A 1 20 ? 0.866   6.347   1.270   1.00 0.31 ? 20 LEU A CG   1 
ATOM 305  C CD1  . LEU A 1 20 ? 0.656   4.845   1.117   1.00 0.35 ? 20 LEU A CD1  1 
ATOM 306  C CD2  . LEU A 1 20 ? 2.350   6.634   1.514   1.00 0.37 ? 20 LEU A CD2  1 
ATOM 307  H H    . LEU A 1 20 ? 0.304   9.367   0.992   1.00 0.23 ? 20 LEU A H    1 
ATOM 308  H HA   . LEU A 1 20 ? 2.339   7.865   -0.359  1.00 0.24 ? 20 LEU A HA   1 
ATOM 309  H HB2  . LEU A 1 20 ? -0.605  7.425   0.156   1.00 0.25 ? 20 LEU A HB2  1 
ATOM 310  H HB3  . LEU A 1 20 ? 0.320   6.279   -0.801  1.00 0.25 ? 20 LEU A HB3  1 
ATOM 311  H HG   . LEU A 1 20 ? 0.281   6.707   2.105   1.00 0.34 ? 20 LEU A HG   1 
ATOM 312  H HD11 . LEU A 1 20 ? -0.261  4.670   0.569   1.00 1.19 ? 20 LEU A HD11 1 
ATOM 313  H HD12 . LEU A 1 20 ? 1.484   4.420   0.570   1.00 0.98 ? 20 LEU A HD12 1 
ATOM 314  H HD13 . LEU A 1 20 ? 0.588   4.387   2.089   1.00 1.05 ? 20 LEU A HD13 1 
ATOM 315  H HD21 . LEU A 1 20 ? 2.912   6.391   0.625   1.00 1.14 ? 20 LEU A HD21 1 
ATOM 316  H HD22 . LEU A 1 20 ? 2.476   7.683   1.744   1.00 0.96 ? 20 LEU A HD22 1 
ATOM 317  H HD23 . LEU A 1 20 ? 2.701   6.039   2.339   1.00 1.11 ? 20 LEU A HD23 1 
ATOM 318  N N    . TYR A 1 21 ? -0.013  9.178   -2.159  1.00 0.18 ? 21 TYR A N    1 
ATOM 319  C CA   . TYR A 1 21 ? -0.421  9.491   -3.551  1.00 0.18 ? 21 TYR A CA   1 
ATOM 320  C C    . TYR A 1 21 ? 0.679   10.319  -4.202  1.00 0.20 ? 21 TYR A C    1 
ATOM 321  O O    . TYR A 1 21 ? 0.914   10.243  -5.391  1.00 0.26 ? 21 TYR A O    1 
ATOM 322  C CB   . TYR A 1 21 ? -1.731  10.279  -3.528  1.00 0.19 ? 21 TYR A CB   1 
ATOM 323  C CG   . TYR A 1 21 ? -2.426  10.138  -4.859  1.00 0.21 ? 21 TYR A CG   1 
ATOM 324  C CD1  . TYR A 1 21 ? -2.609  8.869   -5.422  1.00 0.37 ? 21 TYR A CD1  1 
ATOM 325  C CD2  . TYR A 1 21 ? -2.892  11.275  -5.525  1.00 0.27 ? 21 TYR A CD2  1 
ATOM 326  C CE1  . TYR A 1 21 ? -3.260  8.739   -6.654  1.00 0.41 ? 21 TYR A CE1  1 
ATOM 327  C CE2  . TYR A 1 21 ? -3.544  11.146  -6.757  1.00 0.29 ? 21 TYR A CE2  1 
ATOM 328  C CZ   . TYR A 1 21 ? -3.729  9.877   -7.321  1.00 0.30 ? 21 TYR A CZ   1 
ATOM 329  O OH   . TYR A 1 21 ? -4.371  9.751   -8.537  1.00 0.36 ? 21 TYR A OH   1 
ATOM 330  H H    . TYR A 1 21 ? -0.516  9.532   -1.403  1.00 0.20 ? 21 TYR A H    1 
ATOM 331  H HA   . TYR A 1 21 ? -0.559  8.573   -4.103  1.00 0.18 ? 21 TYR A HA   1 
ATOM 332  H HB2  . TYR A 1 21 ? -2.369  9.891   -2.747  1.00 0.21 ? 21 TYR A HB2  1 
ATOM 333  H HB3  . TYR A 1 21 ? -1.521  11.320  -3.340  1.00 0.21 ? 21 TYR A HB3  1 
ATOM 334  H HD1  . TYR A 1 21 ? -2.246  7.989   -4.904  1.00 0.50 ? 21 TYR A HD1  1 
ATOM 335  H HD2  . TYR A 1 21 ? -2.748  12.251  -5.090  1.00 0.40 ? 21 TYR A HD2  1 
ATOM 336  H HE1  . TYR A 1 21 ? -3.403  7.761   -7.089  1.00 0.58 ? 21 TYR A HE1  1 
ATOM 337  H HE2  . TYR A 1 21 ? -3.905  12.024  -7.272  1.00 0.40 ? 21 TYR A HE2  1 
ATOM 338  H HH   . TYR A 1 21 ? -3.930  10.327  -9.167  1.00 0.99 ? 21 TYR A HH   1 
ATOM 339  N N    . ALA A 1 22 ? 1.367   11.100  -3.423  1.00 0.23 ? 22 ALA A N    1 
ATOM 340  C CA   . ALA A 1 22 ? 2.472   11.920  -3.989  1.00 0.29 ? 22 ALA A CA   1 
ATOM 341  C C    . ALA A 1 22 ? 3.511   10.985  -4.618  1.00 0.26 ? 22 ALA A C    1 
ATOM 342  O O    . ALA A 1 22 ? 4.278   11.372  -5.478  1.00 0.29 ? 22 ALA A O    1 
ATOM 343  C CB   . ALA A 1 22 ? 3.129   12.725  -2.868  1.00 0.36 ? 22 ALA A CB   1 
ATOM 344  H H    . ALA A 1 22 ? 1.163   11.137  -2.459  1.00 0.26 ? 22 ALA A H    1 
ATOM 345  H HA   . ALA A 1 22 ? 2.081   12.591  -4.740  1.00 0.32 ? 22 ALA A HA   1 
ATOM 346  H HB1  . ALA A 1 22 ? 2.426   12.847  -2.057  1.00 1.07 ? 22 ALA A HB1  1 
ATOM 347  H HB2  . ALA A 1 22 ? 4.001   12.198  -2.512  1.00 1.04 ? 22 ALA A HB2  1 
ATOM 348  H HB3  . ALA A 1 22 ? 3.420   13.693  -3.243  1.00 1.12 ? 22 ALA A HB3  1 
ATOM 349  N N    . LEU A 1 23 ? 3.539   9.755   -4.181  1.00 0.23 ? 23 LEU A N    1 
ATOM 350  C CA   . LEU A 1 23 ? 4.523   8.772   -4.727  1.00 0.23 ? 23 LEU A CA   1 
ATOM 351  C C    . LEU A 1 23 ? 3.848   7.910   -5.793  1.00 0.21 ? 23 LEU A C    1 
ATOM 352  O O    . LEU A 1 23 ? 4.217   7.913   -6.950  1.00 0.23 ? 23 LEU A O    1 
ATOM 353  C CB   . LEU A 1 23 ? 4.985   7.836   -3.602  1.00 0.26 ? 23 LEU A CB   1 
ATOM 354  C CG   . LEU A 1 23 ? 5.875   8.558   -2.581  1.00 0.29 ? 23 LEU A CG   1 
ATOM 355  C CD1  . LEU A 1 23 ? 7.342   8.382   -2.969  1.00 0.33 ? 23 LEU A CD1  1 
ATOM 356  C CD2  . LEU A 1 23 ? 5.544   10.055  -2.519  1.00 0.31 ? 23 LEU A CD2  1 
ATOM 357  H H    . LEU A 1 23 ? 2.912   9.479   -3.482  1.00 0.23 ? 23 LEU A H    1 
ATOM 358  H HA   . LEU A 1 23 ? 5.372   9.287   -5.148  1.00 0.25 ? 23 LEU A HA   1 
ATOM 359  H HB2  . LEU A 1 23 ? 4.118   7.442   -3.095  1.00 0.26 ? 23 LEU A HB2  1 
ATOM 360  H HB3  . LEU A 1 23 ? 5.541   7.016   -4.034  1.00 0.28 ? 23 LEU A HB3  1 
ATOM 361  H HG   . LEU A 1 23 ? 5.706   8.112   -1.611  1.00 0.30 ? 23 LEU A HG   1 
ATOM 362  H HD11 . LEU A 1 23 ? 7.583   7.329   -2.997  1.00 1.08 ? 23 LEU A HD11 1 
ATOM 363  H HD12 . LEU A 1 23 ? 7.512   8.815   -3.943  1.00 0.99 ? 23 LEU A HD12 1 
ATOM 364  H HD13 . LEU A 1 23 ? 7.969   8.875   -2.241  1.00 1.13 ? 23 LEU A HD13 1 
ATOM 365  H HD21 . LEU A 1 23 ? 5.632   10.484  -3.506  1.00 1.02 ? 23 LEU A HD21 1 
ATOM 366  H HD22 . LEU A 1 23 ? 4.535   10.187  -2.158  1.00 1.05 ? 23 LEU A HD22 1 
ATOM 367  H HD23 . LEU A 1 23 ? 6.234   10.547  -1.850  1.00 1.11 ? 23 LEU A HD23 1 
ATOM 368  N N    . PHE A 1 24 ? 2.875   7.149   -5.380  1.00 0.20 ? 24 PHE A N    1 
ATOM 369  C CA   . PHE A 1 24 ? 2.152   6.240   -6.309  1.00 0.21 ? 24 PHE A CA   1 
ATOM 370  C C    . PHE A 1 24 ? 1.546   7.023   -7.470  1.00 0.22 ? 24 PHE A C    1 
ATOM 371  O O    . PHE A 1 24 ? 1.688   6.656   -8.618  1.00 0.26 ? 24 PHE A O    1 
ATOM 372  C CB   . PHE A 1 24 ? 1.040   5.540   -5.530  1.00 0.22 ? 24 PHE A CB   1 
ATOM 373  C CG   . PHE A 1 24 ? 1.558   5.085   -4.181  1.00 0.19 ? 24 PHE A CG   1 
ATOM 374  C CD1  . PHE A 1 24 ? 2.929   4.877   -3.987  1.00 1.18 ? 24 PHE A CD1  1 
ATOM 375  C CD2  . PHE A 1 24 ? 0.664   4.846   -3.126  1.00 1.20 ? 24 PHE A CD2  1 
ATOM 376  C CE1  . PHE A 1 24 ? 3.404   4.436   -2.750  1.00 1.17 ? 24 PHE A CE1  1 
ATOM 377  C CE2  . PHE A 1 24 ? 1.141   4.400   -1.894  1.00 1.22 ? 24 PHE A CE2  1 
ATOM 378  C CZ   . PHE A 1 24 ? 2.511   4.193   -1.703  1.00 0.24 ? 24 PHE A CZ   1 
ATOM 379  H H    . PHE A 1 24 ? 2.628   7.161   -4.437  1.00 0.20 ? 24 PHE A H    1 
ATOM 380  H HA   . PHE A 1 24 ? 2.836   5.509   -6.698  1.00 0.24 ? 24 PHE A HA   1 
ATOM 381  H HB2  . PHE A 1 24 ? 0.221   6.226   -5.383  1.00 0.24 ? 24 PHE A HB2  1 
ATOM 382  H HB3  . PHE A 1 24 ? 0.695   4.683   -6.089  1.00 0.27 ? 24 PHE A HB3  1 
ATOM 383  H HD1  . PHE A 1 24 ? 3.622   5.071   -4.786  1.00 2.09 ? 24 PHE A HD1  1 
ATOM 384  H HD2  . PHE A 1 24 ? -0.394  5.014   -3.257  1.00 2.10 ? 24 PHE A HD2  1 
ATOM 385  H HE1  . PHE A 1 24 ? 4.462   4.276   -2.606  1.00 2.07 ? 24 PHE A HE1  1 
ATOM 386  H HE2  . PHE A 1 24 ? 0.450   4.214   -1.090  1.00 2.12 ? 24 PHE A HE2  1 
ATOM 387  H HZ   . PHE A 1 24 ? 2.878   3.847   -0.748  1.00 0.29 ? 24 PHE A HZ   1 
ATOM 388  N N    . ARG A 1 25 ? 0.866   8.092   -7.188  1.00 0.23 ? 25 ARG A N    1 
ATOM 389  C CA   . ARG A 1 25 ? 0.253   8.886   -8.287  1.00 0.25 ? 25 ARG A CA   1 
ATOM 390  C C    . ARG A 1 25 ? 1.285   9.102   -9.397  1.00 0.21 ? 25 ARG A C    1 
ATOM 391  O O    . ARG A 1 25 ? 0.943   9.347   -10.536 1.00 0.23 ? 25 ARG A O    1 
ATOM 392  C CB   . ARG A 1 25 ? -0.205  10.241  -7.750  1.00 0.33 ? 25 ARG A CB   1 
ATOM 393  C CG   . ARG A 1 25 ? -1.069  10.933  -8.805  1.00 0.63 ? 25 ARG A CG   1 
ATOM 394  C CD   . ARG A 1 25 ? -0.201  11.886  -9.629  1.00 1.03 ? 25 ARG A CD   1 
ATOM 395  N NE   . ARG A 1 25 ? -0.979  12.392  -10.795 1.00 1.53 ? 25 ARG A NE   1 
ATOM 396  C CZ   . ARG A 1 25 ? -0.859  13.637  -11.171 1.00 1.99 ? 25 ARG A CZ   1 
ATOM 397  N NH1  . ARG A 1 25 ? -1.180  14.600  -10.351 1.00 2.78 ? 25 ARG A NH1  1 
ATOM 398  N NH2  . ARG A 1 25 ? -0.416  13.920  -12.366 1.00 2.42 ? 25 ARG A NH2  1 
ATOM 399  H H    . ARG A 1 25 ? 0.757   8.368   -6.257  1.00 0.27 ? 25 ARG A H    1 
ATOM 400  H HA   . ARG A 1 25 ? -0.597  8.351   -8.685  1.00 0.29 ? 25 ARG A HA   1 
ATOM 401  H HB2  . ARG A 1 25 ? -0.782  10.095  -6.847  1.00 0.61 ? 25 ARG A HB2  1 
ATOM 402  H HB3  . ARG A 1 25 ? 0.656   10.854  -7.535  1.00 0.69 ? 25 ARG A HB3  1 
ATOM 403  H HG2  . ARG A 1 25 ? -1.508  10.188  -9.453  1.00 1.19 ? 25 ARG A HG2  1 
ATOM 404  H HG3  . ARG A 1 25 ? -1.852  11.492  -8.317  1.00 1.13 ? 25 ARG A HG3  1 
ATOM 405  H HD2  . ARG A 1 25 ? 0.105   12.719  -9.012  1.00 1.57 ? 25 ARG A HD2  1 
ATOM 406  H HD3  . ARG A 1 25 ? 0.675   11.362  -9.980  1.00 1.70 ? 25 ARG A HD3  1 
ATOM 407  H HE   . ARG A 1 25 ? -1.580  11.789  -11.282 1.00 2.17 ? 25 ARG A HE   1 
ATOM 408  H HH11 . ARG A 1 25 ? -1.520  14.384  -9.435  1.00 3.03 ? 25 ARG A HH11 1 
ATOM 409  H HH12 . ARG A 1 25 ? -1.088  15.553  -10.638 1.00 3.43 ? 25 ARG A HH12 1 
ATOM 410  H HH21 . ARG A 1 25 ? -0.169  13.184  -12.996 1.00 2.55 ? 25 ARG A HH21 1 
ATOM 411  H HH22 . ARG A 1 25 ? -0.324  14.875  -12.652 1.00 3.04 ? 25 ARG A HH22 1 
ATOM 412  N N    . ALA A 1 26 ? 2.547   9.013   -9.073  1.00 0.20 ? 26 ALA A N    1 
ATOM 413  C CA   . ALA A 1 26 ? 3.601   9.212   -10.109 1.00 0.24 ? 26 ALA A CA   1 
ATOM 414  C C    . ALA A 1 26 ? 4.068   7.850   -10.620 1.00 0.26 ? 26 ALA A C    1 
ATOM 415  O O    . ALA A 1 26 ? 4.450   7.699   -11.763 1.00 0.32 ? 26 ALA A O    1 
ATOM 416  C CB   . ALA A 1 26 ? 4.786   9.959   -9.495  1.00 0.29 ? 26 ALA A CB   1 
ATOM 417  H H    . ALA A 1 26 ? 2.803   8.814   -8.149  1.00 0.21 ? 26 ALA A H    1 
ATOM 418  H HA   . ALA A 1 26 ? 3.196   9.787   -10.928 1.00 0.27 ? 26 ALA A HA   1 
ATOM 419  H HB1  . ALA A 1 26 ? 4.734   9.894   -8.417  1.00 1.03 ? 26 ALA A HB1  1 
ATOM 420  H HB2  . ALA A 1 26 ? 5.708   9.515   -9.838  1.00 1.08 ? 26 ALA A HB2  1 
ATOM 421  H HB3  . ALA A 1 26 ? 4.753   10.996  -9.795  1.00 1.07 ? 26 ALA A HB3  1 
ATOM 422  N N    . ILE A 1 27 ? 4.035   6.854   -9.777  1.00 0.28 ? 27 ILE A N    1 
ATOM 423  C CA   . ILE A 1 27 ? 4.473   5.498   -10.205 1.00 0.34 ? 27 ILE A CA   1 
ATOM 424  C C    . ILE A 1 27 ? 3.353   4.825   -10.995 1.00 0.36 ? 27 ILE A C    1 
ATOM 425  O O    . ILE A 1 27 ? 3.474   4.574   -12.178 1.00 0.44 ? 27 ILE A O    1 
ATOM 426  C CB   . ILE A 1 27 ? 4.794   4.658   -8.968  1.00 0.37 ? 27 ILE A CB   1 
ATOM 427  C CG1  . ILE A 1 27 ? 5.968   5.291   -8.221  1.00 0.45 ? 27 ILE A CG1  1 
ATOM 428  C CG2  . ILE A 1 27 ? 5.169   3.240   -9.398  1.00 0.46 ? 27 ILE A CG2  1 
ATOM 429  C CD1  . ILE A 1 27 ? 5.751   5.143   -6.715  1.00 0.68 ? 27 ILE A CD1  1 
ATOM 430  H H    . ILE A 1 27 ? 3.723   7.002   -8.861  1.00 0.27 ? 27 ILE A H    1 
ATOM 431  H HA   . ILE A 1 27 ? 5.351   5.580   -10.823 1.00 0.38 ? 27 ILE A HA   1 
ATOM 432  H HB   . ILE A 1 27 ? 3.929   4.619   -8.321  1.00 0.33 ? 27 ILE A HB   1 
ATOM 433  H HG12 . ILE A 1 27 ? 6.885   4.794   -8.503  1.00 0.61 ? 27 ILE A HG12 1 
ATOM 434  H HG13 . ILE A 1 27 ? 6.033   6.339   -8.472  1.00 0.43 ? 27 ILE A HG13 1 
ATOM 435  H HG21 . ILE A 1 27 ? 5.569   3.261   -10.402 1.00 1.19 ? 27 ILE A HG21 1 
ATOM 436  H HG22 . ILE A 1 27 ? 5.912   2.845   -8.723  1.00 1.09 ? 27 ILE A HG22 1 
ATOM 437  H HG23 . ILE A 1 27 ? 4.290   2.612   -9.373  1.00 1.05 ? 27 ILE A HG23 1 
ATOM 438  H HD11 . ILE A 1 27 ? 4.696   5.221   -6.493  1.00 1.09 ? 27 ILE A HD11 1 
ATOM 439  H HD12 . ILE A 1 27 ? 6.115   4.181   -6.396  1.00 1.28 ? 27 ILE A HD12 1 
ATOM 440  H HD13 . ILE A 1 27 ? 6.287   5.923   -6.195  1.00 1.34 ? 27 ILE A HD13 1 
ATOM 441  N N    . GLY A 1 28 ? 2.264   4.530   -10.346 1.00 0.32 ? 28 GLY A N    1 
ATOM 442  C CA   . GLY A 1 28 ? 1.129   3.871   -11.053 1.00 0.36 ? 28 GLY A CA   1 
ATOM 443  C C    . GLY A 1 28 ? -0.137  4.714   -10.883 1.00 0.34 ? 28 GLY A C    1 
ATOM 444  O O    . GLY A 1 28 ? -0.238  5.498   -9.961  1.00 0.35 ? 28 GLY A O    1 
ATOM 445  H H    . GLY A 1 28 ? 2.193   4.743   -9.393  1.00 0.31 ? 28 GLY A H    1 
ATOM 446  H HA2  . GLY A 1 28 ? 1.365   3.779   -12.103 1.00 0.41 ? 28 GLY A HA2  1 
ATOM 447  H HA3  . GLY A 1 28 ? 0.963   2.891   -10.633 1.00 0.37 ? 28 GLY A HA3  1 
ATOM 448  N N    . PRO A 1 29 ? -1.067  4.521   -11.783 1.00 0.40 ? 29 PRO A N    1 
ATOM 449  C CA   . PRO A 1 29 ? -2.350  5.244   -11.769 1.00 0.43 ? 29 PRO A CA   1 
ATOM 450  C C    . PRO A 1 29 ? -3.286  4.629   -10.728 1.00 0.35 ? 29 PRO A C    1 
ATOM 451  O O    . PRO A 1 29 ? -4.259  3.982   -11.059 1.00 0.37 ? 29 PRO A O    1 
ATOM 452  C CB   . PRO A 1 29 ? -2.893  5.039   -13.186 1.00 0.55 ? 29 PRO A CB   1 
ATOM 453  C CG   . PRO A 1 29 ? -2.200  3.770   -13.737 1.00 0.58 ? 29 PRO A CG   1 
ATOM 454  C CD   . PRO A 1 29 ? -0.926  3.561   -12.898 1.00 0.49 ? 29 PRO A CD   1 
ATOM 455  H HA   . PRO A 1 29 ? -2.197  6.294   -11.576 1.00 0.46 ? 29 PRO A HA   1 
ATOM 456  H HB2  . PRO A 1 29 ? -3.965  4.897   -13.153 1.00 0.56 ? 29 PRO A HB2  1 
ATOM 457  H HB3  . PRO A 1 29 ? -2.647  5.887   -13.805 1.00 0.62 ? 29 PRO A HB3  1 
ATOM 458  H HG2  . PRO A 1 29 ? -2.856  2.917   -13.638 1.00 0.59 ? 29 PRO A HG2  1 
ATOM 459  H HG3  . PRO A 1 29 ? -1.933  3.914   -14.773 1.00 0.68 ? 29 PRO A HG3  1 
ATOM 460  H HD2  . PRO A 1 29 ? -0.882  2.548   -12.524 1.00 0.49 ? 29 PRO A HD2  1 
ATOM 461  H HD3  . PRO A 1 29 ? -0.046  3.793   -13.478 1.00 0.54 ? 29 PRO A HD3  1 
ATOM 462  N N    . ILE A 1 30 ? -2.994  4.822   -9.473  1.00 0.32 ? 30 ILE A N    1 
ATOM 463  C CA   . ILE A 1 30 ? -3.860  4.244   -8.408  1.00 0.32 ? 30 ILE A CA   1 
ATOM 464  C C    . ILE A 1 30 ? -5.320  4.620   -8.662  1.00 0.30 ? 30 ILE A C    1 
ATOM 465  O O    . ILE A 1 30 ? -5.618  5.682   -9.171  1.00 0.39 ? 30 ILE A O    1 
ATOM 466  C CB   . ILE A 1 30 ? -3.459  4.808   -7.047  1.00 0.47 ? 30 ILE A CB   1 
ATOM 467  C CG1  . ILE A 1 30 ? -2.052  4.344   -6.665  1.00 0.38 ? 30 ILE A CG1  1 
ATOM 468  C CG2  . ILE A 1 30 ? -4.451  4.313   -5.998  1.00 0.73 ? 30 ILE A CG2  1 
ATOM 469  C CD1  . ILE A 1 30 ? -1.731  4.851   -5.263  1.00 0.44 ? 30 ILE A CD1  1 
ATOM 470  H H    . ILE A 1 30 ? -2.202  5.345   -9.230  1.00 0.35 ? 30 ILE A H    1 
ATOM 471  H HA   . ILE A 1 30 ? -3.758  3.170   -8.398  1.00 0.33 ? 30 ILE A HA   1 
ATOM 472  H HB   . ILE A 1 30 ? -3.487  5.887   -7.085  1.00 0.58 ? 30 ILE A HB   1 
ATOM 473  H HG12 . ILE A 1 30 ? -2.008  3.264   -6.675  1.00 0.46 ? 30 ILE A HG12 1 
ATOM 474  H HG13 . ILE A 1 30 ? -1.332  4.744   -7.363  1.00 0.36 ? 30 ILE A HG13 1 
ATOM 475  H HG21 . ILE A 1 30 ? -4.975  3.451   -6.378  1.00 1.22 ? 30 ILE A HG21 1 
ATOM 476  H HG22 . ILE A 1 30 ? -3.920  4.043   -5.098  1.00 1.35 ? 30 ILE A HG22 1 
ATOM 477  H HG23 . ILE A 1 30 ? -5.162  5.096   -5.777  1.00 1.27 ? 30 ILE A HG23 1 
ATOM 478  H HD11 . ILE A 1 30 ? -2.558  4.637   -4.604  1.00 1.15 ? 30 ILE A HD11 1 
ATOM 479  H HD12 . ILE A 1 30 ? -0.844  4.359   -4.900  1.00 1.10 ? 30 ILE A HD12 1 
ATOM 480  H HD13 . ILE A 1 30 ? -1.567  5.919   -5.296  1.00 1.07 ? 30 ILE A HD13 1 
ATOM 481  N N    . ASN A 1 31 ? -6.232  3.768   -8.285  1.00 0.25 ? 31 ASN A N    1 
ATOM 482  C CA   . ASN A 1 31 ? -7.674  4.092   -8.478  1.00 0.26 ? 31 ASN A CA   1 
ATOM 483  C C    . ASN A 1 31 ? -8.301  4.391   -7.111  1.00 0.27 ? 31 ASN A C    1 
ATOM 484  O O    . ASN A 1 31 ? -9.348  4.999   -7.016  1.00 0.32 ? 31 ASN A O    1 
ATOM 485  C CB   . ASN A 1 31 ? -8.395  2.911   -9.131  1.00 0.29 ? 31 ASN A CB   1 
ATOM 486  C CG   . ASN A 1 31 ? -8.273  1.677   -8.246  1.00 0.46 ? 31 ASN A CG   1 
ATOM 487  O OD1  . ASN A 1 31 ? -7.721  1.737   -7.165  1.00 0.86 ? 31 ASN A OD1  1 
ATOM 488  N ND2  . ASN A 1 31 ? -8.767  0.549   -8.665  1.00 1.05 ? 31 ASN A ND2  1 
ATOM 489  H H    . ASN A 1 31 ? -5.970  2.924   -7.859  1.00 0.30 ? 31 ASN A H    1 
ATOM 490  H HA   . ASN A 1 31 ? -7.763  4.964   -9.110  1.00 0.28 ? 31 ASN A HA   1 
ATOM 491  H HB2  . ASN A 1 31 ? -9.439  3.156   -9.264  1.00 0.43 ? 31 ASN A HB2  1 
ATOM 492  H HB3  . ASN A 1 31 ? -7.952  2.699   -10.090 1.00 0.32 ? 31 ASN A HB3  1 
ATOM 493  H HD21 . ASN A 1 31 ? -9.209  0.501   -9.538  1.00 1.53 ? 31 ASN A HD21 1 
ATOM 494  H HD22 . ASN A 1 31 ? -8.693  -0.247  -8.111  1.00 1.20 ? 31 ASN A HD22 1 
ATOM 495  N N    . THR A 1 32 ? -7.659  3.971   -6.051  1.00 0.26 ? 32 THR A N    1 
ATOM 496  C CA   . THR A 1 32 ? -8.203  4.231   -4.686  1.00 0.31 ? 32 THR A CA   1 
ATOM 497  C C    . THR A 1 32 ? -7.111  3.940   -3.651  1.00 0.31 ? 32 THR A C    1 
ATOM 498  O O    . THR A 1 32 ? -6.291  3.064   -3.836  1.00 0.44 ? 32 THR A O    1 
ATOM 499  C CB   . THR A 1 32 ? -9.407  3.319   -4.434  1.00 0.38 ? 32 THR A CB   1 
ATOM 500  O OG1  . THR A 1 32 ? -10.459 3.671   -5.323  1.00 0.54 ? 32 THR A OG1  1 
ATOM 501  C CG2  . THR A 1 32 ? -9.883  3.482   -2.990  1.00 0.46 ? 32 THR A CG2  1 
ATOM 502  H H    . THR A 1 32 ? -6.813  3.484   -6.153  1.00 0.24 ? 32 THR A H    1 
ATOM 503  H HA   . THR A 1 32 ? -8.508  5.264   -4.610  1.00 0.34 ? 32 THR A HA   1 
ATOM 504  H HB   . THR A 1 32 ? -9.122  2.292   -4.600  1.00 0.49 ? 32 THR A HB   1 
ATOM 505  H HG1  . THR A 1 32 ? -11.112 2.967   -5.302  1.00 0.84 ? 32 THR A HG1  1 
ATOM 506  H HG21 . THR A 1 32 ? -9.408  4.347   -2.550  1.00 1.21 ? 32 THR A HG21 1 
ATOM 507  H HG22 . THR A 1 32 ? -10.955 3.615   -2.976  1.00 1.11 ? 32 THR A HG22 1 
ATOM 508  H HG23 . THR A 1 32 ? -9.622  2.602   -2.423  1.00 1.07 ? 32 THR A HG23 1 
ATOM 509  N N    . CYS A 1 33 ? -7.084  4.669   -2.565  1.00 0.25 ? 33 CYS A N    1 
ATOM 510  C CA   . CYS A 1 33 ? -6.030  4.418   -1.537  1.00 0.27 ? 33 CYS A CA   1 
ATOM 511  C C    . CYS A 1 33 ? -6.632  4.544   -0.132  1.00 0.23 ? 33 CYS A C    1 
ATOM 512  O O    . CYS A 1 33 ? -7.044  5.609   0.281   1.00 0.43 ? 33 CYS A O    1 
ATOM 513  C CB   . CYS A 1 33 ? -4.909  5.452   -1.684  1.00 0.42 ? 33 CYS A CB   1 
ATOM 514  S SG   . CYS A 1 33 ? -4.605  5.781   -3.434  1.00 0.82 ? 33 CYS A SG   1 
ATOM 515  H H    . CYS A 1 33 ? -7.748  5.377   -2.429  1.00 0.28 ? 33 CYS A H    1 
ATOM 516  H HA   . CYS A 1 33 ? -5.625  3.424   -1.673  1.00 0.32 ? 33 CYS A HA   1 
ATOM 517  H HB2  . CYS A 1 33 ? -5.197  6.368   -1.194  1.00 0.56 ? 33 CYS A HB2  1 
ATOM 518  H HB3  . CYS A 1 33 ? -4.006  5.070   -1.231  1.00 0.33 ? 33 CYS A HB3  1 
ATOM 519  H HG   . CYS A 1 33 ? -4.151  6.623   -3.503  1.00 1.44 ? 33 CYS A HG   1 
ATOM 520  N N    . ARG A 1 34 ? -6.674  3.470   0.610   1.00 0.22 ? 34 ARG A N    1 
ATOM 521  C CA   . ARG A 1 34 ? -7.233  3.539   1.991   1.00 0.26 ? 34 ARG A CA   1 
ATOM 522  C C    . ARG A 1 34 ? -6.182  3.030   2.980   1.00 0.24 ? 34 ARG A C    1 
ATOM 523  O O    . ARG A 1 34 ? -5.196  2.445   2.593   1.00 0.52 ? 34 ARG A O    1 
ATOM 524  C CB   . ARG A 1 34 ? -8.480  2.657   2.084   1.00 0.38 ? 34 ARG A CB   1 
ATOM 525  C CG   . ARG A 1 34 ? -9.658  3.366   1.416   1.00 1.30 ? 34 ARG A CG   1 
ATOM 526  C CD   . ARG A 1 34 ? -10.458 4.129   2.472   1.00 1.62 ? 34 ARG A CD   1 
ATOM 527  N NE   . ARG A 1 34 ? -11.016 3.167   3.464   1.00 2.47 ? 34 ARG A NE   1 
ATOM 528  C CZ   . ARG A 1 34 ? -12.289 2.883   3.451   1.00 2.97 ? 34 ARG A CZ   1 
ATOM 529  N NH1  . ARG A 1 34 ? -13.167 3.832   3.272   1.00 3.41 ? 34 ARG A NH1  1 
ATOM 530  N NH2  . ARG A 1 34 ? -12.685 1.651   3.616   1.00 3.58 ? 34 ARG A NH2  1 
ATOM 531  H H    . ARG A 1 34 ? -6.329  2.622   0.265   1.00 0.36 ? 34 ARG A H    1 
ATOM 532  H HA   . ARG A 1 34 ? -7.491  4.561   2.228   1.00 0.34 ? 34 ARG A HA   1 
ATOM 533  H HB2  . ARG A 1 34 ? -8.293  1.717   1.585   1.00 1.19 ? 34 ARG A HB2  1 
ATOM 534  H HB3  . ARG A 1 34 ? -8.715  2.474   3.121   1.00 1.11 ? 34 ARG A HB3  1 
ATOM 535  H HG2  . ARG A 1 34 ? -9.288  4.057   0.673   1.00 1.95 ? 34 ARG A HG2  1 
ATOM 536  H HG3  . ARG A 1 34 ? -10.296 2.635   0.942   1.00 2.06 ? 34 ARG A HG3  1 
ATOM 537  H HD2  . ARG A 1 34 ? -9.810  4.831   2.977   1.00 1.94 ? 34 ARG A HD2  1 
ATOM 538  H HD3  . ARG A 1 34 ? -11.266 4.664   1.995   1.00 2.02 ? 34 ARG A HD3  1 
ATOM 539  H HE   . ARG A 1 34 ? -10.427 2.748   4.125   1.00 3.04 ? 34 ARG A HE   1 
ATOM 540  H HH11 . ARG A 1 34 ? -12.863 4.776   3.145   1.00 3.52 ? 34 ARG A HH11 1 
ATOM 541  H HH12 . ARG A 1 34 ? -14.142 3.615   3.262   1.00 3.96 ? 34 ARG A HH12 1 
ATOM 542  H HH21 . ARG A 1 34 ? -12.011 0.923   3.753   1.00 3.73 ? 34 ARG A HH21 1 
ATOM 543  H HH22 . ARG A 1 34 ? -13.660 1.433   3.606   1.00 4.16 ? 34 ARG A HH22 1 
ATOM 544  N N    . ILE A 1 35 ? -6.382  3.248   4.252   1.00 0.30 ? 35 ILE A N    1 
ATOM 545  C CA   . ILE A 1 35 ? -5.392  2.768   5.257   1.00 0.29 ? 35 ILE A CA   1 
ATOM 546  C C    . ILE A 1 35 ? -6.105  1.835   6.240   1.00 0.29 ? 35 ILE A C    1 
ATOM 547  O O    . ILE A 1 35 ? -7.239  2.069   6.607   1.00 0.36 ? 35 ILE A O    1 
ATOM 548  C CB   . ILE A 1 35 ? -4.812  3.967   6.012   1.00 0.36 ? 35 ILE A CB   1 
ATOM 549  C CG1  . ILE A 1 35 ? -3.962  4.815   5.059   1.00 0.42 ? 35 ILE A CG1  1 
ATOM 550  C CG2  . ILE A 1 35 ? -3.937  3.475   7.170   1.00 0.37 ? 35 ILE A CG2  1 
ATOM 551  C CD1  . ILE A 1 35 ? -3.491  6.076   5.787   1.00 0.66 ? 35 ILE A CD1  1 
ATOM 552  H H    . ILE A 1 35 ? -7.184  3.726   4.548   1.00 0.53 ? 35 ILE A H    1 
ATOM 553  H HA   . ILE A 1 35 ? -4.600  2.233   4.758   1.00 0.29 ? 35 ILE A HA   1 
ATOM 554  H HB   . ILE A 1 35 ? -5.624  4.565   6.400   1.00 0.41 ? 35 ILE A HB   1 
ATOM 555  H HG12 . ILE A 1 35 ? -3.103  4.245   4.735   1.00 0.50 ? 35 ILE A HG12 1 
ATOM 556  H HG13 . ILE A 1 35 ? -4.552  5.098   4.200   1.00 0.47 ? 35 ILE A HG13 1 
ATOM 557  H HG21 . ILE A 1 35 ? -4.384  2.599   7.614   1.00 1.12 ? 35 ILE A HG21 1 
ATOM 558  H HG22 . ILE A 1 35 ? -2.952  3.228   6.799   1.00 1.07 ? 35 ILE A HG22 1 
ATOM 559  H HG23 . ILE A 1 35 ? -3.856  4.253   7.915   1.00 1.06 ? 35 ILE A HG23 1 
ATOM 560  H HD11 . ILE A 1 35 ? -4.214  6.347   6.541   1.00 1.27 ? 35 ILE A HD11 1 
ATOM 561  H HD12 . ILE A 1 35 ? -2.536  5.886   6.256   1.00 1.27 ? 35 ILE A HD12 1 
ATOM 562  H HD13 . ILE A 1 35 ? -3.389  6.884   5.079   1.00 1.21 ? 35 ILE A HD13 1 
ATOM 563  N N    . MET A 1 36 ? -5.468  0.776   6.671   1.00 0.30 ? 36 MET A N    1 
ATOM 564  C CA   . MET A 1 36 ? -6.156  -0.144  7.623   1.00 0.35 ? 36 MET A CA   1 
ATOM 565  C C    . MET A 1 36 ? -5.680  0.124   9.051   1.00 0.47 ? 36 MET A C    1 
ATOM 566  O O    . MET A 1 36 ? -4.498  0.201   9.324   1.00 1.37 ? 36 MET A O    1 
ATOM 567  C CB   . MET A 1 36 ? -5.873  -1.603  7.252   1.00 0.41 ? 36 MET A CB   1 
ATOM 568  C CG   . MET A 1 36 ? -6.498  -1.912  5.890   1.00 0.52 ? 36 MET A CG   1 
ATOM 569  S SD   . MET A 1 36 ? -7.290  -3.538  5.941   1.00 0.80 ? 36 MET A SD   1 
ATOM 570  C CE   . MET A 1 36 ? -8.759  -3.043  6.877   1.00 1.53 ? 36 MET A CE   1 
ATOM 571  H H    . MET A 1 36 ? -4.553  0.584   6.370   1.00 0.32 ? 36 MET A H    1 
ATOM 572  H HA   . MET A 1 36 ? -7.221  0.032   7.571   1.00 0.45 ? 36 MET A HA   1 
ATOM 573  H HB2  . MET A 1 36 ? -4.805  -1.759  7.204   1.00 0.46 ? 36 MET A HB2  1 
ATOM 574  H HB3  . MET A 1 36 ? -6.301  -2.254  8.000   1.00 0.49 ? 36 MET A HB3  1 
ATOM 575  H HG2  . MET A 1 36 ? -7.233  -1.163  5.651   1.00 0.55 ? 36 MET A HG2  1 
ATOM 576  H HG3  . MET A 1 36 ? -5.728  -1.913  5.134   1.00 0.60 ? 36 MET A HG3  1 
ATOM 577  H HE1  . MET A 1 36 ? -8.998  -2.016  6.655   1.00 2.00 ? 36 MET A HE1  1 
ATOM 578  H HE2  . MET A 1 36 ? -9.592  -3.673  6.600   1.00 2.07 ? 36 MET A HE2  1 
ATOM 579  H HE3  . MET A 1 36 ? -8.559  -3.143  7.934   1.00 1.99 ? 36 MET A HE3  1 
ATOM 580  N N    . ARG A 1 37 ? -6.602  0.260   9.965   1.00 1.02 ? 37 ARG A N    1 
ATOM 581  C CA   . ARG A 1 37 ? -6.233  0.517   11.387  1.00 1.06 ? 37 ARG A CA   1 
ATOM 582  C C    . ARG A 1 37 ? -7.447  0.214   12.270  1.00 1.35 ? 37 ARG A C    1 
ATOM 583  O O    . ARG A 1 37 ? -8.574  0.244   11.817  1.00 1.79 ? 37 ARG A O    1 
ATOM 584  C CB   . ARG A 1 37 ? -5.823  1.986   11.582  1.00 1.21 ? 37 ARG A CB   1 
ATOM 585  C CG   . ARG A 1 37 ? -5.698  2.695   10.229  1.00 1.77 ? 37 ARG A CG   1 
ATOM 586  C CD   . ARG A 1 37 ? -5.531  4.199   10.457  1.00 2.14 ? 37 ARG A CD   1 
ATOM 587  N NE   . ARG A 1 37 ? -6.748  4.741   11.126  1.00 2.56 ? 37 ARG A NE   1 
ATOM 588  C CZ   . ARG A 1 37 ? -7.266  5.870   10.724  1.00 3.12 ? 37 ARG A CZ   1 
ATOM 589  N NH1  . ARG A 1 37 ? -6.516  6.931   10.619  1.00 3.90 ? 37 ARG A NH1  1 
ATOM 590  N NH2  . ARG A 1 37 ? -8.535  5.936   10.428  1.00 3.42 ? 37 ARG A NH2  1 
ATOM 591  H H    . ARG A 1 37 ? -7.547  0.189   9.714   1.00 1.81 ? 37 ARG A H    1 
ATOM 592  H HA   . ARG A 1 37 ? -5.411  -0.129  11.668  1.00 0.99 ? 37 ARG A HA   1 
ATOM 593  H HB2  . ARG A 1 37 ? -6.570  2.487   12.179  1.00 1.74 ? 37 ARG A HB2  1 
ATOM 594  H HB3  . ARG A 1 37 ? -4.873  2.025   12.093  1.00 1.53 ? 37 ARG A HB3  1 
ATOM 595  H HG2  . ARG A 1 37 ? -4.838  2.311   9.700   1.00 2.27 ? 37 ARG A HG2  1 
ATOM 596  H HG3  . ARG A 1 37 ? -6.590  2.518   9.647   1.00 2.33 ? 37 ARG A HG3  1 
ATOM 597  H HD2  . ARG A 1 37 ? -4.668  4.375   11.083  1.00 2.58 ? 37 ARG A HD2  1 
ATOM 598  H HD3  . ARG A 1 37 ? -5.392  4.694   9.506   1.00 2.51 ? 37 ARG A HD3  1 
ATOM 599  H HE   . ARG A 1 37 ? -7.158  4.250   11.868  1.00 2.88 ? 37 ARG A HE   1 
ATOM 600  H HH11 . ARG A 1 37 ? -5.542  6.881   10.847  1.00 4.15 ? 37 ARG A HH11 1 
ATOM 601  H HH12 . ARG A 1 37 ? -6.913  7.797   10.311  1.00 4.50 ? 37 ARG A HH12 1 
ATOM 602  H HH21 . ARG A 1 37 ? -9.111  5.122   10.509  1.00 3.33 ? 37 ARG A HH21 1 
ATOM 603  H HH22 . ARG A 1 37 ? -8.932  6.800   10.120  1.00 4.06 ? 37 ARG A HH22 1 
ATOM 604  N N    . ASP A 1 38 ? -7.231  -0.079  13.522  1.00 1.41 ? 38 ASP A N    1 
ATOM 605  C CA   . ASP A 1 38 ? -8.379  -0.382  14.424  1.00 1.74 ? 38 ASP A CA   1 
ATOM 606  C C    . ASP A 1 38 ? -9.506  0.626   14.178  1.00 2.03 ? 38 ASP A C    1 
ATOM 607  O O    . ASP A 1 38 ? -9.292  1.822   14.180  1.00 2.33 ? 38 ASP A O    1 
ATOM 608  C CB   . ASP A 1 38 ? -7.919  -0.293  15.880  1.00 1.77 ? 38 ASP A CB   1 
ATOM 609  C CG   . ASP A 1 38 ? -8.920  -1.020  16.779  1.00 2.11 ? 38 ASP A CG   1 
ATOM 610  O OD1  . ASP A 1 38 ? -9.574  -1.928  16.290  1.00 2.41 ? 38 ASP A OD1  1 
ATOM 611  O OD2  . ASP A 1 38 ? -9.018  -0.656  17.938  1.00 2.49 ? 38 ASP A OD2  1 
ATOM 612  H H    . ASP A 1 38 ? -6.315  -0.100  13.870  1.00 1.46 ? 38 ASP A H    1 
ATOM 613  H HA   . ASP A 1 38 ? -8.740  -1.380  14.223  1.00 1.92 ? 38 ASP A HA   1 
ATOM 614  H HB2  . ASP A 1 38 ? -6.945  -0.754  15.976  1.00 1.71 ? 38 ASP A HB2  1 
ATOM 615  H HB3  . ASP A 1 38 ? -7.857  0.743   16.176  1.00 1.77 ? 38 ASP A HB3  1 
ATOM 616  N N    . TYR A 1 39 ? -10.702 0.153   13.961  1.00 2.50 ? 39 TYR A N    1 
ATOM 617  C CA   . TYR A 1 39 ? -11.839 1.083   13.707  1.00 2.90 ? 39 TYR A CA   1 
ATOM 618  C C    . TYR A 1 39 ? -12.456 1.524   15.037  1.00 2.82 ? 39 TYR A C    1 
ATOM 619  O O    . TYR A 1 39 ? -13.385 2.307   15.070  1.00 2.96 ? 39 TYR A O    1 
ATOM 620  C CB   . TYR A 1 39 ? -12.903 0.372   12.868  1.00 3.49 ? 39 TYR A CB   1 
ATOM 621  C CG   . TYR A 1 39 ? -13.084 1.103   11.560  1.00 3.96 ? 39 TYR A CG   1 
ATOM 622  C CD1  . TYR A 1 39 ? -13.957 2.196   11.484  1.00 4.46 ? 39 TYR A CD1  1 
ATOM 623  C CD2  . TYR A 1 39 ? -12.380 0.690   10.422  1.00 4.48 ? 39 TYR A CD2  1 
ATOM 624  C CE1  . TYR A 1 39 ? -14.124 2.875   10.271  1.00 5.30 ? 39 TYR A CE1  1 
ATOM 625  C CE2  . TYR A 1 39 ? -12.547 1.369   9.210   1.00 5.31 ? 39 TYR A CE2  1 
ATOM 626  C CZ   . TYR A 1 39 ? -13.420 2.461   9.134   1.00 5.65 ? 39 TYR A CZ   1 
ATOM 627  O OH   . TYR A 1 39 ? -13.584 3.131   7.939   1.00 6.68 ? 39 TYR A OH   1 
ATOM 628  H H    . TYR A 1 39 ? -10.853 -0.816  13.959  1.00 2.88 ? 39 TYR A H    1 
ATOM 629  H HA   . TYR A 1 39 ? -11.482 1.950   13.172  1.00 3.12 ? 39 TYR A HA   1 
ATOM 630  H HB2  . TYR A 1 39 ? -12.587 -0.643  12.672  1.00 3.82 ? 39 TYR A HB2  1 
ATOM 631  H HB3  . TYR A 1 39 ? -13.839 0.360   13.405  1.00 3.70 ? 39 TYR A HB3  1 
ATOM 632  H HD1  . TYR A 1 39 ? -14.500 2.514   12.361  1.00 4.54 ? 39 TYR A HD1  1 
ATOM 633  H HD2  . TYR A 1 39 ? -11.707 -0.153  10.481  1.00 4.56 ? 39 TYR A HD2  1 
ATOM 634  H HE1  . TYR A 1 39 ? -14.797 3.717   10.213  1.00 5.91 ? 39 TYR A HE1  1 
ATOM 635  H HE2  . TYR A 1 39 ? -12.004 1.050   8.333   1.00 5.94 ? 39 TYR A HE2  1 
ATOM 636  H HH   . TYR A 1 39 ? -14.310 2.719   7.465   1.00 6.78 ? 39 TYR A HH   1 
ATOM 637  N N    . LYS A 1 40 ? -11.951 1.032   16.135  1.00 2.95 ? 40 LYS A N    1 
ATOM 638  C CA   . LYS A 1 40 ? -12.516 1.428   17.456  1.00 3.22 ? 40 LYS A CA   1 
ATOM 639  C C    . LYS A 1 40 ? -11.633 2.505   18.088  1.00 3.21 ? 40 LYS A C    1 
ATOM 640  O O    . LYS A 1 40 ? -12.033 3.642   18.236  1.00 3.73 ? 40 LYS A O    1 
ATOM 641  C CB   . LYS A 1 40 ? -12.567 0.208   18.378  1.00 3.33 ? 40 LYS A CB   1 
ATOM 642  C CG   . LYS A 1 40 ? -13.223 0.598   19.704  1.00 3.86 ? 40 LYS A CG   1 
ATOM 643  C CD   . LYS A 1 40 ? -14.733 0.748   19.504  1.00 4.54 ? 40 LYS A CD   1 
ATOM 644  C CE   . LYS A 1 40 ? -15.450 -0.465  20.097  1.00 5.00 ? 40 LYS A CE   1 
ATOM 645  N NZ   . LYS A 1 40 ? -16.871 -0.472  19.647  1.00 5.65 ? 40 LYS A NZ   1 
ATOM 646  H H    . LYS A 1 40 ? -11.201 0.401   16.091  1.00 3.09 ? 40 LYS A H    1 
ATOM 647  H HA   . LYS A 1 40 ? -13.513 1.817   17.318  1.00 3.72 ? 40 LYS A HA   1 
ATOM 648  H HB2  . LYS A 1 40 ? -13.142 -0.575  17.905  1.00 3.59 ? 40 LYS A HB2  1 
ATOM 649  H HB3  . LYS A 1 40 ? -11.563 -0.144  18.564  1.00 3.07 ? 40 LYS A HB3  1 
ATOM 650  H HG2  . LYS A 1 40 ? -13.031 -0.169  20.439  1.00 3.84 ? 40 LYS A HG2  1 
ATOM 651  H HG3  . LYS A 1 40 ? -12.812 1.536   20.046  1.00 4.04 ? 40 LYS A HG3  1 
ATOM 652  H HD2  . LYS A 1 40 ? -15.074 1.646   19.999  1.00 4.81 ? 40 LYS A HD2  1 
ATOM 653  H HD3  . LYS A 1 40 ? -14.952 0.813   18.448  1.00 4.82 ? 40 LYS A HD3  1 
ATOM 654  H HE2  . LYS A 1 40 ? -14.962 -1.370  19.764  1.00 5.22 ? 40 LYS A HE2  1 
ATOM 655  H HE3  . LYS A 1 40 ? -15.414 -0.413  21.175  1.00 5.07 ? 40 LYS A HE3  1 
ATOM 656  H HZ1  . LYS A 1 40 ? -16.910 -0.318  18.620  1.00 5.88 ? 40 LYS A HZ1  1 
ATOM 657  H HZ2  . LYS A 1 40 ? -17.303 -1.391  19.879  1.00 5.78 ? 40 LYS A HZ2  1 
ATOM 658  H HZ3  . LYS A 1 40 ? -17.391 0.287   20.130  1.00 6.07 ? 40 LYS A HZ3  1 
ATOM 659  N N    . THR A 1 41 ? -10.434 2.155   18.466  1.00 2.87 ? 41 THR A N    1 
ATOM 660  C CA   . THR A 1 41 ? -9.528  3.158   19.091  1.00 3.25 ? 41 THR A CA   1 
ATOM 661  C C    . THR A 1 41 ? -8.638  3.785   18.016  1.00 3.17 ? 41 THR A C    1 
ATOM 662  O O    . THR A 1 41 ? -8.002  4.796   18.234  1.00 3.77 ? 41 THR A O    1 
ATOM 663  C CB   . THR A 1 41 ? -8.651  2.468   20.140  1.00 3.60 ? 41 THR A CB   1 
ATOM 664  O OG1  . THR A 1 41 ? -9.301  1.288   20.594  1.00 3.91 ? 41 THR A OG1  1 
ATOM 665  C CG2  . THR A 1 41 ? -8.424  3.415   21.319  1.00 4.32 ? 41 THR A CG2  1 
ATOM 666  H H    . THR A 1 41 ? -10.130 1.231   18.339  1.00 2.59 ? 41 THR A H    1 
ATOM 667  H HA   . THR A 1 41 ? -10.117 3.929   19.565  1.00 3.74 ? 41 THR A HA   1 
ATOM 668  H HB   . THR A 1 41 ? -7.700  2.210   19.702  1.00 3.42 ? 41 THR A HB   1 
ATOM 669  H HG1  . THR A 1 41 ? -10.248 1.450   20.589  1.00 4.36 ? 41 THR A HG1  1 
ATOM 670  H HG21 . THR A 1 41 ? -9.273  4.073   21.421  1.00 4.66 ? 41 THR A HG21 1 
ATOM 671  H HG22 . THR A 1 41 ? -8.304  2.838   22.225  1.00 4.80 ? 41 THR A HG22 1 
ATOM 672  H HG23 . THR A 1 41 ? -7.533  4.000   21.144  1.00 4.40 ? 41 THR A HG23 1 
ATOM 673  N N    . GLY A 1 42 ? -8.590  3.192   16.854  1.00 2.81 ? 42 GLY A N    1 
ATOM 674  C CA   . GLY A 1 42 ? -7.741  3.755   15.767  1.00 3.28 ? 42 GLY A CA   1 
ATOM 675  C C    . GLY A 1 42 ? -6.312  3.228   15.910  1.00 2.96 ? 42 GLY A C    1 
ATOM 676  O O    . GLY A 1 42 ? -5.400  3.696   15.257  1.00 3.50 ? 42 GLY A O    1 
ATOM 677  H H    . GLY A 1 42 ? -9.111  2.377   16.697  1.00 2.55 ? 42 GLY A H    1 
ATOM 678  H HA2  . GLY A 1 42 ? -8.142  3.459   14.808  1.00 3.68 ? 42 GLY A HA2  1 
ATOM 679  H HA3  . GLY A 1 42 ? -7.732  4.832   15.838  1.00 3.83 ? 42 GLY A HA3  1 
ATOM 680  N N    . TYR A 1 43 ? -6.110  2.256   16.757  1.00 2.43 ? 43 TYR A N    1 
ATOM 681  C CA   . TYR A 1 43 ? -4.740  1.699   16.937  1.00 2.56 ? 43 TYR A CA   1 
ATOM 682  C C    . TYR A 1 43 ? -4.251  1.111   15.612  1.00 2.15 ? 43 TYR A C    1 
ATOM 683  O O    . TYR A 1 43 ? -4.653  0.036   15.214  1.00 2.66 ? 43 TYR A O    1 
ATOM 684  C CB   . TYR A 1 43 ? -4.771  0.599   18.002  1.00 3.38 ? 43 TYR A CB   1 
ATOM 685  C CG   . TYR A 1 43 ? -3.581  0.746   18.920  1.00 3.79 ? 43 TYR A CG   1 
ATOM 686  C CD1  . TYR A 1 43 ? -2.402  1.341   18.451  1.00 4.21 ? 43 TYR A CD1  1 
ATOM 687  C CD2  . TYR A 1 43 ? -3.653  0.286   20.240  1.00 4.33 ? 43 TYR A CD2  1 
ATOM 688  C CE1  . TYR A 1 43 ? -1.298  1.475   19.303  1.00 4.98 ? 43 TYR A CE1  1 
ATOM 689  C CE2  . TYR A 1 43 ? -2.550  0.419   21.091  1.00 5.06 ? 43 TYR A CE2  1 
ATOM 690  C CZ   . TYR A 1 43 ? -1.373  1.015   20.622  1.00 5.32 ? 43 TYR A CZ   1 
ATOM 691  O OH   . TYR A 1 43 ? -0.285  1.147   21.460  1.00 6.26 ? 43 TYR A OH   1 
ATOM 692  H H    . TYR A 1 43 ? -6.860  1.891   17.273  1.00 2.29 ? 43 TYR A H    1 
ATOM 693  H HA   . TYR A 1 43 ? -4.070  2.486   17.252  1.00 2.72 ? 43 TYR A HA   1 
ATOM 694  H HB2  . TYR A 1 43 ? -5.681  0.682   18.578  1.00 3.68 ? 43 TYR A HB2  1 
ATOM 695  H HB3  . TYR A 1 43 ? -4.736  -0.367  17.521  1.00 3.80 ? 43 TYR A HB3  1 
ATOM 696  H HD1  . TYR A 1 43 ? -2.345  1.697   17.433  1.00 4.29 ? 43 TYR A HD1  1 
ATOM 697  H HD2  . TYR A 1 43 ? -4.562  -0.174  20.602  1.00 4.51 ? 43 TYR A HD2  1 
ATOM 698  H HE1  . TYR A 1 43 ? -0.391  1.934   18.941  1.00 5.58 ? 43 TYR A HE1  1 
ATOM 699  H HE2  . TYR A 1 43 ? -2.607  0.065   22.109  1.00 5.68 ? 43 TYR A HE2  1 
ATOM 700  H HH   . TYR A 1 43 ? 0.030   2.052   21.397  1.00 6.53 ? 43 TYR A HH   1 
ATOM 701  N N    . SER A 1 44 ? -3.388  1.809   14.925  1.00 1.62 ? 44 SER A N    1 
ATOM 702  C CA   . SER A 1 44 ? -2.877  1.290   13.625  1.00 1.46 ? 44 SER A CA   1 
ATOM 703  C C    . SER A 1 44 ? -1.665  0.391   13.875  1.00 1.25 ? 44 SER A C    1 
ATOM 704  O O    . SER A 1 44 ? -0.989  0.508   14.878  1.00 1.42 ? 44 SER A O    1 
ATOM 705  C CB   . SER A 1 44 ? -2.470  2.464   12.732  1.00 1.75 ? 44 SER A CB   1 
ATOM 706  O OG   . SER A 1 44 ? -2.767  3.685   13.397  1.00 2.24 ? 44 SER A OG   1 
ATOM 707  H H    . SER A 1 44 ? -3.077  2.676   15.263  1.00 1.75 ? 44 SER A H    1 
ATOM 708  H HA   . SER A 1 44 ? -3.654  0.721   13.136  1.00 1.72 ? 44 SER A HA   1 
ATOM 709  H HB2  . SER A 1 44 ? -1.413  2.417   12.532  1.00 2.08 ? 44 SER A HB2  1 
ATOM 710  H HB3  . SER A 1 44 ? -3.013  2.408   11.798  1.00 2.12 ? 44 SER A HB3  1 
ATOM 711  H HG   . SER A 1 44 ? -3.688  3.660   13.665  1.00 2.69 ? 44 SER A HG   1 
ATOM 712  N N    . TYR A 1 45 ? -1.388  -0.511  12.974  1.00 1.02 ? 45 TYR A N    1 
ATOM 713  C CA   . TYR A 1 45 ? -0.223  -1.423  13.166  1.00 1.05 ? 45 TYR A CA   1 
ATOM 714  C C    . TYR A 1 45 ? 0.712   -1.353  11.954  1.00 1.03 ? 45 TYR A C    1 
ATOM 715  O O    . TYR A 1 45 ? 1.708   -2.046  11.891  1.00 1.66 ? 45 TYR A O    1 
ATOM 716  C CB   . TYR A 1 45 ? -0.730  -2.854  13.353  1.00 1.17 ? 45 TYR A CB   1 
ATOM 717  C CG   . TYR A 1 45 ? -1.910  -3.092  12.440  1.00 0.99 ? 45 TYR A CG   1 
ATOM 718  C CD1  . TYR A 1 45 ? -1.806  -2.824  11.070  1.00 1.63 ? 45 TYR A CD1  1 
ATOM 719  C CD2  . TYR A 1 45 ? -3.113  -3.572  12.971  1.00 1.31 ? 45 TYR A CD2  1 
ATOM 720  C CE1  . TYR A 1 45 ? -2.907  -3.039  10.231  1.00 1.58 ? 45 TYR A CE1  1 
ATOM 721  C CE2  . TYR A 1 45 ? -4.212  -3.787  12.132  1.00 1.35 ? 45 TYR A CE2  1 
ATOM 722  C CZ   . TYR A 1 45 ? -4.109  -3.520  10.762  1.00 0.97 ? 45 TYR A CZ   1 
ATOM 723  O OH   . TYR A 1 45 ? -5.193  -3.730  9.934   1.00 1.12 ? 45 TYR A OH   1 
ATOM 724  H H    . TYR A 1 45 ? -1.950  -0.594  12.174  1.00 0.99 ? 45 TYR A H    1 
ATOM 725  H HA   . TYR A 1 45 ? 0.320   -1.122  14.049  1.00 1.17 ? 45 TYR A HA   1 
ATOM 726  H HB2  . TYR A 1 45 ? 0.059   -3.550  13.113  1.00 1.35 ? 45 TYR A HB2  1 
ATOM 727  H HB3  . TYR A 1 45 ? -1.036  -2.997  14.379  1.00 1.36 ? 45 TYR A HB3  1 
ATOM 728  H HD1  . TYR A 1 45 ? -0.879  -2.455  10.659  1.00 2.44 ? 45 TYR A HD1  1 
ATOM 729  H HD2  . TYR A 1 45 ? -3.192  -3.778  14.028  1.00 2.01 ? 45 TYR A HD2  1 
ATOM 730  H HE1  . TYR A 1 45 ? -2.828  -2.832  9.175   1.00 2.33 ? 45 TYR A HE1  1 
ATOM 731  H HE2  . TYR A 1 45 ? -5.140  -4.158  12.542  1.00 2.12 ? 45 TYR A HE2  1 
ATOM 732  H HH   . TYR A 1 45 ? -5.168  -4.644  9.641   1.00 1.27 ? 45 TYR A HH   1 
ATOM 733  N N    . GLY A 1 46 ? 0.410   -0.519  10.996  1.00 0.68 ? 46 GLY A N    1 
ATOM 734  C CA   . GLY A 1 46 ? 1.297   -0.403  9.801   1.00 0.76 ? 46 GLY A CA   1 
ATOM 735  C C    . GLY A 1 46 ? 0.816   -1.343  8.692   1.00 0.75 ? 46 GLY A C    1 
ATOM 736  O O    . GLY A 1 46 ? 1.186   -2.500  8.646   1.00 1.32 ? 46 GLY A O    1 
ATOM 737  H H    . GLY A 1 46 ? -0.393  0.038   11.066  1.00 0.90 ? 46 GLY A H    1 
ATOM 738  H HA2  . GLY A 1 46 ? 1.279   0.614   9.440   1.00 0.86 ? 46 GLY A HA2  1 
ATOM 739  H HA3  . GLY A 1 46 ? 2.306   -0.668  10.077  1.00 0.87 ? 46 GLY A HA3  1 
ATOM 740  N N    . TYR A 1 47 ? 0.000   -0.848  7.797   1.00 0.36 ? 47 TYR A N    1 
ATOM 741  C CA   . TYR A 1 47 ? -0.511  -1.697  6.679   1.00 0.31 ? 47 TYR A CA   1 
ATOM 742  C C    . TYR A 1 47 ? -1.766  -1.040  6.089   1.00 0.29 ? 47 TYR A C    1 
ATOM 743  O O    . TYR A 1 47 ? -2.680  -0.659  6.797   1.00 0.45 ? 47 TYR A O    1 
ATOM 744  C CB   . TYR A 1 47 ? -0.822  -3.097  7.216   1.00 0.31 ? 47 TYR A CB   1 
ATOM 745  C CG   . TYR A 1 47 ? -1.778  -3.829  6.312   1.00 0.34 ? 47 TYR A CG   1 
ATOM 746  C CD1  . TYR A 1 47 ? -1.304  -4.486  5.170   1.00 1.23 ? 47 TYR A CD1  1 
ATOM 747  C CD2  . TYR A 1 47 ? -3.135  -3.879  6.636   1.00 1.27 ? 47 TYR A CD2  1 
ATOM 748  C CE1  . TYR A 1 47 ? -2.193  -5.194  4.355   1.00 1.26 ? 47 TYR A CE1  1 
ATOM 749  C CE2  . TYR A 1 47 ? -4.023  -4.581  5.820   1.00 1.30 ? 47 TYR A CE2  1 
ATOM 750  C CZ   . TYR A 1 47 ? -3.552  -5.241  4.679   1.00 0.52 ? 47 TYR A CZ   1 
ATOM 751  O OH   . TYR A 1 47 ? -4.427  -5.945  3.878   1.00 0.64 ? 47 TYR A OH   1 
ATOM 752  H H    . TYR A 1 47 ? -0.275  0.090   7.859   1.00 0.62 ? 47 TYR A H    1 
ATOM 753  H HA   . TYR A 1 47 ? 0.246   -1.767  5.911   1.00 0.33 ? 47 TYR A HA   1 
ATOM 754  H HB2  . TYR A 1 47 ? 0.098   -3.662  7.277   1.00 0.34 ? 47 TYR A HB2  1 
ATOM 755  H HB3  . TYR A 1 47 ? -1.254  -3.014  8.202   1.00 0.35 ? 47 TYR A HB3  1 
ATOM 756  H HD1  . TYR A 1 47 ? -0.254  -4.446  4.916   1.00 2.12 ? 47 TYR A HD1  1 
ATOM 757  H HD2  . TYR A 1 47 ? -3.500  -3.370  7.514   1.00 2.17 ? 47 TYR A HD2  1 
ATOM 758  H HE1  . TYR A 1 47 ? -1.831  -5.703  3.477   1.00 2.16 ? 47 TYR A HE1  1 
ATOM 759  H HE2  . TYR A 1 47 ? -5.068  -4.618  6.072   1.00 2.20 ? 47 TYR A HE2  1 
ATOM 760  H HH   . TYR A 1 47 ? -4.219  -6.880  3.961   1.00 0.82 ? 47 TYR A HH   1 
ATOM 761  N N    . ALA A 1 48 ? -1.803  -0.875  4.795   1.00 0.31 ? 48 ALA A N    1 
ATOM 762  C CA   . ALA A 1 48 ? -2.971  -0.218  4.158   1.00 0.28 ? 48 ALA A CA   1 
ATOM 763  C C    . ALA A 1 48 ? -3.241  -0.843  2.788   1.00 0.29 ? 48 ALA A C    1 
ATOM 764  O O    . ALA A 1 48 ? -2.611  -1.804  2.395   1.00 0.62 ? 48 ALA A O    1 
ATOM 765  C CB   . ALA A 1 48 ? -2.653  1.264   3.982   1.00 0.34 ? 48 ALA A CB   1 
ATOM 766  H H    . ALA A 1 48 ? -1.054  -1.166  4.244   1.00 0.45 ? 48 ALA A H    1 
ATOM 767  H HA   . ALA A 1 48 ? -3.841  -0.328  4.789   1.00 0.28 ? 48 ALA A HA   1 
ATOM 768  H HB1  . ALA A 1 48 ? -1.686  1.368   3.511   1.00 1.04 ? 48 ALA A HB1  1 
ATOM 769  H HB2  . ALA A 1 48 ? -3.405  1.722   3.363   1.00 1.05 ? 48 ALA A HB2  1 
ATOM 770  H HB3  . ALA A 1 48 ? -2.636  1.745   4.948   1.00 1.11 ? 48 ALA A HB3  1 
ATOM 771  N N    . PHE A 1 49 ? -4.178  -0.299  2.062   1.00 0.26 ? 49 PHE A N    1 
ATOM 772  C CA   . PHE A 1 49 ? -4.506  -0.847  0.716   1.00 0.22 ? 49 PHE A CA   1 
ATOM 773  C C    . PHE A 1 49 ? -4.301  0.217   -0.367  1.00 0.21 ? 49 PHE A C    1 
ATOM 774  O O    . PHE A 1 49 ? -4.889  1.276   -0.331  1.00 0.32 ? 49 PHE A O    1 
ATOM 775  C CB   . PHE A 1 49 ? -5.970  -1.286  0.690   1.00 0.25 ? 49 PHE A CB   1 
ATOM 776  C CG   . PHE A 1 49 ? -6.109  -2.659  1.296   1.00 0.29 ? 49 PHE A CG   1 
ATOM 777  C CD1  . PHE A 1 49 ? -5.310  -3.710  0.834   1.00 1.15 ? 49 PHE A CD1  1 
ATOM 778  C CD2  . PHE A 1 49 ? -7.045  -2.885  2.310   1.00 1.24 ? 49 PHE A CD2  1 
ATOM 779  C CE1  . PHE A 1 49 ? -5.446  -4.988  1.385   1.00 1.17 ? 49 PHE A CE1  1 
ATOM 780  C CE2  . PHE A 1 49 ? -7.180  -4.164  2.863   1.00 1.26 ? 49 PHE A CE2  1 
ATOM 781  C CZ   . PHE A 1 49 ? -6.381  -5.215  2.400   1.00 0.42 ? 49 PHE A CZ   1 
ATOM 782  H H    . PHE A 1 49 ? -4.671  0.472   2.404   1.00 0.52 ? 49 PHE A H    1 
ATOM 783  H HA   . PHE A 1 49 ? -3.875  -1.698  0.510   1.00 0.22 ? 49 PHE A HA   1 
ATOM 784  H HB2  . PHE A 1 49 ? -6.563  -0.583  1.256   1.00 0.27 ? 49 PHE A HB2  1 
ATOM 785  H HB3  . PHE A 1 49 ? -6.319  -1.307  -0.331  1.00 0.25 ? 49 PHE A HB3  1 
ATOM 786  H HD1  . PHE A 1 49 ? -4.588  -3.533  0.052   1.00 2.02 ? 49 PHE A HD1  1 
ATOM 787  H HD2  . PHE A 1 49 ? -7.661  -2.073  2.667   1.00 2.11 ? 49 PHE A HD2  1 
ATOM 788  H HE1  . PHE A 1 49 ? -4.828  -5.799  1.028   1.00 2.04 ? 49 PHE A HE1  1 
ATOM 789  H HE2  . PHE A 1 49 ? -7.903  -4.340  3.645   1.00 2.13 ? 49 PHE A HE2  1 
ATOM 790  H HZ   . PHE A 1 49 ? -6.487  -6.202  2.826   1.00 0.48 ? 49 PHE A HZ   1 
ATOM 791  N N    . VAL A 1 50 ? -3.496  -0.076  -1.349  1.00 0.17 ? 50 VAL A N    1 
ATOM 792  C CA   . VAL A 1 50 ? -3.278  0.891   -2.461  1.00 0.18 ? 50 VAL A CA   1 
ATOM 793  C C    . VAL A 1 50 ? -3.404  0.124   -3.776  1.00 0.18 ? 50 VAL A C    1 
ATOM 794  O O    . VAL A 1 50 ? -2.574  -0.701  -4.102  1.00 0.23 ? 50 VAL A O    1 
ATOM 795  C CB   . VAL A 1 50 ? -1.885  1.517   -2.358  1.00 0.22 ? 50 VAL A CB   1 
ATOM 796  C CG1  . VAL A 1 50 ? -1.581  2.285   -3.644  1.00 0.25 ? 50 VAL A CG1  1 
ATOM 797  C CG2  . VAL A 1 50 ? -1.845  2.486   -1.176  1.00 0.25 ? 50 VAL A CG2  1 
ATOM 798  H H    . VAL A 1 50 ? -3.052  -0.948  -1.370  1.00 0.21 ? 50 VAL A H    1 
ATOM 799  H HA   . VAL A 1 50 ? -4.032  1.665   -2.420  1.00 0.19 ? 50 VAL A HA   1 
ATOM 800  H HB   . VAL A 1 50 ? -1.149  0.739   -2.218  1.00 0.31 ? 50 VAL A HB   1 
ATOM 801  H HG11 . VAL A 1 50 ? -2.424  2.912   -3.896  1.00 0.98 ? 50 VAL A HG11 1 
ATOM 802  H HG12 . VAL A 1 50 ? -0.707  2.902   -3.496  1.00 1.07 ? 50 VAL A HG12 1 
ATOM 803  H HG13 . VAL A 1 50 ? -1.398  1.587   -4.447  1.00 1.02 ? 50 VAL A HG13 1 
ATOM 804  H HG21 . VAL A 1 50 ? -2.815  2.944   -1.052  1.00 1.04 ? 50 VAL A HG21 1 
ATOM 805  H HG22 . VAL A 1 50 ? -1.581  1.949   -0.277  1.00 1.10 ? 50 VAL A HG22 1 
ATOM 806  H HG23 . VAL A 1 50 ? -1.108  3.252   -1.365  1.00 1.01 ? 50 VAL A HG23 1 
ATOM 807  N N    . ASP A 1 51 ? -4.446  0.363   -4.524  1.00 0.25 ? 51 ASP A N    1 
ATOM 808  C CA   . ASP A 1 51 ? -4.623  -0.385  -5.798  1.00 0.30 ? 51 ASP A CA   1 
ATOM 809  C C    . ASP A 1 51 ? -4.072  0.424   -6.969  1.00 0.31 ? 51 ASP A C    1 
ATOM 810  O O    . ASP A 1 51 ? -4.183  1.631   -7.014  1.00 0.59 ? 51 ASP A O    1 
ATOM 811  C CB   . ASP A 1 51 ? -6.112  -0.657  -6.021  1.00 0.37 ? 51 ASP A CB   1 
ATOM 812  C CG   . ASP A 1 51 ? -6.300  -1.465  -7.306  1.00 0.39 ? 51 ASP A CG   1 
ATOM 813  O OD1  . ASP A 1 51 ? -6.053  -2.659  -7.275  1.00 1.08 ? 51 ASP A OD1  1 
ATOM 814  O OD2  . ASP A 1 51 ? -6.690  -0.874  -8.300  1.00 1.12 ? 51 ASP A OD2  1 
ATOM 815  H H    . ASP A 1 51 ? -5.119  1.020   -4.241  1.00 0.32 ? 51 ASP A H    1 
ATOM 816  H HA   . ASP A 1 51 ? -4.096  -1.325  -5.735  1.00 0.30 ? 51 ASP A HA   1 
ATOM 817  H HB2  . ASP A 1 51 ? -6.504  -1.217  -5.183  1.00 0.46 ? 51 ASP A HB2  1 
ATOM 818  H HB3  . ASP A 1 51 ? -6.640  0.281   -6.106  1.00 0.40 ? 51 ASP A HB3  1 
ATOM 819  N N    . PHE A 1 52 ? -3.492  -0.243  -7.927  1.00 0.28 ? 52 PHE A N    1 
ATOM 820  C CA   . PHE A 1 52 ? -2.945  0.476   -9.112  1.00 0.26 ? 52 PHE A CA   1 
ATOM 821  C C    . PHE A 1 52 ? -3.890  0.282   -10.298 1.00 0.28 ? 52 PHE A C    1 
ATOM 822  O O    . PHE A 1 52 ? -3.758  0.930   -11.316 1.00 0.32 ? 52 PHE A O    1 
ATOM 823  C CB   . PHE A 1 52 ? -1.564  -0.084  -9.478  1.00 0.25 ? 52 PHE A CB   1 
ATOM 824  C CG   . PHE A 1 52 ? -0.491  0.530   -8.605  1.00 0.24 ? 52 PHE A CG   1 
ATOM 825  C CD1  . PHE A 1 52 ? -0.230  1.902   -8.680  1.00 1.15 ? 52 PHE A CD1  1 
ATOM 826  C CD2  . PHE A 1 52 ? 0.254   -0.274  -7.739  1.00 1.11 ? 52 PHE A CD2  1 
ATOM 827  C CE1  . PHE A 1 52 ? 0.775   2.471   -7.885  1.00 1.18 ? 52 PHE A CE1  1 
ATOM 828  C CE2  . PHE A 1 52 ? 1.263   0.290   -6.945  1.00 1.09 ? 52 PHE A CE2  1 
ATOM 829  C CZ   . PHE A 1 52 ? 1.524   1.665   -7.017  1.00 0.28 ? 52 PHE A CZ   1 
ATOM 830  H H    . PHE A 1 52 ? -3.427  -1.220  -7.871  1.00 0.49 ? 52 PHE A H    1 
ATOM 831  H HA   . PHE A 1 52 ? -2.862  1.530   -8.887  1.00 0.27 ? 52 PHE A HA   1 
ATOM 832  H HB2  . PHE A 1 52 ? -1.566  -1.156  -9.342  1.00 0.26 ? 52 PHE A HB2  1 
ATOM 833  H HB3  . PHE A 1 52 ? -1.353  0.142   -10.513 1.00 0.25 ? 52 PHE A HB3  1 
ATOM 834  H HD1  . PHE A 1 52 ? -0.805  2.523   -9.349  1.00 1.98 ? 52 PHE A HD1  1 
ATOM 835  H HD2  . PHE A 1 52 ? 0.053   -1.331  -7.684  1.00 1.96 ? 52 PHE A HD2  1 
ATOM 836  H HE1  . PHE A 1 52 ? 0.974   3.531   -7.943  1.00 2.03 ? 52 PHE A HE1  1 
ATOM 837  H HE2  . PHE A 1 52 ? 1.836   -0.334  -6.277  1.00 1.92 ? 52 PHE A HE2  1 
ATOM 838  H HZ   . PHE A 1 52 ? 2.305   2.103   -6.406  1.00 0.31 ? 52 PHE A HZ   1 
ATOM 839  N N    . THR A 1 53 ? -4.828  -0.624  -10.181 1.00 0.29 ? 53 THR A N    1 
ATOM 840  C CA   . THR A 1 53 ? -5.779  -0.883  -11.301 1.00 0.31 ? 53 THR A CA   1 
ATOM 841  C C    . THR A 1 53 ? -4.997  -1.030  -12.606 1.00 0.30 ? 53 THR A C    1 
ATOM 842  O O    . THR A 1 53 ? -5.526  -0.856  -13.686 1.00 0.40 ? 53 THR A O    1 
ATOM 843  C CB   . THR A 1 53 ? -6.795  0.263   -11.417 1.00 0.39 ? 53 THR A CB   1 
ATOM 844  O OG1  . THR A 1 53 ? -7.854  -0.140  -12.275 1.00 0.47 ? 53 THR A OG1  1 
ATOM 845  C CG2  . THR A 1 53 ? -6.126  1.512   -11.990 1.00 0.43 ? 53 THR A CG2  1 
ATOM 846  H H    . THR A 1 53 ? -4.896  -1.149  -9.357  1.00 0.33 ? 53 THR A H    1 
ATOM 847  H HA   . THR A 1 53 ? -6.307  -1.805  -11.104 1.00 0.34 ? 53 THR A HA   1 
ATOM 848  H HB   . THR A 1 53 ? -7.193  0.489   -10.440 1.00 0.46 ? 53 THR A HB   1 
ATOM 849  H HG1  . THR A 1 53 ? -8.513  0.558   -12.280 1.00 0.99 ? 53 THR A HG1  1 
ATOM 850  H HG21 . THR A 1 53 ? -5.478  1.234   -12.807 1.00 1.07 ? 53 THR A HG21 1 
ATOM 851  H HG22 . THR A 1 53 ? -6.884  2.192   -12.347 1.00 1.09 ? 53 THR A HG22 1 
ATOM 852  H HG23 . THR A 1 53 ? -5.546  1.996   -11.218 1.00 1.15 ? 53 THR A HG23 1 
ATOM 853  N N    . SER A 1 54 ? -3.744  -1.377  -12.508 1.00 0.31 ? 54 SER A N    1 
ATOM 854  C CA   . SER A 1 54 ? -2.920  -1.568  -13.729 1.00 0.36 ? 54 SER A CA   1 
ATOM 855  C C    . SER A 1 54 ? -2.680  -3.063  -13.895 1.00 0.34 ? 54 SER A C    1 
ATOM 856  O O    . SER A 1 54 ? -2.781  -3.607  -14.976 1.00 0.43 ? 54 SER A O    1 
ATOM 857  C CB   . SER A 1 54 ? -1.584  -0.842  -13.566 1.00 0.44 ? 54 SER A CB   1 
ATOM 858  O OG   . SER A 1 54 ? -1.826  0.513   -13.209 1.00 0.56 ? 54 SER A OG   1 
ATOM 859  H H    . SER A 1 54 ? -3.349  -1.531  -11.627 1.00 0.39 ? 54 SER A H    1 
ATOM 860  H HA   . SER A 1 54 ? -3.445  -1.183  -14.589 1.00 0.42 ? 54 SER A HA   1 
ATOM 861  H HB2  . SER A 1 54 ? -1.009  -1.316  -12.789 1.00 0.50 ? 54 SER A HB2  1 
ATOM 862  H HB3  . SER A 1 54 ? -1.035  -0.888  -14.497 1.00 0.54 ? 54 SER A HB3  1 
ATOM 863  H HG   . SER A 1 54 ? -1.406  1.071   -13.866 1.00 1.15 ? 54 SER A HG   1 
ATOM 864  N N    . GLU A 1 55 ? -2.381  -3.730  -12.816 1.00 0.33 ? 55 GLU A N    1 
ATOM 865  C CA   . GLU A 1 55 ? -2.151  -5.197  -12.878 1.00 0.41 ? 55 GLU A CA   1 
ATOM 866  C C    . GLU A 1 55 ? -0.955  -5.491  -13.788 1.00 0.43 ? 55 GLU A C    1 
ATOM 867  O O    . GLU A 1 55 ? -0.719  -6.613  -14.189 1.00 0.64 ? 55 GLU A O    1 
ATOM 868  C CB   . GLU A 1 55 ? -3.416  -5.865  -13.417 1.00 0.49 ? 55 GLU A CB   1 
ATOM 869  C CG   . GLU A 1 55 ? -3.135  -7.336  -13.728 1.00 0.86 ? 55 GLU A CG   1 
ATOM 870  C CD   . GLU A 1 55 ? -4.457  -8.097  -13.832 1.00 1.34 ? 55 GLU A CD   1 
ATOM 871  O OE1  . GLU A 1 55 ? -5.465  -7.461  -14.095 1.00 2.03 ? 55 GLU A OE1  1 
ATOM 872  O OE2  . GLU A 1 55 ? -4.440  -9.303  -13.649 1.00 2.04 ? 55 GLU A OE2  1 
ATOM 873  H H    . GLU A 1 55 ? -2.320  -3.262  -11.959 1.00 0.36 ? 55 GLU A H    1 
ATOM 874  H HA   . GLU A 1 55 ? -1.945  -5.569  -11.886 1.00 0.45 ? 55 GLU A HA   1 
ATOM 875  H HB2  . GLU A 1 55 ? -4.197  -5.796  -12.672 1.00 0.54 ? 55 GLU A HB2  1 
ATOM 876  H HB3  . GLU A 1 55 ? -3.733  -5.359  -14.315 1.00 0.52 ? 55 GLU A HB3  1 
ATOM 877  H HG2  . GLU A 1 55 ? -2.600  -7.410  -14.665 1.00 1.45 ? 55 GLU A HG2  1 
ATOM 878  H HG3  . GLU A 1 55 ? -2.537  -7.764  -12.937 1.00 1.46 ? 55 GLU A HG3  1 
ATOM 879  N N    . MET A 1 56 ? -0.188  -4.484  -14.095 1.00 0.41 ? 56 MET A N    1 
ATOM 880  C CA   . MET A 1 56 ? 1.012   -4.675  -14.955 1.00 0.44 ? 56 MET A CA   1 
ATOM 881  C C    . MET A 1 56 ? 2.063   -3.656  -14.527 1.00 0.40 ? 56 MET A C    1 
ATOM 882  O O    . MET A 1 56 ? 2.996   -3.967  -13.808 1.00 0.36 ? 56 MET A O    1 
ATOM 883  C CB   . MET A 1 56 ? 0.639   -4.445  -16.422 1.00 0.54 ? 56 MET A CB   1 
ATOM 884  C CG   . MET A 1 56 ? -0.039  -5.698  -16.980 1.00 0.65 ? 56 MET A CG   1 
ATOM 885  S SD   . MET A 1 56 ? 0.604   -6.046  -18.635 1.00 1.17 ? 56 MET A SD   1 
ATOM 886  C CE   . MET A 1 56 ? -0.991  -6.319  -19.444 1.00 1.99 ? 56 MET A CE   1 
ATOM 887  H H    . MET A 1 56 ? -0.395  -3.592  -13.743 1.00 0.53 ? 56 MET A H    1 
ATOM 888  H HA   . MET A 1 56 ? 1.398   -5.677  -14.826 1.00 0.48 ? 56 MET A HA   1 
ATOM 889  H HB2  . MET A 1 56 ? -0.038  -3.606  -16.494 1.00 0.56 ? 56 MET A HB2  1 
ATOM 890  H HB3  . MET A 1 56 ? 1.532   -4.237  -16.992 1.00 0.59 ? 56 MET A HB3  1 
ATOM 891  H HG2  . MET A 1 56 ? 0.164   -6.535  -16.331 1.00 0.97 ? 56 MET A HG2  1 
ATOM 892  H HG3  . MET A 1 56 ? -1.105  -5.535  -17.035 1.00 0.97 ? 56 MET A HG3  1 
ATOM 893  H HE1  . MET A 1 56 ? -1.625  -5.457  -19.288 1.00 2.56 ? 56 MET A HE1  1 
ATOM 894  H HE2  . MET A 1 56 ? -0.840  -6.465  -20.502 1.00 2.45 ? 56 MET A HE2  1 
ATOM 895  H HE3  . MET A 1 56 ? -1.461  -7.199  -19.025 1.00 2.42 ? 56 MET A HE3  1 
ATOM 896  N N    . ASP A 1 57 ? 1.899   -2.428  -14.933 1.00 0.46 ? 57 ASP A N    1 
ATOM 897  C CA   . ASP A 1 57 ? 2.866   -1.383  -14.515 1.00 0.49 ? 57 ASP A CA   1 
ATOM 898  C C    . ASP A 1 57 ? 2.901   -1.378  -12.990 1.00 0.41 ? 57 ASP A C    1 
ATOM 899  O O    . ASP A 1 57 ? 3.920   -1.150  -12.372 1.00 0.44 ? 57 ASP A O    1 
ATOM 900  C CB   . ASP A 1 57 ? 2.398   -0.020  -15.023 1.00 0.61 ? 57 ASP A CB   1 
ATOM 901  C CG   . ASP A 1 57 ? 2.778   0.137   -16.497 1.00 0.74 ? 57 ASP A CG   1 
ATOM 902  O OD1  . ASP A 1 57 ? 3.739   -0.489  -16.911 1.00 1.29 ? 57 ASP A OD1  1 
ATOM 903  O OD2  . ASP A 1 57 ? 2.099   0.880   -17.187 1.00 1.35 ? 57 ASP A OD2  1 
ATOM 904  H H    . ASP A 1 57 ? 1.125   -2.192  -15.486 1.00 0.50 ? 57 ASP A H    1 
ATOM 905  H HA   . ASP A 1 57 ? 3.848   -1.609  -14.907 1.00 0.54 ? 57 ASP A HA   1 
ATOM 906  H HB2  . ASP A 1 57 ? 1.325   0.051   -14.918 1.00 0.59 ? 57 ASP A HB2  1 
ATOM 907  H HB3  . ASP A 1 57 ? 2.868   0.759   -14.445 1.00 0.65 ? 57 ASP A HB3  1 
ATOM 908  N N    . SER A 1 58 ? 1.775   -1.646  -12.389 1.00 0.36 ? 58 SER A N    1 
ATOM 909  C CA   . SER A 1 58 ? 1.697   -1.686  -10.905 1.00 0.37 ? 58 SER A CA   1 
ATOM 910  C C    . SER A 1 58 ? 2.648   -2.759  -10.383 1.00 0.29 ? 58 SER A C    1 
ATOM 911  O O    . SER A 1 58 ? 3.483   -2.504  -9.542  1.00 0.35 ? 58 SER A O    1 
ATOM 912  C CB   . SER A 1 58 ? 0.270   -2.037  -10.490 1.00 0.43 ? 58 SER A CB   1 
ATOM 913  O OG   . SER A 1 58 ? 0.018   -3.403  -10.796 1.00 1.10 ? 58 SER A OG   1 
ATOM 914  H H    . SER A 1 58 ? 0.975   -1.834  -12.922 1.00 0.37 ? 58 SER A H    1 
ATOM 915  H HA   . SER A 1 58 ? 1.969   -0.723  -10.497 1.00 0.45 ? 58 SER A HA   1 
ATOM 916  H HB2  . SER A 1 58 ? 0.153   -1.885  -9.433  1.00 1.07 ? 58 SER A HB2  1 
ATOM 917  H HB3  . SER A 1 58 ? -0.425  -1.404  -11.023 1.00 1.12 ? 58 SER A HB3  1 
ATOM 918  H HG   . SER A 1 58 ? -0.730  -3.691  -10.268 1.00 1.28 ? 58 SER A HG   1 
ATOM 919  N N    . GLN A 1 59 ? 2.522   -3.959  -10.879 1.00 0.22 ? 59 GLN A N    1 
ATOM 920  C CA   . GLN A 1 59 ? 3.418   -5.059  -10.418 1.00 0.24 ? 59 GLN A CA   1 
ATOM 921  C C    . GLN A 1 59 ? 4.868   -4.572  -10.445 1.00 0.22 ? 59 GLN A C    1 
ATOM 922  O O    . GLN A 1 59 ? 5.627   -4.803  -9.525  1.00 0.25 ? 59 GLN A O    1 
ATOM 923  C CB   . GLN A 1 59 ? 3.265   -6.270  -11.341 1.00 0.30 ? 59 GLN A CB   1 
ATOM 924  C CG   . GLN A 1 59 ? 1.782   -6.522  -11.616 1.00 0.41 ? 59 GLN A CG   1 
ATOM 925  C CD   . GLN A 1 59 ? 1.541   -8.024  -11.789 1.00 0.57 ? 59 GLN A CD   1 
ATOM 926  O OE1  . GLN A 1 59 ? 0.478   -8.521  -11.477 1.00 1.19 ? 59 GLN A OE1  1 
ATOM 927  N NE2  . GLN A 1 59 ? 2.492   -8.772  -12.279 1.00 1.36 ? 59 GLN A NE2  1 
ATOM 928  H H    . GLN A 1 59 ? 1.838   -4.135  -11.555 1.00 0.22 ? 59 GLN A H    1 
ATOM 929  H HA   . GLN A 1 59 ? 3.152   -5.340  -9.409  1.00 0.27 ? 59 GLN A HA   1 
ATOM 930  H HB2  . GLN A 1 59 ? 3.778   -6.078  -12.273 1.00 0.35 ? 59 GLN A HB2  1 
ATOM 931  H HB3  . GLN A 1 59 ? 3.694   -7.139  -10.864 1.00 0.41 ? 59 GLN A HB3  1 
ATOM 932  H HG2  . GLN A 1 59 ? 1.194   -6.157  -10.786 1.00 0.59 ? 59 GLN A HG2  1 
ATOM 933  H HG3  . GLN A 1 59 ? 1.490   -6.007  -12.518 1.00 0.52 ? 59 GLN A HG3  1 
ATOM 934  H HE21 . GLN A 1 59 ? 3.351   -8.372  -12.531 1.00 2.08 ? 59 GLN A HE21 1 
ATOM 935  H HE22 . GLN A 1 59 ? 2.349   -9.735  -12.394 1.00 1.50 ? 59 GLN A HE22 1 
ATOM 936  N N    . ARG A 1 60 ? 5.260   -3.891  -11.487 1.00 0.23 ? 60 ARG A N    1 
ATOM 937  C CA   . ARG A 1 60 ? 6.659   -3.384  -11.541 1.00 0.27 ? 60 ARG A CA   1 
ATOM 938  C C    . ARG A 1 60 ? 6.876   -2.446  -10.353 1.00 0.21 ? 60 ARG A C    1 
ATOM 939  O O    . ARG A 1 60 ? 7.857   -2.533  -9.636  1.00 0.24 ? 60 ARG A O    1 
ATOM 940  C CB   . ARG A 1 60 ? 6.881   -2.621  -12.848 1.00 0.38 ? 60 ARG A CB   1 
ATOM 941  C CG   . ARG A 1 60 ? 8.266   -1.971  -12.831 1.00 1.00 ? 60 ARG A CG   1 
ATOM 942  C CD   . ARG A 1 60 ? 8.145   -0.499  -13.228 1.00 0.89 ? 60 ARG A CD   1 
ATOM 943  N NE   . ARG A 1 60 ? 8.470   -0.345  -14.674 1.00 1.14 ? 60 ARG A NE   1 
ATOM 944  C CZ   . ARG A 1 60 ? 8.710   0.840   -15.166 1.00 1.70 ? 60 ARG A CZ   1 
ATOM 945  N NH1  . ARG A 1 60 ? 7.718   1.637   -15.460 1.00 2.51 ? 60 ARG A NH1  1 
ATOM 946  N NH2  . ARG A 1 60 ? 9.939   1.228   -15.367 1.00 2.33 ? 60 ARG A NH2  1 
ATOM 947  H H    . ARG A 1 60 ? 4.634   -3.705  -12.223 1.00 0.25 ? 60 ARG A H    1 
ATOM 948  H HA   . ARG A 1 60 ? 7.348   -4.211  -11.478 1.00 0.31 ? 60 ARG A HA   1 
ATOM 949  H HB2  . ARG A 1 60 ? 6.815   -3.307  -13.681 1.00 0.72 ? 60 ARG A HB2  1 
ATOM 950  H HB3  . ARG A 1 60 ? 6.128   -1.855  -12.951 1.00 1.02 ? 60 ARG A HB3  1 
ATOM 951  H HG2  . ARG A 1 60 ? 8.683   -2.044  -11.837 1.00 1.75 ? 60 ARG A HG2  1 
ATOM 952  H HG3  . ARG A 1 60 ? 8.911   -2.479  -13.531 1.00 1.69 ? 60 ARG A HG3  1 
ATOM 953  H HD2  . ARG A 1 60 ? 7.135   -0.160  -13.048 1.00 1.20 ? 60 ARG A HD2  1 
ATOM 954  H HD3  . ARG A 1 60 ? 8.832   0.090   -12.640 1.00 1.28 ? 60 ARG A HD3  1 
ATOM 955  H HE   . ARG A 1 60 ? 8.505   -1.133  -15.255 1.00 1.62 ? 60 ARG A HE   1 
ATOM 956  H HH11 . ARG A 1 60 ? 6.776   1.340   -15.308 1.00 2.81 ? 60 ARG A HH11 1 
ATOM 957  H HH12 . ARG A 1 60 ? 7.902   2.546   -15.837 1.00 3.20 ? 60 ARG A HH12 1 
ATOM 958  H HH21 . ARG A 1 60 ? 10.699  0.618   -15.143 1.00 2.54 ? 60 ARG A HH21 1 
ATOM 959  H HH22 . ARG A 1 60 ? 10.122  2.136   -15.743 1.00 3.04 ? 60 ARG A HH22 1 
ATOM 960  N N    . ALA A 1 61 ? 5.949   -1.558  -10.136 1.00 0.21 ? 61 ALA A N    1 
ATOM 961  C CA   . ALA A 1 61 ? 6.067   -0.612  -8.994  1.00 0.25 ? 61 ALA A CA   1 
ATOM 962  C C    . ALA A 1 61 ? 6.012   -1.403  -7.687  1.00 0.23 ? 61 ALA A C    1 
ATOM 963  O O    . ALA A 1 61 ? 6.402   -0.925  -6.642  1.00 0.38 ? 61 ALA A O    1 
ATOM 964  C CB   . ALA A 1 61 ? 4.902   0.378   -9.037  1.00 0.32 ? 61 ALA A CB   1 
ATOM 965  H H    . ALA A 1 61 ? 5.165   -1.521  -10.722 1.00 0.25 ? 61 ALA A H    1 
ATOM 966  H HA   . ALA A 1 61 ? 7.002   -0.077  -9.058  1.00 0.28 ? 61 ALA A HA   1 
ATOM 967  H HB1  . ALA A 1 61 ? 4.829   0.806   -10.027 1.00 1.01 ? 61 ALA A HB1  1 
ATOM 968  H HB2  . ALA A 1 61 ? 3.982   -0.137  -8.801  1.00 1.02 ? 61 ALA A HB2  1 
ATOM 969  H HB3  . ALA A 1 61 ? 5.069   1.164   -8.317  1.00 1.09 ? 61 ALA A HB3  1 
ATOM 970  N N    . ILE A 1 62 ? 5.536   -2.614  -7.746  1.00 0.19 ? 62 ILE A N    1 
ATOM 971  C CA   . ILE A 1 62 ? 5.456   -3.454  -6.520  1.00 0.23 ? 62 ILE A CA   1 
ATOM 972  C C    . ILE A 1 62 ? 6.841   -4.021  -6.218  1.00 0.21 ? 62 ILE A C    1 
ATOM 973  O O    . ILE A 1 62 ? 7.233   -4.156  -5.075  1.00 0.38 ? 62 ILE A O    1 
ATOM 974  C CB   . ILE A 1 62 ? 4.441   -4.581  -6.753  1.00 0.26 ? 62 ILE A CB   1 
ATOM 975  C CG1  . ILE A 1 62 ? 3.032   -4.024  -6.538  1.00 0.35 ? 62 ILE A CG1  1 
ATOM 976  C CG2  . ILE A 1 62 ? 4.687   -5.730  -5.773  1.00 0.33 ? 62 ILE A CG2  1 
ATOM 977  C CD1  . ILE A 1 62 ? 2.001   -5.136  -6.730  1.00 0.44 ? 62 ILE A CD1  1 
ATOM 978  H H    . ILE A 1 62 ? 5.236   -2.977  -8.602  1.00 0.27 ? 62 ILE A H    1 
ATOM 979  H HA   . ILE A 1 62 ? 5.130   -2.843  -5.691  1.00 0.29 ? 62 ILE A HA   1 
ATOM 980  H HB   . ILE A 1 62 ? 4.533   -4.946  -7.764  1.00 0.23 ? 62 ILE A HB   1 
ATOM 981  H HG12 . ILE A 1 62 ? 2.955   -3.630  -5.536  1.00 0.51 ? 62 ILE A HG12 1 
ATOM 982  H HG13 . ILE A 1 62 ? 2.845   -3.235  -7.250  1.00 0.35 ? 62 ILE A HG13 1 
ATOM 983  H HG21 . ILE A 1 62 ? 5.099   -5.341  -4.856  1.00 0.97 ? 62 ILE A HG21 1 
ATOM 984  H HG22 . ILE A 1 62 ? 3.753   -6.232  -5.565  1.00 1.03 ? 62 ILE A HG22 1 
ATOM 985  H HG23 . ILE A 1 62 ? 5.382   -6.432  -6.211  1.00 1.07 ? 62 ILE A HG23 1 
ATOM 986  H HD11 . ILE A 1 62 ? 2.313   -5.782  -7.535  1.00 1.14 ? 62 ILE A HD11 1 
ATOM 987  H HD12 . ILE A 1 62 ? 1.912   -5.708  -5.819  1.00 1.15 ? 62 ILE A HD12 1 
ATOM 988  H HD13 . ILE A 1 62 ? 1.044   -4.700  -6.973  1.00 1.08 ? 62 ILE A HD13 1 
ATOM 989  N N    . LYS A 1 63 ? 7.595   -4.332  -7.233  1.00 0.18 ? 63 LYS A N    1 
ATOM 990  C CA   . LYS A 1 63 ? 8.964   -4.865  -7.000  1.00 0.22 ? 63 LYS A CA   1 
ATOM 991  C C    . LYS A 1 63 ? 9.872   -3.703  -6.600  1.00 0.21 ? 63 LYS A C    1 
ATOM 992  O O    . LYS A 1 63 ? 10.884  -3.882  -5.951  1.00 0.25 ? 63 LYS A O    1 
ATOM 993  C CB   . LYS A 1 63 ? 9.495   -5.514  -8.281  1.00 0.29 ? 63 LYS A CB   1 
ATOM 994  C CG   . LYS A 1 63 ? 10.926  -6.001  -8.049  1.00 1.36 ? 63 LYS A CG   1 
ATOM 995  C CD   . LYS A 1 63 ? 11.197  -7.233  -8.916  1.00 1.70 ? 63 LYS A CD   1 
ATOM 996  C CE   . LYS A 1 63 ? 10.964  -6.884  -10.388 1.00 2.38 ? 63 LYS A CE   1 
ATOM 997  N NZ   . LYS A 1 63 ? 12.044  -7.487  -11.218 1.00 2.82 ? 63 LYS A NZ   1 
ATOM 998  H H    . LYS A 1 63 ? 7.267   -4.201  -8.147  1.00 0.29 ? 63 LYS A H    1 
ATOM 999  H HA   . LYS A 1 63 ? 8.939   -5.597  -6.204  1.00 0.26 ? 63 LYS A HA   1 
ATOM 1000 H HB2  . LYS A 1 63 ? 8.866   -6.352  -8.548  1.00 1.03 ? 63 LYS A HB2  1 
ATOM 1001 H HB3  . LYS A 1 63 ? 9.488   -4.788  -9.081  1.00 1.10 ? 63 LYS A HB3  1 
ATOM 1002 H HG2  . LYS A 1 63 ? 11.621  -5.215  -8.312  1.00 2.03 ? 63 LYS A HG2  1 
ATOM 1003 H HG3  . LYS A 1 63 ? 11.053  -6.260  -7.009  1.00 2.02 ? 63 LYS A HG3  1 
ATOM 1004 H HD2  . LYS A 1 63 ? 12.220  -7.551  -8.779  1.00 2.02 ? 63 LYS A HD2  1 
ATOM 1005 H HD3  . LYS A 1 63 ? 10.529  -8.030  -8.627  1.00 2.08 ? 63 LYS A HD3  1 
ATOM 1006 H HE2  . LYS A 1 63 ? 10.007  -7.275  -10.703 1.00 2.81 ? 63 LYS A HE2  1 
ATOM 1007 H HE3  . LYS A 1 63 ? 10.971  -5.811  -10.510 1.00 2.88 ? 63 LYS A HE3  1 
ATOM 1008 H HZ1  . LYS A 1 63 ? 12.333  -8.396  -10.807 1.00 3.21 ? 63 LYS A HZ1  1 
ATOM 1009 H HZ2  . LYS A 1 63 ? 11.693  -7.642  -12.185 1.00 3.12 ? 63 LYS A HZ2  1 
ATOM 1010 H HZ3  . LYS A 1 63 ? 12.861  -6.842  -11.244 1.00 3.09 ? 63 LYS A HZ3  1 
ATOM 1011 N N    . VAL A 1 64 ? 9.514   -2.508  -6.989  1.00 0.23 ? 64 VAL A N    1 
ATOM 1012 C CA   . VAL A 1 64 ? 10.350  -1.323  -6.640  1.00 0.26 ? 64 VAL A CA   1 
ATOM 1013 C C    . VAL A 1 64 ? 9.857   -0.700  -5.329  1.00 0.25 ? 64 VAL A C    1 
ATOM 1014 O O    . VAL A 1 64 ? 10.493  -0.808  -4.300  1.00 0.38 ? 64 VAL A O    1 
ATOM 1015 C CB   . VAL A 1 64 ? 10.249  -0.287  -7.759  1.00 0.30 ? 64 VAL A CB   1 
ATOM 1016 C CG1  . VAL A 1 64 ? 11.079  0.945   -7.393  1.00 0.39 ? 64 VAL A CG1  1 
ATOM 1017 C CG2  . VAL A 1 64 ? 10.781  -0.888  -9.061  1.00 0.31 ? 64 VAL A CG2  1 
ATOM 1018 H H    . VAL A 1 64 ? 8.693   -2.390  -7.518  1.00 0.25 ? 64 VAL A H    1 
ATOM 1019 H HA   . VAL A 1 64 ? 11.377  -1.628  -6.526  1.00 0.30 ? 64 VAL A HA   1 
ATOM 1020 H HB   . VAL A 1 64 ? 9.215   0.002   -7.889  1.00 0.32 ? 64 VAL A HB   1 
ATOM 1021 H HG11 . VAL A 1 64 ? 11.951  0.639   -6.836  1.00 1.16 ? 64 VAL A HG11 1 
ATOM 1022 H HG12 . VAL A 1 64 ? 11.385  1.454   -8.294  1.00 1.04 ? 64 VAL A HG12 1 
ATOM 1023 H HG13 . VAL A 1 64 ? 10.483  1.614   -6.788  1.00 1.05 ? 64 VAL A HG13 1 
ATOM 1024 H HG21 . VAL A 1 64 ? 11.289  -1.818  -8.848  1.00 1.05 ? 64 VAL A HG21 1 
ATOM 1025 H HG22 . VAL A 1 64 ? 9.957   -1.075  -9.734  1.00 1.06 ? 64 VAL A HG22 1 
ATOM 1026 H HG23 . VAL A 1 64 ? 11.472  -0.198  -9.521  1.00 1.09 ? 64 VAL A HG23 1 
ATOM 1027 N N    . LEU A 1 65 ? 8.735   -0.036  -5.370  1.00 0.27 ? 65 LEU A N    1 
ATOM 1028 C CA   . LEU A 1 65 ? 8.190   0.617   -4.139  1.00 0.27 ? 65 LEU A CA   1 
ATOM 1029 C C    . LEU A 1 65 ? 8.392   -0.290  -2.922  1.00 0.31 ? 65 LEU A C    1 
ATOM 1030 O O    . LEU A 1 65 ? 8.570   0.178   -1.815  1.00 0.63 ? 65 LEU A O    1 
ATOM 1031 C CB   . LEU A 1 65 ? 6.694   0.889   -4.327  1.00 0.24 ? 65 LEU A CB   1 
ATOM 1032 C CG   . LEU A 1 65 ? 6.499   2.133   -5.191  1.00 0.32 ? 65 LEU A CG   1 
ATOM 1033 C CD1  . LEU A 1 65 ? 5.025   2.534   -5.169  1.00 0.34 ? 65 LEU A CD1  1 
ATOM 1034 C CD2  . LEU A 1 65 ? 7.343   3.284   -4.637  1.00 0.52 ? 65 LEU A CD2  1 
ATOM 1035 H H    . LEU A 1 65 ? 8.252   0.044   -6.217  1.00 0.40 ? 65 LEU A H    1 
ATOM 1036 H HA   . LEU A 1 65 ? 8.705   1.549   -3.973  1.00 0.29 ? 65 LEU A HA   1 
ATOM 1037 H HB2  . LEU A 1 65 ? 6.234   0.041   -4.808  1.00 0.27 ? 65 LEU A HB2  1 
ATOM 1038 H HB3  . LEU A 1 65 ? 6.229   1.048   -3.366  1.00 0.27 ? 65 LEU A HB3  1 
ATOM 1039 H HG   . LEU A 1 65 ? 6.799   1.918   -6.207  1.00 0.42 ? 65 LEU A HG   1 
ATOM 1040 H HD11 . LEU A 1 65 ? 4.526   2.022   -4.360  1.00 1.04 ? 65 LEU A HD11 1 
ATOM 1041 H HD12 . LEU A 1 65 ? 4.947   3.601   -5.022  1.00 0.92 ? 65 LEU A HD12 1 
ATOM 1042 H HD13 . LEU A 1 65 ? 4.565   2.263   -6.106  1.00 0.96 ? 65 LEU A HD13 1 
ATOM 1043 H HD21 . LEU A 1 65 ? 7.632   3.062   -3.622  1.00 1.24 ? 65 LEU A HD21 1 
ATOM 1044 H HD22 . LEU A 1 65 ? 8.227   3.408   -5.246  1.00 1.10 ? 65 LEU A HD22 1 
ATOM 1045 H HD23 . LEU A 1 65 ? 6.765   4.197   -4.655  1.00 1.11 ? 65 LEU A HD23 1 
ATOM 1046 N N    . ASN A 1 66 ? 8.364   -1.577  -3.111  1.00 0.23 ? 66 ASN A N    1 
ATOM 1047 C CA   . ASN A 1 66 ? 8.551   -2.498  -1.955  1.00 0.21 ? 66 ASN A CA   1 
ATOM 1048 C C    . ASN A 1 66 ? 9.759   -2.048  -1.127  1.00 0.22 ? 66 ASN A C    1 
ATOM 1049 O O    . ASN A 1 66 ? 10.893  -2.295  -1.485  1.00 0.28 ? 66 ASN A O    1 
ATOM 1050 C CB   . ASN A 1 66 ? 8.799   -3.919  -2.468  1.00 0.26 ? 66 ASN A CB   1 
ATOM 1051 C CG   . ASN A 1 66 ? 9.150   -4.831  -1.292  1.00 0.48 ? 66 ASN A CG   1 
ATOM 1052 O OD1  . ASN A 1 66 ? 10.103  -4.583  -0.581  1.00 1.41 ? 66 ASN A OD1  1 
ATOM 1053 N ND2  . ASN A 1 66 ? 8.416   -5.883  -1.057  1.00 1.03 ? 66 ASN A ND2  1 
ATOM 1054 H H    . ASN A 1 66 ? 8.217   -1.940  -4.010  1.00 0.45 ? 66 ASN A H    1 
ATOM 1055 H HA   . ASN A 1 66 ? 7.663   -2.486  -1.336  1.00 0.21 ? 66 ASN A HA   1 
ATOM 1056 H HB2  . ASN A 1 66 ? 7.911   -4.287  -2.960  1.00 0.34 ? 66 ASN A HB2  1 
ATOM 1057 H HB3  . ASN A 1 66 ? 9.620   -3.909  -3.170  1.00 0.40 ? 66 ASN A HB3  1 
ATOM 1058 H HD21 . ASN A 1 66 ? 7.647   -6.083  -1.632  1.00 1.82 ? 66 ASN A HD21 1 
ATOM 1059 H HD22 . ASN A 1 66 ? 8.632   -6.473  -0.306  1.00 1.08 ? 66 ASN A HD22 1 
ATOM 1060 N N    . GLY A 1 67 ? 9.528   -1.406  -0.013  1.00 0.26 ? 67 GLY A N    1 
ATOM 1061 C CA   . GLY A 1 67 ? 10.670  -0.962  0.839   1.00 0.29 ? 67 GLY A CA   1 
ATOM 1062 C C    . GLY A 1 67 ? 11.251  0.360   0.321   1.00 0.30 ? 67 GLY A C    1 
ATOM 1063 O O    . GLY A 1 67 ? 12.414  0.439   -0.024  1.00 0.37 ? 67 GLY A O    1 
ATOM 1064 H H    . GLY A 1 67 ? 8.604   -1.227  0.270   1.00 0.32 ? 67 GLY A H    1 
ATOM 1065 H HA2  . GLY A 1 67 ? 10.331  -0.829  1.854   1.00 0.31 ? 67 GLY A HA2  1 
ATOM 1066 H HA3  . GLY A 1 67 ? 11.441  -1.717  0.819   1.00 0.33 ? 67 GLY A HA3  1 
ATOM 1067 N N    . ILE A 1 68 ? 10.465  1.403   0.278   1.00 0.29 ? 68 ILE A N    1 
ATOM 1068 C CA   . ILE A 1 68 ? 11.000  2.713   -0.200  1.00 0.31 ? 68 ILE A CA   1 
ATOM 1069 C C    . ILE A 1 68 ? 11.504  3.515   1.011   1.00 0.36 ? 68 ILE A C    1 
ATOM 1070 O O    . ILE A 1 68 ? 12.390  3.072   1.715   1.00 0.53 ? 68 ILE A O    1 
ATOM 1071 C CB   . ILE A 1 68 ? 9.906   3.484   -0.943  1.00 0.31 ? 68 ILE A CB   1 
ATOM 1072 C CG1  . ILE A 1 68 ? 8.598   3.412   -0.159  1.00 0.31 ? 68 ILE A CG1  1 
ATOM 1073 C CG2  . ILE A 1 68 ? 9.689   2.860   -2.320  1.00 0.35 ? 68 ILE A CG2  1 
ATOM 1074 C CD1  . ILE A 1 68 ? 7.577   4.369   -0.775  1.00 0.34 ? 68 ILE A CD1  1 
ATOM 1075 H H    . ILE A 1 68 ? 9.533   1.330   0.573   1.00 0.32 ? 68 ILE A H    1 
ATOM 1076 H HA   . ILE A 1 68 ? 11.825  2.535   -0.872  1.00 0.34 ? 68 ILE A HA   1 
ATOM 1077 H HB   . ILE A 1 68 ? 10.208  4.512   -1.059  1.00 0.36 ? 68 ILE A HB   1 
ATOM 1078 H HG12 . ILE A 1 68 ? 8.214   2.402   -0.198  1.00 0.30 ? 68 ILE A HG12 1 
ATOM 1079 H HG13 . ILE A 1 68 ? 8.778   3.691   0.866   1.00 0.35 ? 68 ILE A HG13 1 
ATOM 1080 H HG21 . ILE A 1 68 ? 10.487  2.166   -2.532  1.00 1.08 ? 68 ILE A HG21 1 
ATOM 1081 H HG22 . ILE A 1 68 ? 8.745   2.338   -2.327  1.00 1.07 ? 68 ILE A HG22 1 
ATOM 1082 H HG23 . ILE A 1 68 ? 9.676   3.637   -3.071  1.00 1.04 ? 68 ILE A HG23 1 
ATOM 1083 H HD11 . ILE A 1 68 ? 8.028   4.893   -1.605  1.00 1.01 ? 68 ILE A HD11 1 
ATOM 1084 H HD12 . ILE A 1 68 ? 6.724   3.806   -1.127  1.00 1.04 ? 68 ILE A HD12 1 
ATOM 1085 H HD13 . ILE A 1 68 ? 7.255   5.082   -0.030  1.00 1.04 ? 68 ILE A HD13 1 
ATOM 1086 N N    . THR A 1 69 ? 10.968  4.682   1.275   1.00 0.46 ? 69 THR A N    1 
ATOM 1087 C CA   . THR A 1 69 ? 11.462  5.456   2.453   1.00 0.52 ? 69 THR A CA   1 
ATOM 1088 C C    . THR A 1 69 ? 10.439  6.516   2.878   1.00 0.72 ? 69 THR A C    1 
ATOM 1089 O O    . THR A 1 69 ? 10.096  7.398   2.116   1.00 0.90 ? 69 THR A O    1 
ATOM 1090 C CB   . THR A 1 69 ? 12.779  6.148   2.092   1.00 0.62 ? 69 THR A CB   1 
ATOM 1091 O OG1  . THR A 1 69 ? 13.719  5.176   1.658   1.00 0.70 ? 69 THR A OG1  1 
ATOM 1092 C CG2  . THR A 1 69 ? 13.325  6.877   3.322   1.00 0.73 ? 69 THR A CG2  1 
ATOM 1093 H H    . THR A 1 69 ? 10.254  5.043   0.713   1.00 0.62 ? 69 THR A H    1 
ATOM 1094 H HA   . THR A 1 69 ? 11.633  4.779   3.273   1.00 0.52 ? 69 THR A HA   1 
ATOM 1095 H HB   . THR A 1 69 ? 12.606  6.862   1.303   1.00 0.74 ? 69 THR A HB   1 
ATOM 1096 H HG1  . THR A 1 69 ? 14.037  5.438   0.790   1.00 1.08 ? 69 THR A HG1  1 
ATOM 1097 H HG21 . THR A 1 69 ? 12.640  6.754   4.147   1.00 1.17 ? 69 THR A HG21 1 
ATOM 1098 H HG22 . THR A 1 69 ? 14.287  6.464   3.588   1.00 1.24 ? 69 THR A HG22 1 
ATOM 1099 H HG23 . THR A 1 69 ? 13.434  7.928   3.099   1.00 1.20 ? 69 THR A HG23 1 
ATOM 1100 N N    . VAL A 1 70 ? 9.962   6.448   4.095   1.00 0.82 ? 70 VAL A N    1 
ATOM 1101 C CA   . VAL A 1 70 ? 8.978   7.468   4.570   1.00 1.08 ? 70 VAL A CA   1 
ATOM 1102 C C    . VAL A 1 70 ? 9.685   8.499   5.453   1.00 1.14 ? 70 VAL A C    1 
ATOM 1103 O O    . VAL A 1 70 ? 9.289   8.741   6.574   1.00 1.53 ? 70 VAL A O    1 
ATOM 1104 C CB   . VAL A 1 70 ? 7.874   6.800   5.389   1.00 1.28 ? 70 VAL A CB   1 
ATOM 1105 C CG1  . VAL A 1 70 ? 8.493   6.039   6.563   1.00 1.44 ? 70 VAL A CG1  1 
ATOM 1106 C CG2  . VAL A 1 70 ? 6.927   7.875   5.925   1.00 1.51 ? 70 VAL A CG2  1 
ATOM 1107 H H    . VAL A 1 70 ? 10.259  5.735   4.698   1.00 0.80 ? 70 VAL A H    1 
ATOM 1108 H HA   . VAL A 1 70 ? 8.539   7.965   3.717   1.00 1.17 ? 70 VAL A HA   1 
ATOM 1109 H HB   . VAL A 1 70 ? 7.326   6.115   4.766   1.00 1.45 ? 70 VAL A HB   1 
ATOM 1110 H HG11 . VAL A 1 70 ? 9.216   5.328   6.192   1.00 1.75 ? 70 VAL A HG11 1 
ATOM 1111 H HG12 . VAL A 1 70 ? 8.981   6.738   7.225   1.00 1.79 ? 70 VAL A HG12 1 
ATOM 1112 H HG13 . VAL A 1 70 ? 7.717   5.515   7.102   1.00 1.93 ? 70 VAL A HG13 1 
ATOM 1113 H HG21 . VAL A 1 70 ? 7.326   8.852   5.691   1.00 2.06 ? 70 VAL A HG21 1 
ATOM 1114 H HG22 . VAL A 1 70 ? 5.956   7.764   5.465   1.00 1.77 ? 70 VAL A HG22 1 
ATOM 1115 H HG23 . VAL A 1 70 ? 6.833   7.772   6.995   1.00 1.80 ? 70 VAL A HG23 1 
ATOM 1116 N N    . ARG A 1 71 ? 10.720  9.113   4.957   1.00 1.40 ? 71 ARG A N    1 
ATOM 1117 C CA   . ARG A 1 71 ? 11.439  10.137  5.769   1.00 1.44 ? 71 ARG A CA   1 
ATOM 1118 C C    . ARG A 1 71 ? 11.809  9.556   7.138   1.00 1.18 ? 71 ARG A C    1 
ATOM 1119 O O    . ARG A 1 71 ? 12.084  10.288  8.069   1.00 1.30 ? 71 ARG A O    1 
ATOM 1120 C CB   . ARG A 1 71 ? 10.541  11.366  5.987   1.00 1.91 ? 71 ARG A CB   1 
ATOM 1121 C CG   . ARG A 1 71 ? 9.559   11.542  4.822   1.00 2.50 ? 71 ARG A CG   1 
ATOM 1122 C CD   . ARG A 1 71 ? 8.267   12.178  5.342   1.00 2.94 ? 71 ARG A CD   1 
ATOM 1123 N NE   . ARG A 1 71 ? 7.663   11.294  6.380   1.00 3.09 ? 71 ARG A NE   1 
ATOM 1124 C CZ   . ARG A 1 71 ? 6.518   11.606  6.924   1.00 3.72 ? 71 ARG A CZ   1 
ATOM 1125 N NH1  . ARG A 1 71 ? 5.757   12.509  6.371   1.00 4.22 ? 71 ARG A NH1  1 
ATOM 1126 N NH2  . ARG A 1 71 ? 6.136   11.014  8.022   1.00 4.24 ? 71 ARG A NH2  1 
ATOM 1127 H H    . ARG A 1 71 ? 11.021  8.909   4.047   1.00 1.87 ? 71 ARG A H    1 
ATOM 1128 H HA   . ARG A 1 71 ? 12.338  10.438  5.251   1.00 1.52 ? 71 ARG A HA   1 
ATOM 1129 H HB2  . ARG A 1 71 ? 9.986   11.240  6.905   1.00 2.12 ? 71 ARG A HB2  1 
ATOM 1130 H HB3  . ARG A 1 71 ? 11.161  12.248  6.067   1.00 2.30 ? 71 ARG A HB3  1 
ATOM 1131 H HG2  . ARG A 1 71 ? 10.001  12.185  4.075   1.00 2.97 ? 71 ARG A HG2  1 
ATOM 1132 H HG3  . ARG A 1 71 ? 9.330   10.586  4.382   1.00 2.85 ? 71 ARG A HG3  1 
ATOM 1133 H HD2  . ARG A 1 71 ? 8.488   13.143  5.774   1.00 3.15 ? 71 ARG A HD2  1 
ATOM 1134 H HD3  . ARG A 1 71 ? 7.571   12.300  4.526   1.00 3.29 ? 71 ARG A HD3  1 
ATOM 1135 H HE   . ARG A 1 71 ? 8.126   10.475  6.655   1.00 2.86 ? 71 ARG A HE   1 
ATOM 1136 H HH11 . ARG A 1 71 ? 6.048   12.964  5.529   1.00 4.23 ? 71 ARG A HH11 1 
ATOM 1137 H HH12 . ARG A 1 71 ? 4.879   12.747  6.789   1.00 4.82 ? 71 ARG A HH12 1 
ATOM 1138 H HH21 . ARG A 1 71 ? 6.718   10.320  8.445   1.00 4.32 ? 71 ARG A HH21 1 
ATOM 1139 H HH22 . ARG A 1 71 ? 5.258   11.251  8.439   1.00 4.79 ? 71 ARG A HH22 1 
ATOM 1140 N N    . ASN A 1 72 ? 11.819  8.259   7.282   1.00 1.02 ? 72 ASN A N    1 
ATOM 1141 C CA   . ASN A 1 72 ? 12.174  7.676   8.610   1.00 1.24 ? 72 ASN A CA   1 
ATOM 1142 C C    . ASN A 1 72 ? 12.141  6.145   8.552   1.00 1.21 ? 72 ASN A C    1 
ATOM 1143 O O    . ASN A 1 72 ? 12.851  5.476   9.274   1.00 1.39 ? 72 ASN A O    1 
ATOM 1144 C CB   . ASN A 1 72 ? 11.170  8.164   9.658   1.00 1.66 ? 72 ASN A CB   1 
ATOM 1145 C CG   . ASN A 1 72 ? 11.713  7.879   11.060  1.00 2.13 ? 72 ASN A CG   1 
ATOM 1146 O OD1  . ASN A 1 72 ? 11.298  6.937   11.704  1.00 2.86 ? 72 ASN A OD1  1 
ATOM 1147 N ND2  . ASN A 1 72 ? 12.628  8.663   11.564  1.00 2.43 ? 72 ASN A ND2  1 
ATOM 1148 H H    . ASN A 1 72 ? 11.595  7.675   6.527   1.00 0.96 ? 72 ASN A H    1 
ATOM 1149 H HA   . ASN A 1 72 ? 13.164  7.999   8.889   1.00 1.38 ? 72 ASN A HA   1 
ATOM 1150 H HB2  . ASN A 1 72 ? 11.015  9.226   9.539   1.00 2.02 ? 72 ASN A HB2  1 
ATOM 1151 H HB3  . ASN A 1 72 ? 10.233  7.646   9.525   1.00 1.97 ? 72 ASN A HB3  1 
ATOM 1152 H HD21 . ASN A 1 72 ? 12.961  9.424   11.045  1.00 2.47 ? 72 ASN A HD21 1 
ATOM 1153 H HD22 . ASN A 1 72 ? 12.980  8.489   12.461  1.00 3.01 ? 72 ASN A HD22 1 
ATOM 1154 N N    . LYS A 1 73 ? 11.320  5.583   7.709   1.00 1.07 ? 73 LYS A N    1 
ATOM 1155 C CA   . LYS A 1 73 ? 11.251  4.096   7.623   1.00 1.09 ? 73 LYS A CA   1 
ATOM 1156 C C    . LYS A 1 73 ? 11.238  3.669   6.154   1.00 0.86 ? 73 LYS A C    1 
ATOM 1157 O O    . LYS A 1 73 ? 11.731  4.370   5.296   1.00 1.08 ? 73 LYS A O    1 
ATOM 1158 C CB   . LYS A 1 73 ? 9.975   3.610   8.317   1.00 1.33 ? 73 LYS A CB   1 
ATOM 1159 C CG   . LYS A 1 73 ? 9.977   4.080   9.774   1.00 1.58 ? 73 LYS A CG   1 
ATOM 1160 C CD   . LYS A 1 73 ? 9.961   2.864   10.704  1.00 2.05 ? 73 LYS A CD   1 
ATOM 1161 C CE   . LYS A 1 73 ? 8.993   3.116   11.861  1.00 2.32 ? 73 LYS A CE   1 
ATOM 1162 N NZ   . LYS A 1 73 ? 9.702   3.835   12.957  1.00 2.66 ? 73 LYS A NZ   1 
ATOM 1163 H H    . LYS A 1 73 ? 10.751  6.136   7.135   1.00 1.02 ? 73 LYS A H    1 
ATOM 1164 H HA   . LYS A 1 73 ? 12.112  3.668   8.115   1.00 1.20 ? 73 LYS A HA   1 
ATOM 1165 H HB2  . LYS A 1 73 ? 9.111   4.015   7.809   1.00 1.36 ? 73 LYS A HB2  1 
ATOM 1166 H HB3  . LYS A 1 73 ? 9.937   2.533   8.290   1.00 1.42 ? 73 LYS A HB3  1 
ATOM 1167 H HG2  . LYS A 1 73 ? 10.866  4.666   9.962   1.00 1.73 ? 73 LYS A HG2  1 
ATOM 1168 H HG3  . LYS A 1 73 ? 9.101   4.683   9.961   1.00 1.85 ? 73 LYS A HG3  1 
ATOM 1169 H HD2  . LYS A 1 73 ? 9.643   1.992   10.151  1.00 2.51 ? 73 LYS A HD2  1 
ATOM 1170 H HD3  . LYS A 1 73 ? 10.953  2.698   11.098  1.00 2.58 ? 73 LYS A HD3  1 
ATOM 1171 H HE2  . LYS A 1 73 ? 8.166   3.717   11.513  1.00 2.80 ? 73 LYS A HE2  1 
ATOM 1172 H HE3  . LYS A 1 73 ? 8.621   2.171   12.231  1.00 2.63 ? 73 LYS A HE3  1 
ATOM 1173 H HZ1  . LYS A 1 73 ? 10.663  3.447   13.060  1.00 3.00 ? 73 LYS A HZ1  1 
ATOM 1174 H HZ2  . LYS A 1 73 ? 9.759   4.847   12.729  1.00 2.95 ? 73 LYS A HZ2  1 
ATOM 1175 H HZ3  . LYS A 1 73 ? 9.181   3.711   13.848  1.00 2.94 ? 73 LYS A HZ3  1 
ATOM 1176 N N    . ARG A 1 74 ? 10.686  2.522   5.856   1.00 0.84 ? 74 ARG A N    1 
ATOM 1177 C CA   . ARG A 1 74 ? 10.651  2.055   4.439   1.00 0.63 ? 74 ARG A CA   1 
ATOM 1178 C C    . ARG A 1 74 ? 9.302   1.388   4.153   1.00 0.55 ? 74 ARG A C    1 
ATOM 1179 O O    . ARG A 1 74 ? 9.052   0.272   4.565   1.00 0.60 ? 74 ARG A O    1 
ATOM 1180 C CB   . ARG A 1 74 ? 11.779  1.046   4.207   1.00 0.68 ? 74 ARG A CB   1 
ATOM 1181 C CG   . ARG A 1 74 ? 13.132  1.724   4.438   1.00 0.99 ? 74 ARG A CG   1 
ATOM 1182 C CD   . ARG A 1 74 ? 14.057  0.773   5.203   1.00 1.28 ? 74 ARG A CD   1 
ATOM 1183 N NE   . ARG A 1 74 ? 15.449  0.913   4.688   1.00 1.83 ? 74 ARG A NE   1 
ATOM 1184 C CZ   . ARG A 1 74 ? 16.423  0.253   5.249   1.00 2.33 ? 74 ARG A CZ   1 
ATOM 1185 N NH1  . ARG A 1 74 ? 16.560  0.269   6.548   1.00 2.76 ? 74 ARG A NH1  1 
ATOM 1186 N NH2  . ARG A 1 74 ? 17.263  -0.423  4.513   1.00 3.03 ? 74 ARG A NH2  1 
ATOM 1187 H H    . ARG A 1 74 ? 10.298  1.966   6.563   1.00 1.18 ? 74 ARG A H    1 
ATOM 1188 H HA   . ARG A 1 74 ? 10.782  2.900   3.779   1.00 0.60 ? 74 ARG A HA   1 
ATOM 1189 H HB2  . ARG A 1 74 ? 11.668  0.219   4.894   1.00 0.84 ? 74 ARG A HB2  1 
ATOM 1190 H HB3  . ARG A 1 74 ? 11.731  0.680   3.193   1.00 0.84 ? 74 ARG A HB3  1 
ATOM 1191 H HG2  . ARG A 1 74 ? 13.578  1.972   3.486   1.00 1.37 ? 74 ARG A HG2  1 
ATOM 1192 H HG3  . ARG A 1 74 ? 12.990  2.624   5.016   1.00 1.49 ? 74 ARG A HG3  1 
ATOM 1193 H HD2  . ARG A 1 74 ? 14.036  1.017   6.254   1.00 1.91 ? 74 ARG A HD2  1 
ATOM 1194 H HD3  . ARG A 1 74 ? 13.722  -0.245  5.063   1.00 1.67 ? 74 ARG A HD3  1 
ATOM 1195 H HE   . ARG A 1 74 ? 15.632  1.503   3.927   1.00 2.35 ? 74 ARG A HE   1 
ATOM 1196 H HH11 . ARG A 1 74 ? 15.918  0.788   7.112   1.00 2.91 ? 74 ARG A HH11 1 
ATOM 1197 H HH12 . ARG A 1 74 ? 17.307  -0.238  6.978   1.00 3.32 ? 74 ARG A HH12 1 
ATOM 1198 H HH21 . ARG A 1 74 ? 17.159  -0.435  3.519   1.00 3.31 ? 74 ARG A HH21 1 
ATOM 1199 H HH22 . ARG A 1 74 ? 18.010  -0.930  4.944   1.00 3.58 ? 74 ARG A HH22 1 
ATOM 1200 N N    . LEU A 1 75 ? 8.430   2.062   3.452   1.00 0.54 ? 75 LEU A N    1 
ATOM 1201 C CA   . LEU A 1 75 ? 7.094   1.464   3.142   1.00 0.50 ? 75 LEU A CA   1 
ATOM 1202 C C    . LEU A 1 75 ? 7.261   0.062   2.562   1.00 0.45 ? 75 LEU A C    1 
ATOM 1203 O O    . LEU A 1 75 ? 8.340   -0.352  2.195   1.00 0.66 ? 75 LEU A O    1 
ATOM 1204 C CB   . LEU A 1 75 ? 6.358   2.317   2.104   1.00 0.49 ? 75 LEU A CB   1 
ATOM 1205 C CG   . LEU A 1 75 ? 5.696   3.514   2.779   1.00 0.60 ? 75 LEU A CG   1 
ATOM 1206 C CD1  . LEU A 1 75 ? 4.847   3.036   3.958   1.00 0.72 ? 75 LEU A CD1  1 
ATOM 1207 C CD2  . LEU A 1 75 ? 6.776   4.472   3.277   1.00 0.81 ? 75 LEU A CD2  1 
ATOM 1208 H H    . LEU A 1 75 ? 8.651   2.964   3.132   1.00 0.62 ? 75 LEU A H    1 
ATOM 1209 H HA   . LEU A 1 75 ? 6.506   1.411   4.044   1.00 0.57 ? 75 LEU A HA   1 
ATOM 1210 H HB2  . LEU A 1 75 ? 7.062   2.667   1.369   1.00 0.46 ? 75 LEU A HB2  1 
ATOM 1211 H HB3  . LEU A 1 75 ? 5.603   1.716   1.618   1.00 0.50 ? 75 LEU A HB3  1 
ATOM 1212 H HG   . LEU A 1 75 ? 5.063   4.023   2.066   1.00 0.67 ? 75 LEU A HG   1 
ATOM 1213 H HD11 . LEU A 1 75 ? 4.437   2.062   3.734   1.00 1.30 ? 75 LEU A HD11 1 
ATOM 1214 H HD12 . LEU A 1 75 ? 5.462   2.974   4.843   1.00 1.27 ? 75 LEU A HD12 1 
ATOM 1215 H HD13 . LEU A 1 75 ? 4.042   3.735   4.127   1.00 1.13 ? 75 LEU A HD13 1 
ATOM 1216 H HD21 . LEU A 1 75 ? 7.627   4.429   2.614   1.00 1.14 ? 75 LEU A HD21 1 
ATOM 1217 H HD22 . LEU A 1 75 ? 6.383   5.478   3.292   1.00 1.30 ? 75 LEU A HD22 1 
ATOM 1218 H HD23 . LEU A 1 75 ? 7.078   4.187   4.273   1.00 1.48 ? 75 LEU A HD23 1 
ATOM 1219 N N    . LYS A 1 76 ? 6.180   -0.656  2.452   1.00 0.34 ? 76 LYS A N    1 
ATOM 1220 C CA   . LYS A 1 76 ? 6.232   -2.023  1.869   1.00 0.31 ? 76 LYS A CA   1 
ATOM 1221 C C    . LYS A 1 76 ? 5.164   -2.095  0.783   1.00 0.39 ? 76 LYS A C    1 
ATOM 1222 O O    . LYS A 1 76 ? 4.266   -1.285  0.756   1.00 1.03 ? 76 LYS A O    1 
ATOM 1223 C CB   . LYS A 1 76 ? 5.926   -3.056  2.949   1.00 0.33 ? 76 LYS A CB   1 
ATOM 1224 C CG   . LYS A 1 76 ? 6.478   -4.419  2.525   1.00 0.45 ? 76 LYS A CG   1 
ATOM 1225 C CD   . LYS A 1 76 ? 6.582   -5.332  3.748   1.00 1.08 ? 76 LYS A CD   1 
ATOM 1226 C CE   . LYS A 1 76 ? 7.444   -6.549  3.404   1.00 1.43 ? 76 LYS A CE   1 
ATOM 1227 N NZ   . LYS A 1 76 ? 6.633   -7.789  3.559   1.00 1.99 ? 76 LYS A NZ   1 
ATOM 1228 H H    . LYS A 1 76 ? 5.319   -0.283  2.737   1.00 0.42 ? 76 LYS A H    1 
ATOM 1229 H HA   . LYS A 1 76 ? 7.208   -2.206  1.442   1.00 0.29 ? 76 LYS A HA   1 
ATOM 1230 H HB2  . LYS A 1 76 ? 6.378   -2.751  3.877   1.00 0.33 ? 76 LYS A HB2  1 
ATOM 1231 H HB3  . LYS A 1 76 ? 4.860   -3.131  3.077   1.00 0.39 ? 76 LYS A HB3  1 
ATOM 1232 H HG2  . LYS A 1 76 ? 5.816   -4.865  1.797   1.00 1.03 ? 76 LYS A HG2  1 
ATOM 1233 H HG3  . LYS A 1 76 ? 7.457   -4.291  2.089   1.00 1.02 ? 76 LYS A HG3  1 
ATOM 1234 H HD2  . LYS A 1 76 ? 7.034   -4.789  4.565   1.00 1.72 ? 76 LYS A HD2  1 
ATOM 1235 H HD3  . LYS A 1 76 ? 5.595   -5.662  4.036   1.00 1.68 ? 76 LYS A HD3  1 
ATOM 1236 H HE2  . LYS A 1 76 ? 7.789   -6.469  2.384   1.00 1.80 ? 76 LYS A HE2  1 
ATOM 1237 H HE3  . LYS A 1 76 ? 8.293   -6.589  4.070   1.00 2.01 ? 76 LYS A HE3  1 
ATOM 1238 H HZ1  . LYS A 1 76 ? 5.684   -7.543  3.906   1.00 2.43 ? 76 LYS A HZ1  1 
ATOM 1239 H HZ2  . LYS A 1 76 ? 6.553   -8.267  2.638   1.00 2.47 ? 76 LYS A HZ2  1 
ATOM 1240 H HZ3  . LYS A 1 76 ? 7.095   -8.423  4.240   1.00 2.29 ? 76 LYS A HZ3  1 
ATOM 1241 N N    . VAL A 1 77 ? 5.240   -3.039  -0.110  1.00 0.40 ? 77 VAL A N    1 
ATOM 1242 C CA   . VAL A 1 77 ? 4.200   -3.112  -1.175  1.00 0.34 ? 77 VAL A CA   1 
ATOM 1243 C C    . VAL A 1 77 ? 4.045   -4.552  -1.663  1.00 0.32 ? 77 VAL A C    1 
ATOM 1244 O O    . VAL A 1 77 ? 4.964   -5.140  -2.201  1.00 0.49 ? 77 VAL A O    1 
ATOM 1245 C CB   . VAL A 1 77 ? 4.600   -2.209  -2.344  1.00 0.34 ? 77 VAL A CB   1 
ATOM 1246 C CG1  . VAL A 1 77 ? 5.725   -2.869  -3.143  1.00 0.34 ? 77 VAL A CG1  1 
ATOM 1247 C CG2  . VAL A 1 77 ? 3.390   -1.989  -3.255  1.00 0.34 ? 77 VAL A CG2  1 
ATOM 1248 H H    . VAL A 1 77 ? 5.970   -3.692  -0.084  1.00 0.92 ? 77 VAL A H    1 
ATOM 1249 H HA   . VAL A 1 77 ? 3.257   -2.772  -0.773  1.00 0.35 ? 77 VAL A HA   1 
ATOM 1250 H HB   . VAL A 1 77 ? 4.943   -1.259  -1.962  1.00 0.40 ? 77 VAL A HB   1 
ATOM 1251 H HG11 . VAL A 1 77 ? 6.419   -3.337  -2.462  1.00 1.02 ? 77 VAL A HG11 1 
ATOM 1252 H HG12 . VAL A 1 77 ? 5.308   -3.616  -3.803  1.00 1.11 ? 77 VAL A HG12 1 
ATOM 1253 H HG13 . VAL A 1 77 ? 6.241   -2.121  -3.726  1.00 1.03 ? 77 VAL A HG13 1 
ATOM 1254 H HG21 . VAL A 1 77 ? 3.003   -2.945  -3.578  1.00 1.11 ? 77 VAL A HG21 1 
ATOM 1255 H HG22 . VAL A 1 77 ? 2.623   -1.457  -2.711  1.00 1.00 ? 77 VAL A HG22 1 
ATOM 1256 H HG23 . VAL A 1 77 ? 3.687   -1.410  -4.117  1.00 1.02 ? 77 VAL A HG23 1 
ATOM 1257 N N    . SER A 1 78 ? 2.886   -5.122  -1.481  1.00 0.32 ? 78 SER A N    1 
ATOM 1258 C CA   . SER A 1 78 ? 2.665   -6.525  -1.939  1.00 0.34 ? 78 SER A CA   1 
ATOM 1259 C C    . SER A 1 78 ? 1.387   -6.591  -2.778  1.00 0.38 ? 78 SER A C    1 
ATOM 1260 O O    . SER A 1 78 ? 0.631   -5.643  -2.849  1.00 0.67 ? 78 SER A O    1 
ATOM 1261 C CB   . SER A 1 78 ? 2.524   -7.440  -0.722  1.00 0.53 ? 78 SER A CB   1 
ATOM 1262 O OG   . SER A 1 78 ? 3.668   -8.278  -0.630  1.00 1.35 ? 78 SER A OG   1 
ATOM 1263 H H    . SER A 1 78 ? 2.159   -4.626  -1.045  1.00 0.44 ? 78 SER A H    1 
ATOM 1264 H HA   . SER A 1 78 ? 3.505   -6.846  -2.536  1.00 0.32 ? 78 SER A HA   1 
ATOM 1265 H HB2  . SER A 1 78 ? 2.448   -6.845  0.172   1.00 1.06 ? 78 SER A HB2  1 
ATOM 1266 H HB3  . SER A 1 78 ? 1.631   -8.042  -0.828  1.00 1.16 ? 78 SER A HB3  1 
ATOM 1267 H HG   . SER A 1 78 ? 4.115   -8.080  0.196   1.00 1.69 ? 78 SER A HG   1 
ATOM 1268 N N    . TYR A 1 79 ? 1.142   -7.703  -3.417  1.00 0.31 ? 79 TYR A N    1 
ATOM 1269 C CA   . TYR A 1 79 ? -0.087  -7.835  -4.252  1.00 0.37 ? 79 TYR A CA   1 
ATOM 1270 C C    . TYR A 1 79 ? -1.278  -8.219  -3.367  1.00 0.53 ? 79 TYR A C    1 
ATOM 1271 O O    . TYR A 1 79 ? -2.057  -9.089  -3.700  1.00 1.29 ? 79 TYR A O    1 
ATOM 1272 C CB   . TYR A 1 79 ? 0.126   -8.920  -5.311  1.00 0.42 ? 79 TYR A CB   1 
ATOM 1273 C CG   . TYR A 1 79 ? 1.530   -8.833  -5.861  1.00 0.37 ? 79 TYR A CG   1 
ATOM 1274 C CD1  . TYR A 1 79 ? 2.569   -9.548  -5.250  1.00 1.23 ? 79 TYR A CD1  1 
ATOM 1275 C CD2  . TYR A 1 79 ? 1.795   -8.044  -6.986  1.00 1.27 ? 79 TYR A CD2  1 
ATOM 1276 C CE1  . TYR A 1 79 ? 3.869   -9.473  -5.764  1.00 1.28 ? 79 TYR A CE1  1 
ATOM 1277 C CE2  . TYR A 1 79 ? 3.095   -7.969  -7.500  1.00 1.29 ? 79 TYR A CE2  1 
ATOM 1278 C CZ   . TYR A 1 79 ? 4.132   -8.683  -6.890  1.00 0.55 ? 79 TYR A CZ   1 
ATOM 1279 O OH   . TYR A 1 79 ? 5.413   -8.608  -7.397  1.00 0.71 ? 79 TYR A OH   1 
ATOM 1280 H H    . TYR A 1 79 ? 1.767   -8.450  -3.351  1.00 0.47 ? 79 TYR A H    1 
ATOM 1281 H HA   . TYR A 1 79 ? -0.292  -6.897  -4.739  1.00 0.39 ? 79 TYR A HA   1 
ATOM 1282 H HB2  . TYR A 1 79 ? -0.027  -9.891  -4.865  1.00 0.50 ? 79 TYR A HB2  1 
ATOM 1283 H HB3  . TYR A 1 79 ? -0.581  -8.776  -6.112  1.00 0.52 ? 79 TYR A HB3  1 
ATOM 1284 H HD1  . TYR A 1 79 ? 2.366   -10.158 -4.383  1.00 2.11 ? 79 TYR A HD1  1 
ATOM 1285 H HD2  . TYR A 1 79 ? 0.995   -7.491  -7.458  1.00 2.17 ? 79 TYR A HD2  1 
ATOM 1286 H HE1  . TYR A 1 79 ? 4.669   -10.023 -5.292  1.00 2.17 ? 79 TYR A HE1  1 
ATOM 1287 H HE2  . TYR A 1 79 ? 3.298   -7.358  -8.368  1.00 2.17 ? 79 TYR A HE2  1 
ATOM 1288 H HH   . TYR A 1 79 ? 5.640   -9.468  -7.756  1.00 1.34 ? 79 TYR A HH   1 
ATOM 1289 N N    . ALA A 1 80 ? -1.426  -7.572  -2.243  1.00 0.52 ? 80 ALA A N    1 
ATOM 1290 C CA   . ALA A 1 80 ? -2.564  -7.885  -1.334  1.00 0.50 ? 80 ALA A CA   1 
ATOM 1291 C C    . ALA A 1 80 ? -2.575  -9.380  -1.002  1.00 0.74 ? 80 ALA A C    1 
ATOM 1292 O O    . ALA A 1 80 ? -3.453  -10.111 -1.417  1.00 0.94 ? 80 ALA A O    1 
ATOM 1293 C CB   . ALA A 1 80 ? -3.883  -7.504  -2.009  1.00 0.60 ? 80 ALA A CB   1 
ATOM 1294 H H    . ALA A 1 80 ? -0.790  -6.873  -1.998  1.00 1.09 ? 80 ALA A H    1 
ATOM 1295 H HA   . ALA A 1 80 ? -2.456  -7.319  -0.421  1.00 0.52 ? 80 ALA A HA   1 
ATOM 1296 H HB1  . ALA A 1 80 ? -3.805  -7.671  -3.073  1.00 1.20 ? 80 ALA A HB1  1 
ATOM 1297 H HB2  . ALA A 1 80 ? -4.682  -8.110  -1.608  1.00 1.23 ? 80 ALA A HB2  1 
ATOM 1298 H HB3  . ALA A 1 80 ? -4.094  -6.461  -1.823  1.00 1.19 ? 80 ALA A HB3  1 
ATOM 1299 N N    . ARG A 1 81 ? -1.616  -9.837  -0.243  1.00 0.97 ? 81 ARG A N    1 
ATOM 1300 C CA   . ARG A 1 81 ? -1.584  -11.279 0.127   1.00 1.29 ? 81 ARG A CA   1 
ATOM 1301 C C    . ARG A 1 81 ? -0.831  -11.458 1.451   1.00 1.84 ? 81 ARG A C    1 
ATOM 1302 O O    . ARG A 1 81 ? 0.123   -12.205 1.522   1.00 2.55 ? 81 ARG A O    1 
ATOM 1303 C CB   . ARG A 1 81 ? -0.879  -12.068 -0.974  1.00 1.56 ? 81 ARG A CB   1 
ATOM 1304 C CG   . ARG A 1 81 ? 0.537   -11.523 -1.170  1.00 2.01 ? 81 ARG A CG   1 
ATOM 1305 C CD   . ARG A 1 81 ? 1.372   -12.540 -1.952  1.00 2.71 ? 81 ARG A CD   1 
ATOM 1306 N NE   . ARG A 1 81 ? 2.579   -12.909 -1.159  1.00 3.16 ? 81 ARG A NE   1 
ATOM 1307 C CZ   . ARG A 1 81 ? 3.413   -13.805 -1.615  1.00 3.82 ? 81 ARG A CZ   1 
ATOM 1308 N NH1  . ARG A 1 81 ? 4.327   -13.465 -2.484  1.00 4.38 ? 81 ARG A NH1  1 
ATOM 1309 N NH2  . ARG A 1 81 ? 3.334   -15.041 -1.202  1.00 4.34 ? 81 ARG A NH2  1 
ATOM 1310 H H    . ARG A 1 81 ? -0.924  -9.229  0.090   1.00 1.06 ? 81 ARG A H    1 
ATOM 1311 H HA   . ARG A 1 81 ? -2.595  -11.643 0.238   1.00 1.40 ? 81 ARG A HA   1 
ATOM 1312 H HB2  . ARG A 1 81 ? -0.831  -13.111 -0.695  1.00 1.81 ? 81 ARG A HB2  1 
ATOM 1313 H HB3  . ARG A 1 81 ? -1.433  -11.965 -1.891  1.00 1.61 ? 81 ARG A HB3  1 
ATOM 1314 H HG2  . ARG A 1 81 ? 0.492   -10.594 -1.719  1.00 2.07 ? 81 ARG A HG2  1 
ATOM 1315 H HG3  . ARG A 1 81 ? 0.994   -11.351 -0.206  1.00 2.29 ? 81 ARG A HG3  1 
ATOM 1316 H HD2  . ARG A 1 81 ? 0.781   -13.423 -2.140  1.00 3.08 ? 81 ARG A HD2  1 
ATOM 1317 H HD3  . ARG A 1 81 ? 1.679   -12.105 -2.892  1.00 3.10 ? 81 ARG A HD3  1 
ATOM 1318 H HE   . ARG A 1 81 ? 2.747   -12.479 -0.294  1.00 3.34 ? 81 ARG A HE   1 
ATOM 1319 H HH11 . ARG A 1 81 ? 4.388   -12.518 -2.800  1.00 4.37 ? 81 ARG A HH11 1 
ATOM 1320 H HH12 . ARG A 1 81 ? 4.964   -14.151 -2.833  1.00 5.05 ? 81 ARG A HH12 1 
ATOM 1321 H HH21 . ARG A 1 81 ? 2.635   -15.302 -0.537  1.00 4.33 ? 81 ARG A HH21 1 
ATOM 1322 H HH22 . ARG A 1 81 ? 3.972   -15.727 -1.553  1.00 5.00 ? 81 ARG A HH22 1 
ATOM 1323 N N    . PRO A 1 82 ? -1.288  -10.761 2.463   1.00 1.74 ? 82 PRO A N    1 
ATOM 1324 C CA   . PRO A 1 82 ? -0.680  -10.818 3.807   1.00 2.42 ? 82 PRO A CA   1 
ATOM 1325 C C    . PRO A 1 82 ? -1.121  -12.086 4.548   1.00 3.03 ? 82 PRO A C    1 
ATOM 1326 O O    . PRO A 1 82 ? -2.088  -12.726 4.185   1.00 3.12 ? 82 PRO A O    1 
ATOM 1327 C CB   . PRO A 1 82 ? -1.237  -9.574  4.504   1.00 2.22 ? 82 PRO A CB   1 
ATOM 1328 C CG   . PRO A 1 82 ? -2.543  -9.207  3.759   1.00 1.70 ? 82 PRO A CG   1 
ATOM 1329 C CD   . PRO A 1 82 ? -2.449  -9.851  2.364   1.00 1.34 ? 82 PRO A CD   1 
ATOM 1330 H HA   . PRO A 1 82 ? 0.393   -10.760 3.748   1.00 2.89 ? 82 PRO A HA   1 
ATOM 1331 H HB2  . PRO A 1 82 ? -1.447  -9.793  5.542   1.00 2.58 ? 82 PRO A HB2  1 
ATOM 1332 H HB3  . PRO A 1 82 ? -0.534  -8.759  4.429   1.00 2.44 ? 82 PRO A HB3  1 
ATOM 1333 H HG2  . PRO A 1 82 ? -3.396  -9.600  4.295   1.00 2.02 ? 82 PRO A HG2  1 
ATOM 1334 H HG3  . PRO A 1 82 ? -2.626  -8.136  3.661   1.00 1.79 ? 82 PRO A HG3  1 
ATOM 1335 H HD2  . PRO A 1 82 ? -3.349  -10.405 2.138   1.00 1.56 ? 82 PRO A HD2  1 
ATOM 1336 H HD3  . PRO A 1 82 ? -2.268  -9.096  1.618   1.00 1.28 ? 82 PRO A HD3  1 
ATOM 1337 N N    . GLY A 1 83 ? -0.426  -12.441 5.593   1.00 3.80 ? 83 GLY A N    1 
ATOM 1338 C CA   . GLY A 1 83 ? -0.806  -13.654 6.373   1.00 4.58 ? 83 GLY A CA   1 
ATOM 1339 C C    . GLY A 1 83 ? -1.051  -14.834 5.427   1.00 4.81 ? 83 GLY A C    1 
ATOM 1340 O O    . GLY A 1 83 ? -2.119  -15.411 5.409   1.00 5.30 ? 83 GLY A O    1 
ATOM 1341 H H    . GLY A 1 83 ? 0.344   -11.903 5.873   1.00 4.02 ? 83 GLY A H    1 
ATOM 1342 H HA2  . GLY A 1 83 ? -0.010  -13.903 7.059   1.00 5.06 ? 83 GLY A HA2  1 
ATOM 1343 H HA3  . GLY A 1 83 ? -1.709  -13.453 6.929   1.00 4.88 ? 83 GLY A HA3  1 
ATOM 1344 N N    . GLY A 1 84 ? -0.071  -15.205 4.651   1.00 4.83 ? 84 GLY A N    1 
ATOM 1345 C CA   . GLY A 1 84 ? -0.257  -16.354 3.719   1.00 5.62 ? 84 GLY A CA   1 
ATOM 1346 C C    . GLY A 1 84 ? -1.411  -16.055 2.760   1.00 5.32 ? 84 GLY A C    1 
ATOM 1347 O O    . GLY A 1 84 ? -2.370  -16.797 2.677   1.00 5.78 ? 84 GLY A O    1 
ATOM 1348 H H    . GLY A 1 84 ? 0.787   -14.734 4.683   1.00 4.57 ? 84 GLY A H    1 
ATOM 1349 H HA2  . GLY A 1 84 ? 0.652   -16.514 3.157   1.00 6.24 ? 84 GLY A HA2  1 
ATOM 1350 H HA3  . GLY A 1 84 ? -0.490  -17.242 4.287   1.00 6.13 ? 84 GLY A HA3  1 
ATOM 1351 N N    . GLU A 1 85 ? -1.323  -14.978 2.028   1.00 4.97 ? 85 GLU A N    1 
ATOM 1352 C CA   . GLU A 1 85 ? -2.414  -14.634 1.070   1.00 5.19 ? 85 GLU A CA   1 
ATOM 1353 C C    . GLU A 1 85 ? -3.776  -14.808 1.747   1.00 4.83 ? 85 GLU A C    1 
ATOM 1354 O O    . GLU A 1 85 ? -4.325  -15.890 1.786   1.00 5.15 ? 85 GLU A O    1 
ATOM 1355 C CB   . GLU A 1 85 ? -2.332  -15.560 -0.146  1.00 6.22 ? 85 GLU A CB   1 
ATOM 1356 C CG   . GLU A 1 85 ? -3.563  -15.347 -1.032  1.00 7.00 ? 85 GLU A CG   1 
ATOM 1357 C CD   . GLU A 1 85 ? -4.512  -16.542 -0.894  1.00 7.93 ? 85 GLU A CD   1 
ATOM 1358 O OE1  . GLU A 1 85 ? -4.106  -17.534 -0.311  1.00 8.18 ? 85 GLU A OE1  1 
ATOM 1359 O OE2  . GLU A 1 85 ? -5.631  -16.442 -1.371  1.00 8.59 ? 85 GLU A OE2  1 
ATOM 1360 H H    . GLU A 1 85 ? -0.539  -14.396 2.107   1.00 4.89 ? 85 GLU A H    1 
ATOM 1361 H HA   . GLU A 1 85 ? -2.298  -13.610 0.748   1.00 5.29 ? 85 GLU A HA   1 
ATOM 1362 H HB2  . GLU A 1 85 ? -1.438  -15.335 -0.709  1.00 6.45 ? 85 GLU A HB2  1 
ATOM 1363 H HB3  . GLU A 1 85 ? -2.300  -16.587 0.186   1.00 6.48 ? 85 GLU A HB3  1 
ATOM 1364 H HG2  . GLU A 1 85 ? -4.073  -14.445 -0.728  1.00 7.04 ? 85 GLU A HG2  1 
ATOM 1365 H HG3  . GLU A 1 85 ? -3.253  -15.254 -2.062  1.00 7.15 ? 85 GLU A HG3  1 
ATOM 1366 N N    . SER A 1 86 ? -4.329  -13.747 2.275   1.00 4.55 ? 86 SER A N    1 
ATOM 1367 C CA   . SER A 1 86 ? -5.660  -13.843 2.945   1.00 4.79 ? 86 SER A CA   1 
ATOM 1368 C C    . SER A 1 86 ? -5.732  -15.126 3.778   1.00 4.88 ? 86 SER A C    1 
ATOM 1369 O O    . SER A 1 86 ? -6.724  -15.828 3.768   1.00 5.21 ? 86 SER A O    1 
ATOM 1370 C CB   . SER A 1 86 ? -6.764  -13.862 1.888   1.00 5.35 ? 86 SER A CB   1 
ATOM 1371 O OG   . SER A 1 86 ? -6.900  -12.564 1.325   1.00 5.72 ? 86 SER A OG   1 
ATOM 1372 H H    . SER A 1 86 ? -3.869  -12.882 2.225   1.00 4.49 ? 86 SER A H    1 
ATOM 1373 H HA   . SER A 1 86 ? -5.798  -12.989 3.591   1.00 4.95 ? 86 SER A HA   1 
ATOM 1374 H HB2  . SER A 1 86 ? -6.507  -14.561 1.109   1.00 5.62 ? 86 SER A HB2  1 
ATOM 1375 H HB3  . SER A 1 86 ? -7.696  -14.166 2.348   1.00 5.60 ? 86 SER A HB3  1 
ATOM 1376 H HG   . SER A 1 86 ? -7.319  -12.655 0.466   1.00 5.99 ? 86 SER A HG   1 
ATOM 1377 N N    . ILE A 1 87 ? -4.692  -15.434 4.499   1.00 4.93 ? 87 ILE A N    1 
ATOM 1378 C CA   . ILE A 1 87 ? -4.698  -16.671 5.333   1.00 5.23 ? 87 ILE A CA   1 
ATOM 1379 C C    . ILE A 1 87 ? -4.456  -17.890 4.434   1.00 5.27 ? 87 ILE A C    1 
ATOM 1380 O O    . ILE A 1 87 ? -4.943  -17.958 3.323   1.00 5.32 ? 87 ILE A O    1 
ATOM 1381 C CB   . ILE A 1 87 ? -6.053  -16.781 6.068   1.00 5.69 ? 87 ILE A CB   1 
ATOM 1382 C CG1  . ILE A 1 87 ? -5.804  -17.201 7.519   1.00 6.05 ? 87 ILE A CG1  1 
ATOM 1383 C CG2  . ILE A 1 87 ? -6.976  -17.809 5.396   1.00 6.24 ? 87 ILE A CG2  1 
ATOM 1384 C CD1  . ILE A 1 87 ? -5.165  -18.591 7.550   1.00 6.36 ? 87 ILE A CD1  1 
ATOM 1385 H H    . ILE A 1 87 ? -3.904  -14.853 4.492   1.00 5.01 ? 87 ILE A H    1 
ATOM 1386 H HA   . ILE A 1 87 ? -3.903  -16.607 6.062   1.00 5.51 ? 87 ILE A HA   1 
ATOM 1387 H HB   . ILE A 1 87 ? -6.537  -15.815 6.059   1.00 5.83 ? 87 ILE A HB   1 
ATOM 1388 H HG12 . ILE A 1 87 ? -5.143  -16.490 7.991   1.00 6.29 ? 87 ILE A HG12 1 
ATOM 1389 H HG13 . ILE A 1 87 ? -6.743  -17.227 8.052   1.00 6.24 ? 87 ILE A HG13 1 
ATOM 1390 H HG21 . ILE A 1 87 ? -6.780  -17.835 4.334   1.00 6.36 ? 87 ILE A HG21 1 
ATOM 1391 H HG22 . ILE A 1 87 ? -6.794  -18.787 5.818   1.00 6.51 ? 87 ILE A HG22 1 
ATOM 1392 H HG23 . ILE A 1 87 ? -8.006  -17.533 5.564   1.00 6.59 ? 87 ILE A HG23 1 
ATOM 1393 H HD11 . ILE A 1 87 ? -5.296  -19.070 6.591   1.00 6.73 ? 87 ILE A HD11 1 
ATOM 1394 H HD12 . ILE A 1 87 ? -4.111  -18.498 7.765   1.00 6.36 ? 87 ILE A HD12 1 
ATOM 1395 H HD13 . ILE A 1 87 ? -5.637  -19.188 8.317   1.00 6.56 ? 87 ILE A HD13 1 
ATOM 1396 N N    . LYS A 1 88 ? -3.713  -18.854 4.907   1.00 5.70 ? 88 LYS A N    1 
ATOM 1397 C CA   . LYS A 1 88 ? -3.449  -20.065 4.080   1.00 6.24 ? 88 LYS A CA   1 
ATOM 1398 C C    . LYS A 1 88 ? -2.529  -21.018 4.847   1.00 6.61 ? 88 LYS A C    1 
ATOM 1399 O O    . LYS A 1 88 ? -1.911  -20.574 5.800   1.00 6.75 ? 88 LYS A O    1 
ATOM 1400 C CB   . LYS A 1 88 ? -2.786  -19.654 2.758   1.00 6.57 ? 88 LYS A CB   1 
ATOM 1401 C CG   . LYS A 1 88 ? -1.315  -19.303 2.998   1.00 7.20 ? 88 LYS A CG   1 
ATOM 1402 C CD   . LYS A 1 88 ? -0.430  -20.475 2.564   1.00 7.66 ? 88 LYS A CD   1 
ATOM 1403 C CE   . LYS A 1 88 ? -0.532  -20.669 1.047   1.00 8.33 ? 88 LYS A CE   1 
ATOM 1404 N NZ   . LYS A 1 88 ? 0.100   -21.967 0.671   1.00 8.78 ? 88 LYS A NZ   1 
ATOM 1405 O OXT  . LYS A 1 88 ? -2.460  -22.176 4.469   1.00 7.07 ? 88 LYS A OXT  1 
ATOM 1406 H H    . LYS A 1 88 ? -3.333  -18.782 5.808   1.00 5.95 ? 88 LYS A H    1 
ATOM 1407 H HA   . LYS A 1 88 ? -4.384  -20.563 3.870   1.00 6.53 ? 88 LYS A HA   1 
ATOM 1408 H HB2  . LYS A 1 88 ? -2.851  -20.473 2.058   1.00 6.64 ? 88 LYS A HB2  1 
ATOM 1409 H HB3  . LYS A 1 88 ? -3.296  -18.795 2.352   1.00 6.65 ? 88 LYS A HB3  1 
ATOM 1410 H HG2  . LYS A 1 88 ? -1.058  -18.423 2.427   1.00 7.25 ? 88 LYS A HG2  1 
ATOM 1411 H HG3  . LYS A 1 88 ? -1.160  -19.108 4.049   1.00 7.58 ? 88 LYS A HG3  1 
ATOM 1412 H HD2  . LYS A 1 88 ? 0.596   -20.267 2.830   1.00 7.84 ? 88 LYS A HD2  1 
ATOM 1413 H HD3  . LYS A 1 88 ? -0.755  -21.375 3.063   1.00 7.64 ? 88 LYS A HD3  1 
ATOM 1414 H HE2  . LYS A 1 88 ? -1.571  -20.677 0.752   1.00 8.59 ? 88 LYS A HE2  1 
ATOM 1415 H HE3  . LYS A 1 88 ? -0.021  -19.862 0.544   1.00 8.51 ? 88 LYS A HE3  1 
ATOM 1416 H HZ1  . LYS A 1 88 ? -0.246  -22.717 1.303   1.00 8.99 ? 88 LYS A HZ1  1 
ATOM 1417 H HZ2  . LYS A 1 88 ? -0.148  -22.202 -0.311  1.00 9.03 ? 88 LYS A HZ2  1 
ATOM 1418 H HZ3  . LYS A 1 88 ? 1.133   -21.886 0.760   1.00 8.89 ? 88 LYS A HZ3  1 
# 
